data_6JHD
#
_entry.id   6JHD
#
_entity_poly.entity_id   1
_entity_poly.type   'polypeptide(L)'
_entity_poly.pdbx_seq_one_letter_code
;CDLPQTHSLGNRRALILLAQMRRISPFSCLKDRHDFEFPQEEFDDKQFQKAQAISVLHEMIQQTFNLFSTKDSSAALDET
LLDEFYIELDQQLNDLESCVMQEVGVIESPLMYEDSILAVRKYFQRITLYLTEKKYSSCAWEVVRAEIMRSFSLSINLQK
RLKSKE
;
_entity_poly.pdbx_strand_id   A
#
# COMPACT_ATOMS: atom_id res chain seq x y z
N CYS A 1 10.85 16.45 4.60
CA CYS A 1 10.97 16.65 3.13
C CYS A 1 10.14 17.85 2.67
N ASP A 2 10.26 18.18 1.39
CA ASP A 2 9.52 19.30 0.82
C ASP A 2 8.03 19.00 0.78
N LEU A 3 7.24 19.81 1.49
CA LEU A 3 5.80 19.63 1.54
C LEU A 3 5.14 20.11 0.25
N PRO A 4 4.11 19.40 -0.23
CA PRO A 4 3.39 19.76 -1.45
C PRO A 4 2.50 20.98 -1.28
N GLN A 5 1.75 21.00 -0.18
CA GLN A 5 0.85 22.12 0.11
C GLN A 5 0.12 21.89 1.44
N THR A 6 0.79 22.22 2.53
CA THR A 6 0.21 22.06 3.86
C THR A 6 -0.16 20.60 4.12
N HIS A 7 -0.77 20.34 5.27
CA HIS A 7 -1.16 18.99 5.64
C HIS A 7 -2.63 18.73 5.27
N SER A 8 -2.86 17.61 4.58
CA SER A 8 -4.21 17.25 4.16
C SER A 8 -4.61 15.89 4.72
N LEU A 9 -5.91 15.62 4.73
CA LEU A 9 -6.41 14.35 5.24
C LEU A 9 -6.05 13.20 4.31
N GLY A 10 -6.75 13.12 3.18
CA GLY A 10 -6.49 12.07 2.22
C GLY A 10 -5.40 12.43 1.24
N ASN A 11 -5.15 11.56 0.28
CA ASN A 11 -4.11 11.79 -0.73
C ASN A 11 -4.72 12.12 -2.08
N ARG A 12 -5.96 11.66 -2.29
CA ARG A 12 -6.65 11.89 -3.55
C ARG A 12 -5.88 11.30 -4.73
N ARG A 13 -4.99 10.35 -4.43
CA ARG A 13 -4.19 9.71 -5.47
C ARG A 13 -4.30 8.19 -5.37
N ALA A 14 -4.92 7.58 -6.38
CA ALA A 14 -5.11 6.13 -6.42
C ALA A 14 -6.30 5.69 -5.57
N LEU A 15 -6.90 6.63 -4.85
CA LEU A 15 -8.05 6.33 -4.00
C LEU A 15 -9.30 6.10 -4.85
N ILE A 16 -9.37 6.79 -5.98
CA ILE A 16 -10.50 6.67 -6.88
C ILE A 16 -10.56 5.29 -7.52
N LEU A 17 -9.46 4.87 -8.12
CA LEU A 17 -9.38 3.57 -8.78
C LEU A 17 -9.65 2.45 -7.77
N LEU A 18 -9.23 2.65 -6.53
CA LEU A 18 -9.44 1.66 -5.48
C LEU A 18 -10.93 1.50 -5.18
N ALA A 19 -11.66 2.60 -5.25
CA ALA A 19 -13.10 2.60 -5.01
C ALA A 19 -13.83 1.74 -6.03
N GLN A 20 -13.29 1.70 -7.25
CA GLN A 20 -13.91 0.93 -8.34
C GLN A 20 -13.98 -0.55 -7.99
N MET A 21 -13.16 -0.98 -7.03
CA MET A 21 -13.14 -2.38 -6.62
C MET A 21 -14.02 -2.60 -5.37
N ARG A 22 -14.92 -1.66 -5.12
CA ARG A 22 -15.81 -1.75 -3.96
C ARG A 22 -17.22 -2.17 -4.37
N ARG A 23 -17.50 -2.11 -5.67
CA ARG A 23 -18.82 -2.48 -6.19
C ARG A 23 -19.08 -3.98 -6.08
N ILE A 24 -18.04 -4.74 -5.73
CA ILE A 24 -18.18 -6.20 -5.60
C ILE A 24 -19.33 -6.55 -4.66
N SER A 25 -19.80 -7.80 -4.75
CA SER A 25 -20.89 -8.26 -3.90
C SER A 25 -20.34 -8.89 -2.61
N PRO A 26 -20.95 -8.55 -1.46
CA PRO A 26 -20.53 -9.08 -0.16
C PRO A 26 -20.70 -10.60 -0.07
N PHE A 27 -21.51 -11.15 -0.98
CA PHE A 27 -21.76 -12.58 -1.00
C PHE A 27 -20.64 -13.34 -1.70
N SER A 28 -19.63 -12.62 -2.19
CA SER A 28 -18.50 -13.24 -2.88
C SER A 28 -17.67 -14.08 -1.92
N CYS A 29 -17.43 -13.55 -0.72
CA CYS A 29 -16.64 -14.25 0.28
C CYS A 29 -16.91 -13.69 1.67
N LEU A 30 -16.58 -14.47 2.70
CA LEU A 30 -16.78 -14.05 4.08
C LEU A 30 -15.54 -14.31 4.92
N LYS A 31 -15.18 -15.58 5.04
CA LYS A 31 -14.00 -15.97 5.83
C LYS A 31 -12.71 -15.63 5.10
N ASP A 32 -12.81 -15.18 3.85
CA ASP A 32 -11.64 -14.82 3.06
C ASP A 32 -11.33 -13.33 3.18
N ARG A 33 -11.70 -12.74 4.31
CA ARG A 33 -11.47 -11.31 4.55
C ARG A 33 -10.33 -11.10 5.54
N HIS A 34 -9.12 -10.95 5.03
CA HIS A 34 -7.95 -10.73 5.87
C HIS A 34 -7.15 -9.52 5.38
N ASP A 35 -6.15 -9.12 6.15
CA ASP A 35 -5.33 -7.96 5.79
C ASP A 35 -3.85 -8.34 5.68
N PHE A 36 -3.43 -8.76 4.50
CA PHE A 36 -2.03 -9.12 4.26
C PHE A 36 -1.34 -8.09 3.37
N GLU A 37 -2.09 -7.07 2.94
CA GLU A 37 -1.55 -6.03 2.07
C GLU A 37 -0.72 -5.02 2.84
N PHE A 38 -1.37 -4.26 3.73
CA PHE A 38 -0.67 -3.23 4.49
C PHE A 38 -0.19 -3.76 5.83
N PRO A 39 1.13 -3.91 6.03
CA PRO A 39 1.63 -4.41 7.30
C PRO A 39 1.38 -3.37 8.39
N GLN A 40 0.37 -3.61 9.20
CA GLN A 40 0.01 -2.69 10.27
C GLN A 40 1.13 -2.60 11.31
N GLU A 41 1.92 -3.66 11.44
CA GLU A 41 3.01 -3.65 12.40
C GLU A 41 3.90 -2.44 12.17
N GLU A 42 4.14 -2.15 10.91
CA GLU A 42 4.96 -1.00 10.53
C GLU A 42 4.08 0.25 10.42
N PHE A 43 2.80 0.05 10.11
CA PHE A 43 1.86 1.17 9.97
C PHE A 43 1.17 1.52 11.27
N ASP A 44 1.53 0.84 12.35
CA ASP A 44 0.94 1.11 13.66
C ASP A 44 1.62 2.29 14.34
N ASP A 45 0.97 2.85 15.34
CA ASP A 45 1.50 4.01 16.07
C ASP A 45 2.57 3.59 17.09
N LYS A 46 2.86 2.30 17.16
CA LYS A 46 3.87 1.80 18.10
C LYS A 46 5.21 2.49 17.87
N GLN A 47 5.48 2.85 16.62
CA GLN A 47 6.72 3.52 16.25
C GLN A 47 6.66 3.97 14.80
N PHE A 48 5.75 4.89 14.53
CA PHE A 48 5.56 5.40 13.16
C PHE A 48 5.64 6.93 13.13
N GLN A 49 6.34 7.46 12.12
CA GLN A 49 6.50 8.90 11.97
C GLN A 49 6.45 9.29 10.49
N LYS A 50 6.65 10.56 10.22
CA LYS A 50 6.63 11.07 8.85
C LYS A 50 7.74 10.43 8.01
N ALA A 51 8.98 10.69 8.38
CA ALA A 51 10.13 10.14 7.65
C ALA A 51 10.08 8.62 7.62
N GLN A 52 9.80 8.01 8.78
CA GLN A 52 9.73 6.56 8.87
C GLN A 52 8.71 6.01 7.88
N ALA A 53 7.58 6.70 7.75
CA ALA A 53 6.52 6.29 6.84
C ALA A 53 7.06 6.16 5.42
N ILE A 54 7.90 7.11 5.03
CA ILE A 54 8.49 7.11 3.70
C ILE A 54 9.21 5.79 3.43
N SER A 55 9.78 5.22 4.48
CA SER A 55 10.50 3.95 4.37
C SER A 55 9.56 2.81 4.04
N VAL A 56 8.51 2.64 4.85
CA VAL A 56 7.54 1.57 4.64
C VAL A 56 6.66 1.86 3.42
N LEU A 57 6.14 3.08 3.36
CA LEU A 57 5.26 3.47 2.25
C LEU A 57 5.91 3.20 0.90
N HIS A 58 7.19 3.56 0.77
CA HIS A 58 7.91 3.37 -0.48
C HIS A 58 7.90 1.90 -0.89
N GLU A 59 8.24 1.02 0.04
CA GLU A 59 8.26 -0.41 -0.24
C GLU A 59 6.86 -0.94 -0.50
N MET A 60 5.89 -0.41 0.23
CA MET A 60 4.50 -0.83 0.09
C MET A 60 3.98 -0.51 -1.32
N ILE A 61 4.22 0.71 -1.77
CA ILE A 61 3.78 1.15 -3.09
C ILE A 61 4.57 0.45 -4.20
N GLN A 62 5.89 0.43 -4.05
CA GLN A 62 6.77 -0.21 -5.03
C GLN A 62 6.35 -1.65 -5.27
N GLN A 63 5.92 -2.33 -4.21
CA GLN A 63 5.49 -3.72 -4.32
C GLN A 63 4.19 -3.83 -5.10
N THR A 64 3.25 -2.94 -4.82
CA THR A 64 1.95 -2.94 -5.49
C THR A 64 2.14 -2.75 -7.01
N PHE A 65 3.09 -1.91 -7.38
CA PHE A 65 3.37 -1.64 -8.78
C PHE A 65 3.81 -2.91 -9.50
N ASN A 66 4.55 -3.76 -8.78
CA ASN A 66 5.04 -5.01 -9.35
C ASN A 66 3.93 -6.05 -9.42
N LEU A 67 2.97 -5.95 -8.50
CA LEU A 67 1.85 -6.90 -8.46
C LEU A 67 1.08 -6.91 -9.78
N PHE A 68 0.58 -5.76 -10.19
CA PHE A 68 -0.19 -5.65 -11.43
C PHE A 68 0.73 -5.64 -12.65
N SER A 69 1.80 -4.86 -12.56
CA SER A 69 2.76 -4.75 -13.67
C SER A 69 3.34 -6.09 -14.08
N THR A 70 3.24 -7.10 -13.20
CA THR A 70 3.77 -8.42 -13.51
C THR A 70 2.89 -9.16 -14.51
N LYS A 71 1.75 -8.57 -14.86
CA LYS A 71 0.80 -9.18 -15.81
C LYS A 71 -0.19 -10.10 -15.09
N ASP A 72 0.26 -10.75 -14.02
CA ASP A 72 -0.59 -11.66 -13.27
C ASP A 72 -1.85 -10.95 -12.76
N SER A 73 -1.66 -10.04 -11.80
CA SER A 73 -2.76 -9.29 -11.23
C SER A 73 -3.33 -8.29 -12.25
N SER A 74 -2.49 -7.85 -13.18
CA SER A 74 -2.92 -6.90 -14.21
C SER A 74 -4.12 -7.44 -14.98
N ALA A 75 -4.08 -8.72 -15.31
CA ALA A 75 -5.16 -9.35 -16.05
C ALA A 75 -6.43 -9.42 -15.22
N ALA A 76 -6.29 -9.22 -13.91
CA ALA A 76 -7.43 -9.26 -13.00
C ALA A 76 -8.25 -7.97 -13.08
N LEU A 77 -7.56 -6.85 -13.30
CA LEU A 77 -8.24 -5.56 -13.39
C LEU A 77 -8.29 -5.09 -14.85
N ASP A 78 -9.31 -4.29 -15.17
CA ASP A 78 -9.47 -3.77 -16.52
C ASP A 78 -8.21 -3.03 -16.96
N GLU A 79 -7.84 -3.20 -18.23
CA GLU A 79 -6.64 -2.56 -18.76
C GLU A 79 -6.68 -1.05 -18.53
N THR A 80 -7.89 -0.49 -18.51
CA THR A 80 -8.06 0.95 -18.30
C THR A 80 -7.78 1.33 -16.85
N LEU A 81 -8.42 0.60 -15.92
CA LEU A 81 -8.23 0.85 -14.51
C LEU A 81 -6.84 0.40 -14.06
N LEU A 82 -6.38 -0.70 -14.65
CA LEU A 82 -5.07 -1.25 -14.34
C LEU A 82 -3.96 -0.34 -14.83
N ASP A 83 -4.06 0.09 -16.09
CA ASP A 83 -3.06 0.97 -16.69
C ASP A 83 -2.92 2.25 -15.88
N GLU A 84 -4.02 2.71 -15.29
CA GLU A 84 -4.00 3.92 -14.48
C GLU A 84 -3.25 3.68 -13.18
N PHE A 85 -3.33 2.45 -12.69
CA PHE A 85 -2.67 2.07 -11.46
C PHE A 85 -1.16 2.27 -11.57
N TYR A 86 -0.60 1.94 -12.73
CA TYR A 86 0.83 2.08 -12.97
C TYR A 86 1.28 3.52 -12.75
N ILE A 87 0.58 4.45 -13.40
CA ILE A 87 0.91 5.87 -13.28
C ILE A 87 0.59 6.41 -11.90
N GLU A 88 -0.47 5.88 -11.30
CA GLU A 88 -0.89 6.31 -9.97
C GLU A 88 0.23 6.12 -8.95
N LEU A 89 0.80 4.92 -8.91
CA LEU A 89 1.88 4.60 -7.98
C LEU A 89 3.11 5.45 -8.26
N ASP A 90 3.35 5.73 -9.54
CA ASP A 90 4.51 6.53 -9.95
C ASP A 90 4.52 7.87 -9.22
N GLN A 91 3.37 8.52 -9.15
CA GLN A 91 3.25 9.81 -8.49
C GLN A 91 3.63 9.69 -7.02
N GLN A 92 3.12 8.66 -6.36
CA GLN A 92 3.40 8.42 -4.94
C GLN A 92 4.83 7.96 -4.75
N LEU A 93 5.34 7.18 -5.69
CA LEU A 93 6.70 6.66 -5.61
C LEU A 93 7.72 7.80 -5.63
N ASN A 94 7.48 8.79 -6.50
CA ASN A 94 8.38 9.92 -6.62
C ASN A 94 8.46 10.70 -5.31
N ASP A 95 7.33 10.80 -4.61
CA ASP A 95 7.27 11.51 -3.34
C ASP A 95 8.24 10.89 -2.32
N LEU A 96 8.25 9.57 -2.27
CA LEU A 96 9.10 8.84 -1.33
C LEU A 96 10.54 8.78 -1.86
N GLU A 97 10.68 8.46 -3.14
CA GLU A 97 12.00 8.37 -3.76
C GLU A 97 12.79 9.67 -3.58
N SER A 98 12.08 10.79 -3.62
CA SER A 98 12.71 12.10 -3.46
C SER A 98 13.35 12.23 -2.08
N CYS A 99 12.67 11.72 -1.07
CA CYS A 99 13.17 11.78 0.30
C CYS A 99 14.45 10.97 0.44
N VAL A 100 14.55 9.88 -0.30
CA VAL A 100 15.73 9.02 -0.26
C VAL A 100 16.99 9.79 -0.64
N MET A 101 16.87 10.62 -1.68
CA MET A 101 17.99 11.42 -2.15
C MET A 101 18.28 12.57 -1.19
N GLN A 102 17.25 13.03 -0.51
CA GLN A 102 17.40 14.13 0.45
C GLN A 102 18.39 13.77 1.55
N GLU A 103 18.62 12.48 1.75
CA GLU A 103 19.55 12.00 2.77
C GLU A 103 19.03 12.32 4.16
N VAL A 104 17.72 12.16 4.35
CA VAL A 104 17.10 12.42 5.64
C VAL A 104 17.71 11.56 6.74
N GLY A 105 18.01 10.31 6.40
CA GLY A 105 18.60 9.40 7.37
C GLY A 105 17.75 8.17 7.62
N VAL A 106 16.43 8.36 7.68
CA VAL A 106 15.51 7.25 7.92
C VAL A 106 15.57 6.23 6.79
N ILE A 107 15.89 6.70 5.59
CA ILE A 107 15.98 5.81 4.44
C ILE A 107 17.44 5.49 4.10
N GLU A 108 18.24 5.27 5.14
CA GLU A 108 19.65 4.95 4.98
C GLU A 108 20.07 3.79 5.87
N SER A 109 19.49 3.74 7.07
CA SER A 109 19.79 2.68 8.02
C SER A 109 19.77 1.30 7.38
N PRO A 110 20.95 0.64 7.27
CA PRO A 110 21.05 -0.70 6.69
C PRO A 110 20.32 -1.74 7.53
N LEU A 111 20.30 -1.52 8.84
CA LEU A 111 19.65 -2.43 9.77
C LEU A 111 18.15 -2.13 9.88
N MET A 112 17.80 -0.84 9.96
CA MET A 112 16.40 -0.46 10.06
C MET A 112 15.63 -0.80 8.79
N TYR A 113 16.37 -0.88 7.68
CA TYR A 113 15.76 -1.21 6.39
C TYR A 113 15.01 -2.54 6.46
N GLU A 114 15.67 -3.55 6.98
CA GLU A 114 15.07 -4.89 7.10
C GLU A 114 13.72 -4.84 7.79
N ASP A 115 13.66 -4.14 8.93
CA ASP A 115 12.42 -4.05 9.70
C ASP A 115 11.30 -3.42 8.87
N SER A 116 11.63 -2.37 8.11
CA SER A 116 10.65 -1.69 7.29
C SER A 116 10.33 -2.49 6.02
N ILE A 117 11.38 -2.94 5.35
CA ILE A 117 11.23 -3.70 4.11
C ILE A 117 10.59 -5.07 4.36
N LEU A 118 11.13 -5.80 5.34
CA LEU A 118 10.61 -7.13 5.66
C LEU A 118 9.13 -7.07 6.01
N ALA A 119 8.74 -6.04 6.75
CA ALA A 119 7.34 -5.88 7.15
C ALA A 119 6.40 -5.90 5.95
N VAL A 120 6.86 -5.33 4.84
CA VAL A 120 6.06 -5.29 3.62
C VAL A 120 6.17 -6.59 2.84
N ARG A 121 7.39 -7.10 2.72
CA ARG A 121 7.63 -8.35 1.98
C ARG A 121 6.91 -9.52 2.65
N LYS A 122 6.97 -9.59 3.97
CA LYS A 122 6.32 -10.67 4.71
C LYS A 122 4.82 -10.69 4.44
N TYR A 123 4.18 -9.53 4.61
CA TYR A 123 2.74 -9.43 4.39
C TYR A 123 2.40 -9.54 2.91
N PHE A 124 3.18 -8.86 2.07
CA PHE A 124 2.97 -8.87 0.64
C PHE A 124 3.10 -10.29 0.09
N GLN A 125 3.93 -11.10 0.74
CA GLN A 125 4.15 -12.48 0.32
C GLN A 125 2.90 -13.33 0.54
N ARG A 126 2.17 -13.03 1.62
CA ARG A 126 0.96 -13.76 1.95
C ARG A 126 -0.08 -13.61 0.84
N ILE A 127 -0.19 -12.40 0.30
CA ILE A 127 -1.15 -12.13 -0.76
C ILE A 127 -0.91 -13.04 -1.97
N THR A 128 0.35 -13.18 -2.37
CA THR A 128 0.71 -14.02 -3.51
C THR A 128 0.29 -15.47 -3.28
N LEU A 129 0.62 -16.00 -2.12
CA LEU A 129 0.27 -17.38 -1.77
C LEU A 129 -1.23 -17.51 -1.49
N TYR A 130 -1.81 -16.48 -0.91
CA TYR A 130 -3.23 -16.47 -0.58
C TYR A 130 -4.09 -16.58 -1.84
N LEU A 131 -3.81 -15.70 -2.81
CA LEU A 131 -4.55 -15.68 -4.06
C LEU A 131 -4.32 -16.97 -4.86
N THR A 132 -3.12 -17.53 -4.74
CA THR A 132 -2.78 -18.76 -5.46
C THR A 132 -3.77 -19.87 -5.13
N GLU A 133 -4.23 -19.90 -3.89
CA GLU A 133 -5.18 -20.92 -3.46
C GLU A 133 -6.54 -20.71 -4.13
N LYS A 134 -6.86 -19.47 -4.45
CA LYS A 134 -8.13 -19.14 -5.09
C LYS A 134 -7.96 -18.94 -6.59
N LYS A 135 -6.72 -18.97 -7.06
CA LYS A 135 -6.43 -18.79 -8.48
C LYS A 135 -6.98 -17.46 -8.99
N TYR A 136 -7.06 -16.49 -8.10
CA TYR A 136 -7.58 -15.17 -8.46
C TYR A 136 -9.03 -15.27 -8.96
N SER A 137 -9.93 -15.64 -8.06
CA SER A 137 -11.34 -15.78 -8.42
C SER A 137 -11.98 -14.42 -8.65
N SER A 138 -12.17 -13.67 -7.57
CA SER A 138 -12.78 -12.34 -7.65
C SER A 138 -12.75 -11.65 -6.30
N CYS A 139 -13.15 -12.38 -5.25
CA CYS A 139 -13.18 -11.84 -3.90
C CYS A 139 -11.77 -11.78 -3.32
N ALA A 140 -10.95 -12.78 -3.65
CA ALA A 140 -9.58 -12.84 -3.16
C ALA A 140 -8.83 -11.56 -3.49
N TRP A 141 -9.03 -11.05 -4.70
CA TRP A 141 -8.38 -9.83 -5.14
C TRP A 141 -9.00 -8.61 -4.47
N GLU A 142 -10.31 -8.68 -4.22
CA GLU A 142 -11.03 -7.59 -3.59
C GLU A 142 -10.56 -7.39 -2.15
N VAL A 143 -10.51 -8.48 -1.39
CA VAL A 143 -10.08 -8.42 0.01
C VAL A 143 -8.69 -7.81 0.10
N VAL A 144 -7.80 -8.22 -0.79
CA VAL A 144 -6.44 -7.71 -0.81
C VAL A 144 -6.41 -6.30 -1.38
N ARG A 145 -7.22 -6.07 -2.42
CA ARG A 145 -7.31 -4.77 -3.06
C ARG A 145 -7.84 -3.73 -2.09
N ALA A 146 -8.96 -4.05 -1.45
CA ALA A 146 -9.57 -3.14 -0.49
C ALA A 146 -8.62 -2.87 0.68
N GLU A 147 -7.78 -3.85 0.98
CA GLU A 147 -6.81 -3.72 2.07
C GLU A 147 -5.84 -2.58 1.77
N ILE A 148 -5.50 -2.43 0.50
CA ILE A 148 -4.58 -1.38 0.07
C ILE A 148 -5.06 -0.01 0.54
N MET A 149 -6.38 0.15 0.57
CA MET A 149 -6.98 1.41 1.01
C MET A 149 -6.51 1.77 2.42
N ARG A 150 -6.44 0.79 3.29
CA ARG A 150 -6.00 1.00 4.66
C ARG A 150 -4.54 1.46 4.68
N SER A 151 -3.70 0.82 3.87
CA SER A 151 -2.29 1.18 3.79
C SER A 151 -2.13 2.64 3.38
N PHE A 152 -3.04 3.10 2.52
CA PHE A 152 -3.01 4.49 2.06
C PHE A 152 -3.61 5.43 3.10
N SER A 153 -4.51 4.89 3.92
CA SER A 153 -5.17 5.67 4.95
C SER A 153 -4.21 6.07 6.08
N LEU A 154 -3.63 5.06 6.74
CA LEU A 154 -2.71 5.33 7.84
C LEU A 154 -1.39 5.92 7.34
N SER A 155 -0.95 5.49 6.17
CA SER A 155 0.30 5.97 5.60
C SER A 155 0.33 7.50 5.56
N ILE A 156 -0.74 8.09 5.01
CA ILE A 156 -0.84 9.54 4.90
C ILE A 156 -1.79 10.12 5.95
N ASN A 157 -1.50 9.84 7.22
CA ASN A 157 -2.33 10.32 8.32
C ASN A 157 -1.74 9.90 9.66
N LEU A 158 -1.30 8.65 9.73
CA LEU A 158 -0.72 8.11 10.96
C LEU A 158 0.50 8.92 11.38
N GLN A 159 1.26 9.40 10.40
CA GLN A 159 2.46 10.19 10.67
C GLN A 159 2.17 11.30 11.67
N LYS A 160 0.99 11.90 11.57
CA LYS A 160 0.59 12.96 12.48
C LYS A 160 0.52 12.47 13.92
N ARG A 161 0.28 11.17 14.08
CA ARG A 161 0.18 10.56 15.40
C ARG A 161 -0.98 11.17 16.20
N LEU A 162 -2.02 11.56 15.49
CA LEU A 162 -3.20 12.15 16.12
C LEU A 162 -4.43 11.27 15.92
N LYS A 163 -4.81 10.56 16.98
CA LYS A 163 -5.97 9.68 16.93
C LYS A 163 -5.74 8.55 15.94
N SER A 164 -6.14 7.34 16.32
CA SER A 164 -5.99 6.17 15.48
C SER A 164 -7.34 5.53 15.23
N LYS A 165 -7.43 4.28 15.57
CA LYS A 165 -8.65 3.50 15.41
C LYS A 165 -8.54 2.15 16.11
N GLU A 166 -7.92 2.15 17.29
CA GLU A 166 -7.74 0.93 18.07
C GLU A 166 -6.95 -0.10 17.28
N CYS A 1 10.61 15.15 0.69
CA CYS A 1 9.25 15.18 1.30
C CYS A 1 8.46 16.37 0.79
N ASP A 2 7.37 16.11 0.08
CA ASP A 2 6.53 17.17 -0.47
C ASP A 2 5.63 17.75 0.62
N LEU A 3 5.51 19.08 0.63
CA LEU A 3 4.69 19.77 1.62
C LEU A 3 5.16 19.47 3.03
N PRO A 4 6.14 20.24 3.54
CA PRO A 4 6.68 20.05 4.88
C PRO A 4 5.61 20.19 5.97
N GLN A 5 4.85 19.12 6.18
CA GLN A 5 3.80 19.13 7.19
C GLN A 5 2.80 20.25 6.94
N THR A 6 2.55 20.54 5.66
CA THR A 6 1.62 21.59 5.28
C THR A 6 0.21 21.03 5.09
N HIS A 7 0.12 19.92 4.36
CA HIS A 7 -1.16 19.28 4.11
C HIS A 7 -1.59 18.40 5.29
N SER A 8 -2.89 18.32 5.53
CA SER A 8 -3.41 17.52 6.63
C SER A 8 -4.91 17.28 6.45
N LEU A 9 -5.35 17.20 5.20
CA LEU A 9 -6.76 16.98 4.90
C LEU A 9 -7.00 15.56 4.40
N GLY A 10 -6.45 15.26 3.22
CA GLY A 10 -6.62 13.94 2.66
C GLY A 10 -5.94 13.80 1.31
N ASN A 11 -5.82 12.58 0.82
CA ASN A 11 -5.18 12.32 -0.47
C ASN A 11 -6.20 12.43 -1.61
N ARG A 12 -7.15 11.52 -1.61
CA ARG A 12 -8.20 11.51 -2.64
C ARG A 12 -7.59 11.31 -4.02
N ARG A 13 -7.27 10.05 -4.35
CA ARG A 13 -6.69 9.73 -5.65
C ARG A 13 -6.68 8.22 -5.87
N ALA A 14 -6.32 7.48 -4.84
CA ALA A 14 -6.27 6.02 -4.93
C ALA A 14 -7.52 5.40 -4.31
N LEU A 15 -8.10 6.08 -3.34
CA LEU A 15 -9.31 5.60 -2.67
C LEU A 15 -10.43 5.35 -3.67
N ILE A 16 -10.44 6.15 -4.74
CA ILE A 16 -11.45 6.01 -5.77
C ILE A 16 -11.14 4.82 -6.67
N LEU A 17 -9.86 4.67 -7.02
CA LEU A 17 -9.42 3.58 -7.86
C LEU A 17 -9.76 2.23 -7.23
N LEU A 18 -9.46 2.09 -5.94
CA LEU A 18 -9.75 0.86 -5.21
C LEU A 18 -11.25 0.63 -5.08
N ALA A 19 -11.98 1.72 -4.94
CA ALA A 19 -13.44 1.68 -4.80
C ALA A 19 -14.09 0.95 -5.97
N GLN A 20 -13.47 1.05 -7.15
CA GLN A 20 -14.01 0.41 -8.34
C GLN A 20 -14.09 -1.10 -8.18
N MET A 21 -13.37 -1.64 -7.20
CA MET A 21 -13.37 -3.08 -6.95
C MET A 21 -14.29 -3.43 -5.78
N ARG A 22 -15.30 -2.60 -5.55
CA ARG A 22 -16.25 -2.81 -4.46
C ARG A 22 -17.58 -3.36 -4.97
N ARG A 23 -17.79 -3.30 -6.29
CA ARG A 23 -19.03 -3.77 -6.88
C ARG A 23 -19.15 -5.29 -6.81
N ILE A 24 -18.06 -5.97 -6.44
CA ILE A 24 -18.07 -7.43 -6.34
C ILE A 24 -19.12 -7.88 -5.33
N SER A 25 -19.46 -9.17 -5.37
CA SER A 25 -20.46 -9.72 -4.46
C SER A 25 -19.77 -10.33 -3.23
N PRO A 26 -20.04 -9.77 -2.04
CA PRO A 26 -19.45 -10.28 -0.79
C PRO A 26 -19.77 -11.75 -0.56
N PHE A 27 -20.76 -12.27 -1.28
CA PHE A 27 -21.15 -13.66 -1.15
C PHE A 27 -20.10 -14.60 -1.73
N SER A 28 -19.17 -14.04 -2.50
CA SER A 28 -18.11 -14.84 -3.12
C SER A 28 -17.16 -15.40 -2.06
N CYS A 29 -17.00 -14.66 -0.97
CA CYS A 29 -16.12 -15.08 0.12
C CYS A 29 -16.45 -14.35 1.41
N LEU A 30 -16.12 -14.97 2.54
CA LEU A 30 -16.38 -14.37 3.85
C LEU A 30 -15.15 -14.46 4.75
N LYS A 31 -14.72 -15.68 5.04
CA LYS A 31 -13.55 -15.90 5.89
C LYS A 31 -12.25 -15.59 5.16
N ASP A 32 -12.35 -15.30 3.86
CA ASP A 32 -11.17 -14.99 3.06
C ASP A 32 -10.74 -13.54 3.23
N ARG A 33 -11.38 -12.82 4.15
CA ARG A 33 -11.05 -11.41 4.39
C ARG A 33 -9.84 -11.29 5.32
N HIS A 34 -8.65 -11.38 4.76
CA HIS A 34 -7.42 -11.26 5.54
C HIS A 34 -6.57 -10.10 5.03
N ASP A 35 -5.48 -9.80 5.72
CA ASP A 35 -4.60 -8.71 5.34
C ASP A 35 -3.17 -9.18 5.09
N PHE A 36 -2.88 -9.56 3.84
CA PHE A 36 -1.54 -10.02 3.48
C PHE A 36 -0.84 -9.00 2.57
N GLU A 37 -1.54 -7.91 2.25
CA GLU A 37 -0.98 -6.89 1.38
C GLU A 37 -0.12 -5.89 2.14
N PHE A 38 -0.74 -5.16 3.06
CA PHE A 38 -0.03 -4.14 3.85
C PHE A 38 0.24 -4.62 5.28
N PRO A 39 1.49 -4.88 5.65
CA PRO A 39 1.78 -5.31 7.01
C PRO A 39 1.48 -4.20 7.98
N GLN A 40 0.34 -4.29 8.65
CA GLN A 40 -0.08 -3.28 9.60
C GLN A 40 0.89 -3.20 10.79
N GLU A 41 1.56 -4.31 11.08
CA GLU A 41 2.51 -4.36 12.19
C GLU A 41 3.54 -3.24 12.07
N GLU A 42 4.02 -3.01 10.86
CA GLU A 42 5.00 -1.96 10.61
C GLU A 42 4.29 -0.62 10.36
N PHE A 43 3.01 -0.68 10.00
CA PHE A 43 2.23 0.52 9.72
C PHE A 43 1.61 1.11 10.98
N ASP A 44 1.39 0.28 11.99
CA ASP A 44 0.79 0.73 13.23
C ASP A 44 1.65 1.80 13.91
N ASP A 45 0.99 2.71 14.63
CA ASP A 45 1.68 3.80 15.31
C ASP A 45 2.31 3.34 16.62
N LYS A 46 2.17 2.06 16.95
CA LYS A 46 2.75 1.53 18.18
C LYS A 46 4.24 1.77 18.24
N GLN A 47 4.85 1.96 17.06
CA GLN A 47 6.27 2.21 16.95
C GLN A 47 6.59 2.56 15.51
N PHE A 48 6.05 3.68 15.07
CA PHE A 48 6.20 4.11 13.70
C PHE A 48 5.97 5.61 13.56
N GLN A 49 6.65 6.25 12.61
CA GLN A 49 6.49 7.69 12.39
C GLN A 49 6.54 8.04 10.91
N LYS A 50 6.46 9.33 10.62
CA LYS A 50 6.48 9.83 9.24
C LYS A 50 7.71 9.33 8.48
N ALA A 51 8.89 9.72 8.96
CA ALA A 51 10.14 9.32 8.30
C ALA A 51 10.22 7.82 8.13
N GLN A 52 9.77 7.08 9.14
CA GLN A 52 9.79 5.62 9.09
C GLN A 52 8.79 5.11 8.06
N ALA A 53 7.62 5.73 8.03
CA ALA A 53 6.57 5.33 7.09
C ALA A 53 7.06 5.44 5.65
N ILE A 54 7.88 6.43 5.37
CA ILE A 54 8.41 6.64 4.03
C ILE A 54 9.13 5.39 3.53
N SER A 55 9.80 4.69 4.44
CA SER A 55 10.53 3.48 4.09
C SER A 55 9.60 2.35 3.69
N VAL A 56 8.61 2.06 4.52
CA VAL A 56 7.65 0.99 4.25
C VAL A 56 6.71 1.37 3.10
N LEU A 57 6.20 2.59 3.14
CA LEU A 57 5.27 3.06 2.12
C LEU A 57 5.84 2.87 0.71
N HIS A 58 7.09 3.23 0.51
CA HIS A 58 7.73 3.09 -0.80
C HIS A 58 7.73 1.64 -1.25
N GLU A 59 8.19 0.75 -0.38
CA GLU A 59 8.24 -0.67 -0.71
C GLU A 59 6.85 -1.25 -0.90
N MET A 60 5.89 -0.72 -0.15
CA MET A 60 4.50 -1.19 -0.26
C MET A 60 3.88 -0.79 -1.59
N ILE A 61 4.03 0.47 -1.96
CA ILE A 61 3.48 0.98 -3.22
C ILE A 61 4.26 0.44 -4.41
N GLN A 62 5.59 0.39 -4.27
CA GLN A 62 6.45 -0.11 -5.35
C GLN A 62 6.11 -1.54 -5.72
N GLN A 63 5.77 -2.35 -4.71
CA GLN A 63 5.42 -3.75 -4.93
C GLN A 63 4.08 -3.87 -5.66
N THR A 64 3.13 -3.03 -5.28
CA THR A 64 1.80 -3.04 -5.89
C THR A 64 1.89 -2.78 -7.39
N PHE A 65 2.86 -1.95 -7.79
CA PHE A 65 3.05 -1.62 -9.18
C PHE A 65 3.41 -2.86 -9.99
N ASN A 66 4.38 -3.61 -9.49
CA ASN A 66 4.83 -4.83 -10.15
C ASN A 66 3.72 -5.86 -10.26
N LEU A 67 2.80 -5.85 -9.30
CA LEU A 67 1.69 -6.81 -9.31
C LEU A 67 0.87 -6.71 -10.59
N PHE A 68 0.32 -5.54 -10.85
CA PHE A 68 -0.49 -5.32 -12.04
C PHE A 68 0.39 -5.13 -13.28
N SER A 69 1.50 -4.43 -13.09
CA SER A 69 2.43 -4.15 -14.18
C SER A 69 3.03 -5.41 -14.79
N THR A 70 2.83 -6.56 -14.15
CA THR A 70 3.37 -7.81 -14.67
C THR A 70 2.46 -8.39 -15.74
N LYS A 71 1.32 -8.93 -15.31
CA LYS A 71 0.36 -9.53 -16.23
C LYS A 71 -0.80 -10.16 -15.47
N ASP A 72 -0.48 -10.96 -14.47
CA ASP A 72 -1.50 -11.64 -13.66
C ASP A 72 -2.58 -10.67 -13.21
N SER A 73 -2.22 -9.77 -12.30
CA SER A 73 -3.17 -8.78 -11.79
C SER A 73 -3.61 -7.82 -12.91
N SER A 74 -2.79 -7.70 -13.94
CA SER A 74 -3.09 -6.82 -15.06
C SER A 74 -4.43 -7.21 -15.69
N ALA A 75 -4.63 -8.50 -15.88
CA ALA A 75 -5.87 -9.01 -16.47
C ALA A 75 -6.99 -9.06 -15.44
N ALA A 76 -6.68 -8.74 -14.19
CA ALA A 76 -7.67 -8.76 -13.13
C ALA A 76 -8.55 -7.52 -13.19
N LEU A 77 -7.95 -6.37 -13.49
CA LEU A 77 -8.70 -5.12 -13.57
C LEU A 77 -8.72 -4.60 -15.01
N ASP A 78 -9.73 -3.81 -15.33
CA ASP A 78 -9.86 -3.23 -16.67
C ASP A 78 -8.63 -2.42 -17.02
N GLU A 79 -8.30 -2.37 -18.32
CA GLU A 79 -7.13 -1.62 -18.78
C GLU A 79 -7.18 -0.18 -18.28
N THR A 80 -8.36 0.42 -18.32
CA THR A 80 -8.54 1.80 -17.87
C THR A 80 -8.20 1.93 -16.39
N LEU A 81 -8.80 1.06 -15.58
CA LEU A 81 -8.57 1.07 -14.14
C LEU A 81 -7.14 0.63 -13.82
N LEU A 82 -6.67 -0.37 -14.56
CA LEU A 82 -5.32 -0.89 -14.37
C LEU A 82 -4.26 0.13 -14.78
N ASP A 83 -4.45 0.75 -15.94
CA ASP A 83 -3.52 1.75 -16.43
C ASP A 83 -3.43 2.93 -15.48
N GLU A 84 -4.55 3.28 -14.87
CA GLU A 84 -4.60 4.39 -13.92
C GLU A 84 -3.86 4.02 -12.64
N PHE A 85 -3.89 2.73 -12.32
CA PHE A 85 -3.23 2.22 -11.13
C PHE A 85 -1.74 2.52 -11.17
N TYR A 86 -1.12 2.29 -12.32
CA TYR A 86 0.31 2.53 -12.50
C TYR A 86 0.68 3.96 -12.12
N ILE A 87 -0.04 4.92 -12.67
CA ILE A 87 0.21 6.34 -12.40
C ILE A 87 -0.01 6.67 -10.93
N GLU A 88 -0.99 6.01 -10.32
CA GLU A 88 -1.31 6.25 -8.92
C GLU A 88 -0.13 5.89 -8.01
N LEU A 89 0.48 4.73 -8.25
CA LEU A 89 1.61 4.28 -7.46
C LEU A 89 2.88 5.07 -7.79
N ASP A 90 3.10 5.32 -9.07
CA ASP A 90 4.28 6.06 -9.51
C ASP A 90 4.40 7.38 -8.80
N GLN A 91 3.27 8.01 -8.52
CA GLN A 91 3.25 9.29 -7.81
C GLN A 91 3.79 9.16 -6.39
N GLN A 92 3.29 8.15 -5.69
CA GLN A 92 3.71 7.90 -4.31
C GLN A 92 5.14 7.36 -4.25
N LEU A 93 5.55 6.65 -5.31
CA LEU A 93 6.89 6.09 -5.37
C LEU A 93 7.96 7.15 -5.18
N ASN A 94 7.80 8.26 -5.91
CA ASN A 94 8.74 9.37 -5.83
C ASN A 94 8.79 9.96 -4.42
N ASP A 95 7.69 9.83 -3.69
CA ASP A 95 7.59 10.35 -2.33
C ASP A 95 8.86 10.06 -1.52
N LEU A 96 9.21 8.78 -1.41
CA LEU A 96 10.39 8.38 -0.66
C LEU A 96 11.65 8.99 -1.26
N GLU A 97 11.76 8.97 -2.58
CA GLU A 97 12.93 9.51 -3.27
C GLU A 97 13.15 10.97 -2.87
N SER A 98 12.07 11.69 -2.65
CA SER A 98 12.15 13.10 -2.26
C SER A 98 12.57 13.24 -0.80
N CYS A 99 12.25 12.21 0.00
CA CYS A 99 12.59 12.23 1.42
C CYS A 99 13.99 11.66 1.65
N VAL A 100 14.37 10.68 0.84
CA VAL A 100 15.69 10.05 0.97
C VAL A 100 16.80 11.06 0.75
N MET A 101 16.55 12.05 -0.11
CA MET A 101 17.54 13.08 -0.41
C MET A 101 17.63 14.09 0.73
N GLN A 102 16.51 14.28 1.43
CA GLN A 102 16.46 15.22 2.55
C GLN A 102 17.34 14.76 3.69
N GLU A 103 17.57 13.44 3.78
CA GLU A 103 18.39 12.86 4.83
C GLU A 103 17.71 13.01 6.19
N VAL A 104 16.55 12.39 6.32
CA VAL A 104 15.79 12.45 7.58
C VAL A 104 16.47 11.61 8.65
N GLY A 105 16.97 10.45 8.26
CA GLY A 105 17.64 9.57 9.19
C GLY A 105 17.21 8.12 9.05
N VAL A 106 15.90 7.89 9.00
CA VAL A 106 15.36 6.54 8.87
C VAL A 106 15.96 5.83 7.65
N ILE A 107 16.41 6.61 6.67
CA ILE A 107 16.99 6.05 5.46
C ILE A 107 18.51 6.01 5.57
N GLU A 108 19.00 5.67 6.75
CA GLU A 108 20.44 5.59 6.99
C GLU A 108 20.82 4.24 7.59
N SER A 109 19.96 3.71 8.46
CA SER A 109 20.21 2.43 9.11
C SER A 109 19.73 1.27 8.23
N PRO A 110 20.65 0.44 7.71
CA PRO A 110 20.29 -0.70 6.86
C PRO A 110 19.42 -1.72 7.59
N LEU A 111 19.73 -1.95 8.86
CA LEU A 111 18.97 -2.90 9.67
C LEU A 111 17.51 -2.49 9.76
N MET A 112 17.27 -1.25 10.13
CA MET A 112 15.90 -0.72 10.25
C MET A 112 15.13 -0.90 8.95
N TYR A 113 15.85 -1.00 7.84
CA TYR A 113 15.23 -1.17 6.53
C TYR A 113 14.79 -2.61 6.32
N GLU A 114 15.66 -3.55 6.67
CA GLU A 114 15.37 -4.97 6.50
C GLU A 114 14.12 -5.37 7.29
N ASP A 115 14.12 -5.05 8.59
CA ASP A 115 12.99 -5.39 9.45
C ASP A 115 11.69 -4.77 8.96
N SER A 116 11.76 -3.52 8.53
CA SER A 116 10.57 -2.82 8.05
C SER A 116 10.17 -3.28 6.65
N ILE A 117 11.13 -3.29 5.73
CA ILE A 117 10.87 -3.70 4.36
C ILE A 117 10.52 -5.18 4.26
N LEU A 118 11.21 -6.01 5.02
CA LEU A 118 10.95 -7.46 5.00
C LEU A 118 9.50 -7.75 5.34
N ALA A 119 8.90 -6.88 6.17
CA ALA A 119 7.52 -7.05 6.56
C ALA A 119 6.58 -6.97 5.36
N VAL A 120 6.91 -6.09 4.42
CA VAL A 120 6.10 -5.91 3.21
C VAL A 120 6.38 -7.02 2.19
N ARG A 121 7.65 -7.31 1.99
CA ARG A 121 8.05 -8.33 1.03
C ARG A 121 7.48 -9.69 1.42
N LYS A 122 7.58 -10.03 2.70
CA LYS A 122 7.07 -11.31 3.20
C LYS A 122 5.56 -11.40 3.04
N TYR A 123 4.86 -10.37 3.51
CA TYR A 123 3.40 -10.33 3.43
C TYR A 123 2.96 -10.37 1.97
N PHE A 124 3.66 -9.63 1.11
CA PHE A 124 3.33 -9.59 -0.31
C PHE A 124 3.39 -10.98 -0.92
N GLN A 125 4.37 -11.78 -0.49
CA GLN A 125 4.52 -13.13 -1.00
C GLN A 125 3.29 -13.98 -0.68
N ARG A 126 2.67 -13.70 0.46
CA ARG A 126 1.48 -14.42 0.88
C ARG A 126 0.36 -14.27 -0.15
N ILE A 127 0.20 -13.06 -0.67
CA ILE A 127 -0.83 -12.78 -1.66
C ILE A 127 -0.67 -13.67 -2.88
N THR A 128 0.57 -13.86 -3.32
CA THR A 128 0.85 -14.70 -4.48
C THR A 128 0.38 -16.13 -4.24
N LEU A 129 0.74 -16.68 -3.08
CA LEU A 129 0.34 -18.03 -2.73
C LEU A 129 -1.15 -18.10 -2.39
N TYR A 130 -1.66 -17.03 -1.79
CA TYR A 130 -3.06 -16.95 -1.40
C TYR A 130 -3.96 -17.02 -2.63
N LEU A 131 -3.71 -16.13 -3.59
CA LEU A 131 -4.50 -16.09 -4.82
C LEU A 131 -4.33 -17.36 -5.64
N THR A 132 -3.11 -17.88 -5.67
CA THR A 132 -2.81 -19.10 -6.42
C THR A 132 -3.72 -20.24 -5.97
N GLU A 133 -4.04 -20.26 -4.69
CA GLU A 133 -4.91 -21.30 -4.13
C GLU A 133 -6.32 -21.19 -4.70
N LYS A 134 -6.73 -19.96 -5.00
CA LYS A 134 -8.06 -19.71 -5.56
C LYS A 134 -8.00 -19.52 -7.07
N LYS A 135 -6.79 -19.51 -7.63
CA LYS A 135 -6.62 -19.33 -9.06
C LYS A 135 -7.16 -17.98 -9.51
N TYR A 136 -7.13 -17.00 -8.62
CA TYR A 136 -7.62 -15.66 -8.92
C TYR A 136 -9.07 -15.71 -9.40
N SER A 137 -9.98 -16.10 -8.51
CA SER A 137 -11.39 -16.18 -8.86
C SER A 137 -12.00 -14.80 -9.03
N SER A 138 -12.25 -14.12 -7.92
CA SER A 138 -12.83 -12.78 -7.95
C SER A 138 -12.76 -12.12 -6.58
N CYS A 139 -13.18 -12.87 -5.56
CA CYS A 139 -13.16 -12.35 -4.19
C CYS A 139 -11.74 -12.26 -3.66
N ALA A 140 -10.88 -13.16 -4.11
CA ALA A 140 -9.49 -13.18 -3.68
C ALA A 140 -8.81 -11.85 -4.00
N TRP A 141 -9.12 -11.29 -5.15
CA TRP A 141 -8.55 -10.02 -5.57
C TRP A 141 -9.14 -8.86 -4.77
N GLU A 142 -10.42 -8.97 -4.42
CA GLU A 142 -11.10 -7.94 -3.65
C GLU A 142 -10.56 -7.85 -2.23
N VAL A 143 -10.27 -9.01 -1.64
CA VAL A 143 -9.74 -9.06 -0.28
C VAL A 143 -8.33 -8.49 -0.23
N VAL A 144 -7.51 -8.84 -1.22
CA VAL A 144 -6.14 -8.37 -1.29
C VAL A 144 -6.09 -6.89 -1.66
N ARG A 145 -6.84 -6.50 -2.69
CA ARG A 145 -6.87 -5.11 -3.12
C ARG A 145 -7.44 -4.22 -2.01
N ALA A 146 -8.47 -4.72 -1.33
CA ALA A 146 -9.10 -3.98 -0.25
C ALA A 146 -8.07 -3.61 0.82
N GLU A 147 -7.05 -4.44 0.98
CA GLU A 147 -6.00 -4.19 1.95
C GLU A 147 -5.17 -2.98 1.54
N ILE A 148 -4.93 -2.84 0.24
CA ILE A 148 -4.17 -1.71 -0.28
C ILE A 148 -4.82 -0.40 0.11
N MET A 149 -6.15 -0.41 0.17
CA MET A 149 -6.91 0.77 0.54
C MET A 149 -6.54 1.24 1.95
N ARG A 150 -6.41 0.28 2.86
CA ARG A 150 -6.06 0.59 4.23
C ARG A 150 -4.67 1.20 4.31
N SER A 151 -3.71 0.59 3.61
CA SER A 151 -2.35 1.09 3.59
C SER A 151 -2.31 2.52 3.06
N PHE A 152 -3.11 2.78 2.04
CA PHE A 152 -3.20 4.11 1.47
C PHE A 152 -3.77 5.09 2.48
N SER A 153 -4.53 4.57 3.43
CA SER A 153 -5.15 5.38 4.46
C SER A 153 -4.16 5.68 5.60
N LEU A 154 -3.59 4.63 6.19
CA LEU A 154 -2.65 4.83 7.29
C LEU A 154 -1.35 5.48 6.81
N SER A 155 -0.91 5.10 5.61
CA SER A 155 0.32 5.64 5.04
C SER A 155 0.38 7.17 5.16
N ILE A 156 -0.79 7.81 5.23
CA ILE A 156 -0.87 9.26 5.34
C ILE A 156 -1.38 9.71 6.70
N ASN A 157 -2.14 8.84 7.35
CA ASN A 157 -2.71 9.15 8.67
C ASN A 157 -1.79 8.70 9.80
N LEU A 158 -0.75 7.95 9.46
CA LEU A 158 0.19 7.45 10.47
C LEU A 158 1.08 8.58 11.00
N GLN A 159 1.68 9.33 10.09
CA GLN A 159 2.56 10.44 10.47
C GLN A 159 1.86 11.39 11.44
N LYS A 160 0.67 11.85 11.06
CA LYS A 160 -0.10 12.77 11.89
C LYS A 160 -0.66 12.05 13.10
N ARG A 161 -1.06 10.79 12.91
CA ARG A 161 -1.62 9.99 14.00
C ARG A 161 -2.86 10.65 14.60
N LEU A 162 -3.47 11.57 13.85
CA LEU A 162 -4.66 12.29 14.31
C LEU A 162 -4.50 12.78 15.74
N LYS A 163 -3.31 13.30 16.05
CA LYS A 163 -3.02 13.80 17.39
C LYS A 163 -2.40 15.19 17.32
N SER A 164 -2.71 15.93 16.27
CA SER A 164 -2.18 17.28 16.09
C SER A 164 -3.28 18.30 15.89
N LYS A 165 -4.49 17.83 16.06
CA LYS A 165 -5.68 18.67 15.92
C LYS A 165 -5.73 19.31 14.54
N GLU A 166 -5.36 18.54 13.52
CA GLU A 166 -5.35 19.03 12.15
C GLU A 166 -6.59 18.55 11.39
N CYS A 1 7.47 14.85 2.03
CA CYS A 1 8.78 15.49 1.80
C CYS A 1 8.61 16.91 1.28
N ASP A 2 7.85 17.06 0.19
CA ASP A 2 7.61 18.37 -0.39
C ASP A 2 6.23 18.90 -0.01
N LEU A 3 6.19 20.13 0.48
CA LEU A 3 4.93 20.74 0.89
C LEU A 3 4.50 21.81 -0.11
N PRO A 4 3.50 21.51 -0.96
CA PRO A 4 3.01 22.45 -1.97
C PRO A 4 2.71 23.82 -1.38
N GLN A 5 1.78 23.85 -0.42
CA GLN A 5 1.39 25.10 0.22
C GLN A 5 0.38 24.84 1.35
N THR A 6 -0.73 24.20 0.99
CA THR A 6 -1.77 23.90 1.96
C THR A 6 -1.47 22.59 2.70
N HIS A 7 -2.14 22.40 3.83
CA HIS A 7 -1.94 21.19 4.63
C HIS A 7 -2.45 19.96 3.89
N SER A 8 -1.88 18.79 4.22
CA SER A 8 -2.28 17.54 3.59
C SER A 8 -3.47 16.92 4.32
N LEU A 9 -4.67 17.26 3.86
CA LEU A 9 -5.89 16.73 4.47
C LEU A 9 -6.12 15.28 4.04
N GLY A 10 -5.88 15.00 2.77
CA GLY A 10 -6.06 13.65 2.26
C GLY A 10 -5.84 13.56 0.76
N ASN A 11 -5.62 12.34 0.27
CA ASN A 11 -5.39 12.12 -1.15
C ASN A 11 -6.69 12.01 -1.91
N ARG A 12 -7.39 10.92 -1.69
CA ARG A 12 -8.67 10.67 -2.35
C ARG A 12 -8.51 10.66 -3.87
N ARG A 13 -7.34 10.28 -4.33
CA ARG A 13 -7.06 10.22 -5.77
C ARG A 13 -6.90 8.78 -6.23
N ALA A 14 -6.38 7.93 -5.35
CA ALA A 14 -6.17 6.52 -5.67
C ALA A 14 -7.31 5.66 -5.11
N LEU A 15 -7.93 6.14 -4.04
CA LEU A 15 -9.03 5.40 -3.40
C LEU A 15 -10.13 5.08 -4.41
N ILE A 16 -10.31 5.98 -5.38
CA ILE A 16 -11.32 5.80 -6.41
C ILE A 16 -11.02 4.57 -7.26
N LEU A 17 -9.73 4.31 -7.48
CA LEU A 17 -9.30 3.18 -8.27
C LEU A 17 -9.83 1.87 -7.68
N LEU A 18 -9.78 1.75 -6.37
CA LEU A 18 -10.26 0.57 -5.66
C LEU A 18 -11.77 0.43 -5.81
N ALA A 19 -12.45 1.57 -5.93
CA ALA A 19 -13.90 1.59 -6.05
C ALA A 19 -14.36 0.75 -7.25
N GLN A 20 -13.53 0.69 -8.29
CA GLN A 20 -13.86 -0.08 -9.48
C GLN A 20 -14.07 -1.56 -9.16
N MET A 21 -13.54 -1.99 -8.01
CA MET A 21 -13.68 -3.37 -7.58
C MET A 21 -14.67 -3.51 -6.42
N ARG A 22 -15.65 -2.62 -6.41
CA ARG A 22 -16.67 -2.63 -5.36
C ARG A 22 -17.99 -3.23 -5.85
N ARG A 23 -18.11 -3.39 -7.17
CA ARG A 23 -19.33 -3.93 -7.76
C ARG A 23 -19.49 -5.42 -7.43
N ILE A 24 -18.45 -6.03 -6.90
CA ILE A 24 -18.50 -7.45 -6.53
C ILE A 24 -19.40 -7.66 -5.32
N SER A 25 -19.82 -8.89 -5.09
CA SER A 25 -20.68 -9.21 -3.96
C SER A 25 -19.85 -9.72 -2.78
N PRO A 26 -20.01 -9.09 -1.60
CA PRO A 26 -19.27 -9.49 -0.40
C PRO A 26 -19.57 -10.93 0.01
N PHE A 27 -20.67 -11.48 -0.52
CA PHE A 27 -21.07 -12.84 -0.19
C PHE A 27 -20.24 -13.87 -0.97
N SER A 28 -19.33 -13.39 -1.83
CA SER A 28 -18.48 -14.28 -2.60
C SER A 28 -17.50 -15.03 -1.70
N CYS A 29 -17.11 -14.40 -0.60
CA CYS A 29 -16.20 -15.01 0.34
C CYS A 29 -16.54 -14.61 1.78
N LEU A 30 -15.99 -15.35 2.74
CA LEU A 30 -16.24 -15.07 4.15
C LEU A 30 -14.98 -15.21 4.98
N LYS A 31 -14.43 -16.43 5.02
CA LYS A 31 -13.23 -16.70 5.79
C LYS A 31 -11.97 -16.17 5.10
N ASP A 32 -12.13 -15.66 3.88
CA ASP A 32 -11.00 -15.14 3.12
C ASP A 32 -10.79 -13.64 3.37
N ARG A 33 -11.22 -13.17 4.55
CA ARG A 33 -11.08 -11.77 4.90
C ARG A 33 -9.80 -11.51 5.69
N HIS A 34 -8.65 -11.61 5.01
CA HIS A 34 -7.36 -11.39 5.65
C HIS A 34 -6.69 -10.14 5.10
N ASP A 35 -5.63 -9.70 5.78
CA ASP A 35 -4.90 -8.50 5.36
C ASP A 35 -3.43 -8.81 5.08
N PHE A 36 -3.13 -9.17 3.84
CA PHE A 36 -1.75 -9.48 3.44
C PHE A 36 -1.18 -8.43 2.51
N GLU A 37 -1.98 -7.41 2.20
CA GLU A 37 -1.53 -6.35 1.29
C GLU A 37 -0.61 -5.36 1.99
N PHE A 38 -1.15 -4.60 2.94
CA PHE A 38 -0.37 -3.60 3.68
C PHE A 38 -0.12 -4.05 5.12
N PRO A 39 1.12 -4.38 5.48
CA PRO A 39 1.41 -4.81 6.84
C PRO A 39 1.08 -3.70 7.83
N GLN A 40 -0.07 -3.84 8.49
CA GLN A 40 -0.48 -2.85 9.46
C GLN A 40 0.47 -2.79 10.64
N GLU A 41 1.20 -3.89 10.88
CA GLU A 41 2.14 -3.93 12.00
C GLU A 41 3.11 -2.75 11.89
N GLU A 42 3.55 -2.47 10.68
CA GLU A 42 4.45 -1.35 10.44
C GLU A 42 3.63 -0.09 10.19
N PHE A 43 2.41 -0.27 9.69
CA PHE A 43 1.51 0.85 9.41
C PHE A 43 0.70 1.26 10.64
N ASP A 44 0.98 0.66 11.78
CA ASP A 44 0.27 0.99 13.01
C ASP A 44 0.95 2.15 13.73
N ASP A 45 0.31 2.66 14.77
CA ASP A 45 0.85 3.78 15.54
C ASP A 45 1.92 3.33 16.54
N LYS A 46 2.26 2.05 16.53
CA LYS A 46 3.27 1.51 17.43
C LYS A 46 4.59 2.28 17.30
N GLN A 47 5.00 2.50 16.06
CA GLN A 47 6.23 3.23 15.77
C GLN A 47 6.22 3.72 14.33
N PHE A 48 5.31 4.64 14.03
CA PHE A 48 5.19 5.18 12.69
C PHE A 48 5.19 6.71 12.69
N GLN A 49 5.98 7.29 11.79
CA GLN A 49 6.06 8.75 11.68
C GLN A 49 6.18 9.17 10.21
N LYS A 50 6.42 10.45 9.98
CA LYS A 50 6.54 10.97 8.62
C LYS A 50 7.72 10.34 7.89
N ALA A 51 8.90 10.40 8.50
CA ALA A 51 10.11 9.83 7.89
C ALA A 51 10.02 8.31 7.82
N GLN A 52 9.55 7.69 8.89
CA GLN A 52 9.42 6.24 8.93
C GLN A 52 8.55 5.75 7.79
N ALA A 53 7.48 6.48 7.52
CA ALA A 53 6.55 6.13 6.45
C ALA A 53 7.27 6.04 5.11
N ILE A 54 8.23 6.94 4.89
CA ILE A 54 8.99 6.97 3.66
C ILE A 54 9.63 5.62 3.39
N SER A 55 10.05 4.94 4.45
CA SER A 55 10.68 3.65 4.33
C SER A 55 9.69 2.58 3.86
N VAL A 56 8.57 2.45 4.59
CA VAL A 56 7.55 1.46 4.24
C VAL A 56 6.77 1.84 2.99
N LEU A 57 6.30 3.09 2.94
CA LEU A 57 5.51 3.57 1.82
C LEU A 57 6.21 3.32 0.49
N HIS A 58 7.49 3.64 0.41
CA HIS A 58 8.25 3.44 -0.82
C HIS A 58 8.24 1.97 -1.23
N GLU A 59 8.57 1.08 -0.30
CA GLU A 59 8.60 -0.35 -0.57
C GLU A 59 7.19 -0.89 -0.80
N MET A 60 6.23 -0.34 -0.08
CA MET A 60 4.84 -0.78 -0.19
C MET A 60 4.26 -0.43 -1.55
N ILE A 61 4.44 0.81 -1.99
CA ILE A 61 3.93 1.25 -3.27
C ILE A 61 4.73 0.63 -4.41
N GLN A 62 6.05 0.58 -4.25
CA GLN A 62 6.92 0.00 -5.27
C GLN A 62 6.54 -1.45 -5.55
N GLN A 63 6.14 -2.16 -4.51
CA GLN A 63 5.75 -3.56 -4.64
C GLN A 63 4.44 -3.70 -5.42
N THR A 64 3.44 -2.90 -5.03
CA THR A 64 2.15 -2.94 -5.70
C THR A 64 2.29 -2.61 -7.18
N PHE A 65 3.27 -1.77 -7.50
CA PHE A 65 3.52 -1.38 -8.88
C PHE A 65 4.00 -2.57 -9.71
N ASN A 66 4.72 -3.48 -9.06
CA ASN A 66 5.26 -4.66 -9.74
C ASN A 66 4.20 -5.74 -9.94
N LEU A 67 3.21 -5.79 -9.05
CA LEU A 67 2.16 -6.79 -9.13
C LEU A 67 1.42 -6.72 -10.47
N PHE A 68 0.84 -5.57 -10.76
CA PHE A 68 0.09 -5.40 -12.01
C PHE A 68 1.02 -5.18 -13.20
N SER A 69 2.05 -4.38 -12.99
CA SER A 69 3.01 -4.06 -14.04
C SER A 69 3.67 -5.32 -14.63
N THR A 70 3.57 -6.44 -13.93
CA THR A 70 4.17 -7.69 -14.41
C THR A 70 3.32 -8.32 -15.50
N LYS A 71 2.15 -8.84 -15.11
CA LYS A 71 1.25 -9.48 -16.06
C LYS A 71 0.12 -10.21 -15.33
N ASP A 72 0.49 -10.99 -14.32
CA ASP A 72 -0.49 -11.75 -13.54
C ASP A 72 -1.62 -10.85 -13.06
N SER A 73 -1.29 -9.93 -12.17
CA SER A 73 -2.30 -9.01 -11.63
C SER A 73 -2.85 -8.11 -12.73
N SER A 74 -2.06 -7.93 -13.80
CA SER A 74 -2.48 -7.10 -14.92
C SER A 74 -3.79 -7.61 -15.52
N ALA A 75 -3.89 -8.93 -15.65
CA ALA A 75 -5.10 -9.54 -16.20
C ALA A 75 -6.22 -9.61 -15.17
N ALA A 76 -5.92 -9.19 -13.94
CA ALA A 76 -6.91 -9.20 -12.86
C ALA A 76 -7.88 -8.03 -13.01
N LEU A 77 -7.35 -6.85 -13.31
CA LEU A 77 -8.18 -5.66 -13.46
C LEU A 77 -8.20 -5.20 -14.92
N ASP A 78 -9.27 -4.50 -15.30
CA ASP A 78 -9.41 -4.00 -16.66
C ASP A 78 -8.18 -3.20 -17.08
N GLU A 79 -7.84 -3.27 -18.36
CA GLU A 79 -6.68 -2.55 -18.89
C GLU A 79 -6.76 -1.06 -18.53
N THR A 80 -7.95 -0.49 -18.61
CA THR A 80 -8.14 0.92 -18.30
C THR A 80 -7.86 1.20 -16.83
N LEU A 81 -8.47 0.41 -15.95
CA LEU A 81 -8.27 0.57 -14.51
C LEU A 81 -6.86 0.17 -14.10
N LEU A 82 -6.34 -0.87 -14.76
CA LEU A 82 -5.00 -1.36 -14.47
C LEU A 82 -3.94 -0.34 -14.88
N ASP A 83 -4.06 0.18 -16.11
CA ASP A 83 -3.11 1.17 -16.61
C ASP A 83 -3.10 2.41 -15.72
N GLU A 84 -4.25 2.71 -15.15
CA GLU A 84 -4.38 3.88 -14.27
C GLU A 84 -3.63 3.63 -12.97
N PHE A 85 -3.59 2.36 -12.56
CA PHE A 85 -2.91 1.97 -11.34
C PHE A 85 -1.43 2.33 -11.41
N TYR A 86 -0.82 2.09 -12.56
CA TYR A 86 0.60 2.39 -12.76
C TYR A 86 0.90 3.84 -12.42
N ILE A 87 0.13 4.75 -13.00
CA ILE A 87 0.31 6.18 -12.78
C ILE A 87 -0.03 6.55 -11.34
N GLU A 88 -1.03 5.88 -10.77
CA GLU A 88 -1.45 6.16 -9.40
C GLU A 88 -0.30 5.96 -8.42
N LEU A 89 0.47 4.90 -8.62
CA LEU A 89 1.61 4.60 -7.76
C LEU A 89 2.81 5.48 -8.10
N ASP A 90 3.02 5.71 -9.39
CA ASP A 90 4.13 6.53 -9.85
C ASP A 90 4.14 7.89 -9.18
N GLN A 91 2.95 8.38 -8.83
CA GLN A 91 2.81 9.68 -8.18
C GLN A 91 3.42 9.64 -6.77
N GLN A 92 3.13 8.57 -6.04
CA GLN A 92 3.64 8.41 -4.68
C GLN A 92 5.13 8.12 -4.70
N LEU A 93 5.57 7.32 -5.67
CA LEU A 93 6.98 6.97 -5.79
C LEU A 93 7.84 8.21 -5.98
N ASN A 94 7.32 9.18 -6.73
CA ASN A 94 8.04 10.42 -7.00
C ASN A 94 8.29 11.19 -5.71
N ASP A 95 7.26 11.28 -4.87
CA ASP A 95 7.36 12.00 -3.60
C ASP A 95 7.62 11.03 -2.45
N LEU A 96 8.86 10.56 -2.35
CA LEU A 96 9.25 9.63 -1.29
C LEU A 96 10.73 9.28 -1.38
N GLU A 97 11.14 8.80 -2.55
CA GLU A 97 12.53 8.43 -2.79
C GLU A 97 13.48 9.59 -2.50
N SER A 98 13.02 10.80 -2.81
CA SER A 98 13.82 12.00 -2.60
C SER A 98 14.11 12.20 -1.11
N CYS A 99 13.19 11.74 -0.26
CA CYS A 99 13.36 11.86 1.18
C CYS A 99 14.48 10.95 1.67
N VAL A 100 14.64 9.80 1.02
CA VAL A 100 15.67 8.84 1.39
C VAL A 100 17.06 9.41 1.11
N MET A 101 17.21 10.06 -0.04
CA MET A 101 18.49 10.65 -0.43
C MET A 101 18.84 11.83 0.46
N GLN A 102 17.80 12.53 0.95
CA GLN A 102 18.00 13.69 1.81
C GLN A 102 18.79 13.32 3.05
N GLU A 103 18.74 12.04 3.43
CA GLU A 103 19.46 11.55 4.61
C GLU A 103 18.85 12.12 5.89
N VAL A 104 17.59 11.79 6.13
CA VAL A 104 16.89 12.25 7.32
C VAL A 104 17.40 11.52 8.57
N GLY A 105 17.56 10.22 8.44
CA GLY A 105 18.06 9.42 9.56
C GLY A 105 17.13 8.27 9.92
N VAL A 106 16.14 8.01 9.07
CA VAL A 106 15.19 6.93 9.31
C VAL A 106 15.53 5.70 8.47
N ILE A 107 16.14 5.93 7.32
CA ILE A 107 16.52 4.85 6.41
C ILE A 107 18.04 4.69 6.34
N GLU A 108 18.64 4.34 7.47
CA GLU A 108 20.08 4.16 7.54
C GLU A 108 20.43 2.87 8.30
N SER A 109 19.79 2.67 9.44
CA SER A 109 20.02 1.49 10.26
C SER A 109 19.70 0.21 9.48
N PRO A 110 20.72 -0.63 9.21
CA PRO A 110 20.53 -1.88 8.47
C PRO A 110 19.44 -2.76 9.08
N LEU A 111 19.28 -2.66 10.39
CA LEU A 111 18.27 -3.45 11.10
C LEU A 111 16.86 -2.96 10.75
N MET A 112 16.70 -1.65 10.65
CA MET A 112 15.41 -1.05 10.33
C MET A 112 14.92 -1.52 8.97
N TYR A 113 15.86 -1.79 8.07
CA TYR A 113 15.54 -2.25 6.72
C TYR A 113 14.83 -3.60 6.77
N GLU A 114 15.37 -4.51 7.55
CA GLU A 114 14.81 -5.86 7.68
C GLU A 114 13.36 -5.82 8.16
N ASP A 115 13.11 -5.12 9.25
CA ASP A 115 11.76 -5.04 9.82
C ASP A 115 10.82 -4.23 8.93
N SER A 116 11.30 -3.11 8.39
CA SER A 116 10.47 -2.25 7.55
C SER A 116 10.31 -2.82 6.14
N ILE A 117 11.42 -3.17 5.50
CA ILE A 117 11.39 -3.70 4.13
C ILE A 117 10.75 -5.08 4.07
N LEU A 118 11.19 -5.99 4.93
CA LEU A 118 10.66 -7.34 4.94
C LEU A 118 9.18 -7.37 5.32
N ALA A 119 8.76 -6.42 6.15
CA ALA A 119 7.37 -6.34 6.58
C ALA A 119 6.43 -6.30 5.37
N VAL A 120 6.81 -5.52 4.36
CA VAL A 120 6.01 -5.40 3.16
C VAL A 120 6.22 -6.61 2.25
N ARG A 121 7.46 -7.04 2.12
CA ARG A 121 7.79 -8.18 1.26
C ARG A 121 7.11 -9.45 1.76
N LYS A 122 7.18 -9.69 3.06
CA LYS A 122 6.55 -10.88 3.65
C LYS A 122 5.06 -10.93 3.35
N TYR A 123 4.39 -9.79 3.55
CA TYR A 123 2.96 -9.70 3.30
C TYR A 123 2.65 -9.77 1.80
N PHE A 124 3.45 -9.06 1.01
CA PHE A 124 3.26 -9.04 -0.43
C PHE A 124 3.31 -10.45 -1.01
N GLN A 125 4.16 -11.29 -0.43
CA GLN A 125 4.30 -12.67 -0.88
C GLN A 125 3.05 -13.47 -0.56
N ARG A 126 2.42 -13.16 0.58
CA ARG A 126 1.21 -13.86 1.00
C ARG A 126 0.11 -13.73 -0.04
N ILE A 127 -0.04 -12.54 -0.62
CA ILE A 127 -1.05 -12.30 -1.63
C ILE A 127 -0.88 -13.23 -2.82
N THR A 128 0.34 -13.35 -3.31
CA THR A 128 0.64 -14.20 -4.46
C THR A 128 0.30 -15.65 -4.16
N LEU A 129 0.74 -16.15 -3.00
CA LEU A 129 0.47 -17.52 -2.61
C LEU A 129 -0.99 -17.71 -2.22
N TYR A 130 -1.57 -16.68 -1.61
CA TYR A 130 -2.96 -16.74 -1.18
C TYR A 130 -3.90 -16.88 -2.37
N LEU A 131 -3.77 -15.98 -3.33
CA LEU A 131 -4.62 -16.01 -4.53
C LEU A 131 -4.43 -17.31 -5.30
N THR A 132 -3.21 -17.85 -5.26
CA THR A 132 -2.90 -19.09 -5.96
C THR A 132 -3.83 -20.22 -5.52
N GLU A 133 -4.24 -20.18 -4.25
CA GLU A 133 -5.14 -21.20 -3.71
C GLU A 133 -6.53 -21.08 -4.33
N LYS A 134 -6.91 -19.88 -4.71
CA LYS A 134 -8.22 -19.65 -5.32
C LYS A 134 -8.12 -19.48 -6.83
N LYS A 135 -6.89 -19.48 -7.35
CA LYS A 135 -6.67 -19.33 -8.78
C LYS A 135 -7.23 -17.99 -9.29
N TYR A 136 -7.26 -17.00 -8.41
CA TYR A 136 -7.77 -15.68 -8.77
C TYR A 136 -9.21 -15.76 -9.25
N SER A 137 -10.10 -16.19 -8.35
CA SER A 137 -11.51 -16.32 -8.69
C SER A 137 -12.15 -14.94 -8.88
N SER A 138 -12.43 -14.27 -7.77
CA SER A 138 -13.06 -12.95 -7.82
C SER A 138 -12.98 -12.26 -6.46
N CYS A 139 -13.35 -12.99 -5.42
CA CYS A 139 -13.32 -12.45 -4.07
C CYS A 139 -11.89 -12.34 -3.55
N ALA A 140 -11.03 -13.24 -4.01
CA ALA A 140 -9.63 -13.24 -3.60
C ALA A 140 -8.99 -11.89 -3.90
N TRP A 141 -9.33 -11.31 -5.04
CA TRP A 141 -8.78 -10.02 -5.44
C TRP A 141 -9.40 -8.89 -4.61
N GLU A 142 -10.67 -9.06 -4.26
CA GLU A 142 -11.39 -8.06 -3.47
C GLU A 142 -10.79 -7.94 -2.07
N VAL A 143 -10.52 -9.07 -1.44
CA VAL A 143 -9.96 -9.08 -0.10
C VAL A 143 -8.58 -8.43 -0.08
N VAL A 144 -7.76 -8.74 -1.08
CA VAL A 144 -6.42 -8.19 -1.17
C VAL A 144 -6.45 -6.73 -1.60
N ARG A 145 -7.23 -6.43 -2.63
CA ARG A 145 -7.35 -5.06 -3.13
C ARG A 145 -8.00 -4.16 -2.09
N ALA A 146 -9.02 -4.70 -1.41
CA ALA A 146 -9.72 -3.95 -0.38
C ALA A 146 -8.77 -3.47 0.70
N GLU A 147 -7.70 -4.22 0.91
CA GLU A 147 -6.70 -3.86 1.92
C GLU A 147 -5.94 -2.62 1.50
N ILE A 148 -5.65 -2.52 0.21
CA ILE A 148 -4.93 -1.37 -0.33
C ILE A 148 -5.65 -0.08 0.01
N MET A 149 -6.96 -0.17 0.17
CA MET A 149 -7.79 0.98 0.49
C MET A 149 -7.31 1.67 1.78
N ARG A 150 -7.09 0.90 2.84
CA ARG A 150 -6.65 1.45 4.09
C ARG A 150 -5.23 1.98 3.98
N SER A 151 -4.36 1.23 3.32
CA SER A 151 -2.98 1.65 3.15
C SER A 151 -2.91 3.01 2.45
N PHE A 152 -3.84 3.24 1.53
CA PHE A 152 -3.89 4.50 0.80
C PHE A 152 -4.06 5.68 1.76
N SER A 153 -4.91 5.50 2.77
CA SER A 153 -5.15 6.55 3.75
C SER A 153 -4.33 6.35 5.02
N LEU A 154 -3.83 5.13 5.22
CA LEU A 154 -3.02 4.83 6.41
C LEU A 154 -1.70 5.58 6.36
N SER A 155 -1.02 5.49 5.22
CA SER A 155 0.27 6.16 5.05
C SER A 155 0.19 7.65 5.34
N ILE A 156 -0.92 8.28 4.95
CA ILE A 156 -1.09 9.71 5.16
C ILE A 156 -1.77 10.01 6.49
N ASN A 157 -2.69 9.14 6.91
CA ASN A 157 -3.41 9.33 8.16
C ASN A 157 -2.52 8.95 9.35
N LEU A 158 -1.56 8.06 9.12
CA LEU A 158 -0.66 7.61 10.17
C LEU A 158 0.12 8.78 10.78
N GLN A 159 0.73 9.60 9.94
CA GLN A 159 1.51 10.75 10.39
C GLN A 159 0.70 11.60 11.38
N LYS A 160 -0.59 11.69 11.13
CA LYS A 160 -1.49 12.47 11.99
C LYS A 160 -1.62 11.83 13.37
N ARG A 161 -1.48 10.51 13.41
CA ARG A 161 -1.59 9.78 14.67
C ARG A 161 -0.21 9.60 15.32
N LEU A 162 -0.11 9.97 16.59
CA LEU A 162 1.15 9.85 17.32
C LEU A 162 1.03 8.80 18.42
N LYS A 163 0.23 9.11 19.44
CA LYS A 163 0.03 8.19 20.56
C LYS A 163 -1.10 8.67 21.46
N SER A 164 -1.15 9.97 21.71
CA SER A 164 -2.17 10.56 22.55
C SER A 164 -2.92 11.64 21.78
N LYS A 165 -2.91 12.81 22.35
CA LYS A 165 -3.56 13.97 21.77
C LYS A 165 -3.31 15.22 22.59
N GLU A 166 -2.07 15.39 23.03
CA GLU A 166 -1.69 16.55 23.84
C GLU A 166 -1.91 17.85 23.07
N CYS A 1 12.61 16.21 4.87
CA CYS A 1 11.89 16.49 3.61
C CYS A 1 11.34 17.92 3.58
N ASP A 2 11.89 18.74 2.70
CA ASP A 2 11.47 20.12 2.57
C ASP A 2 10.09 20.21 1.92
N LEU A 3 9.11 20.72 2.69
CA LEU A 3 7.75 20.86 2.20
C LEU A 3 7.22 22.27 2.45
N PRO A 4 7.55 23.22 1.56
CA PRO A 4 7.11 24.61 1.69
C PRO A 4 5.59 24.72 1.87
N GLN A 5 5.15 25.80 2.51
CA GLN A 5 3.73 26.02 2.74
C GLN A 5 3.14 24.90 3.59
N THR A 6 1.88 25.06 3.99
CA THR A 6 1.20 24.06 4.81
C THR A 6 0.76 22.88 3.95
N HIS A 7 0.51 21.74 4.59
CA HIS A 7 0.08 20.54 3.89
C HIS A 7 -1.45 20.50 3.79
N SER A 8 -1.96 20.44 2.56
CA SER A 8 -3.39 20.40 2.32
C SER A 8 -3.75 19.27 1.35
N LEU A 9 -5.02 18.89 1.33
CA LEU A 9 -5.49 17.83 0.45
C LEU A 9 -4.77 16.53 0.75
N GLY A 10 -5.37 15.41 0.32
CA GLY A 10 -4.77 14.11 0.56
C GLY A 10 -4.96 13.17 -0.60
N ASN A 11 -5.42 11.96 -0.32
CA ASN A 11 -5.63 10.96 -1.35
C ASN A 11 -6.71 11.41 -2.35
N ARG A 12 -7.88 10.77 -2.34
CA ARG A 12 -8.96 11.14 -3.25
C ARG A 12 -8.52 11.00 -4.71
N ARG A 13 -7.48 10.21 -4.94
CA ARG A 13 -6.96 9.99 -6.29
C ARG A 13 -6.89 8.50 -6.60
N ALA A 14 -6.30 7.74 -5.68
CA ALA A 14 -6.17 6.30 -5.85
C ALA A 14 -7.39 5.57 -5.31
N LEU A 15 -8.07 6.20 -4.34
CA LEU A 15 -9.26 5.62 -3.73
C LEU A 15 -10.30 5.28 -4.80
N ILE A 16 -10.47 6.19 -5.76
CA ILE A 16 -11.44 6.00 -6.83
C ILE A 16 -11.15 4.71 -7.61
N LEU A 17 -9.87 4.42 -7.79
CA LEU A 17 -9.46 3.22 -8.51
C LEU A 17 -9.98 1.96 -7.81
N LEU A 18 -9.82 1.93 -6.49
CA LEU A 18 -10.28 0.80 -5.68
C LEU A 18 -11.80 0.69 -5.71
N ALA A 19 -12.46 1.83 -5.84
CA ALA A 19 -13.92 1.88 -5.88
C ALA A 19 -14.47 1.15 -7.10
N GLN A 20 -13.72 1.17 -8.19
CA GLN A 20 -14.15 0.53 -9.43
C GLN A 20 -14.39 -0.97 -9.26
N MET A 21 -13.85 -1.57 -8.20
CA MET A 21 -14.03 -3.00 -7.96
C MET A 21 -15.11 -3.25 -6.92
N ARG A 22 -16.17 -2.47 -6.97
CA ARG A 22 -17.28 -2.61 -6.04
C ARG A 22 -18.46 -3.34 -6.67
N ARG A 23 -18.42 -3.48 -8.00
CA ARG A 23 -19.50 -4.16 -8.72
C ARG A 23 -19.51 -5.66 -8.43
N ILE A 24 -18.44 -6.17 -7.82
CA ILE A 24 -18.36 -7.58 -7.49
C ILE A 24 -19.41 -7.95 -6.44
N SER A 25 -19.69 -9.25 -6.31
CA SER A 25 -20.68 -9.71 -5.35
C SER A 25 -20.00 -10.10 -4.03
N PRO A 26 -20.33 -9.38 -2.93
CA PRO A 26 -19.76 -9.67 -1.62
C PRO A 26 -19.98 -11.12 -1.18
N PHE A 27 -20.91 -11.80 -1.84
CA PHE A 27 -21.22 -13.18 -1.52
C PHE A 27 -20.16 -14.14 -2.08
N SER A 28 -19.20 -13.60 -2.81
CA SER A 28 -18.14 -14.42 -3.40
C SER A 28 -17.23 -14.99 -2.31
N CYS A 29 -17.13 -14.28 -1.19
CA CYS A 29 -16.29 -14.72 -0.08
C CYS A 29 -16.71 -14.03 1.22
N LEU A 30 -16.34 -14.63 2.34
CA LEU A 30 -16.68 -14.07 3.65
C LEU A 30 -15.49 -14.15 4.61
N LYS A 31 -15.10 -15.38 4.96
CA LYS A 31 -13.99 -15.59 5.88
C LYS A 31 -12.64 -15.34 5.20
N ASP A 32 -12.66 -15.09 3.89
CA ASP A 32 -11.44 -14.85 3.14
C ASP A 32 -11.08 -13.35 3.11
N ARG A 33 -11.50 -12.63 4.15
CA ARG A 33 -11.21 -11.19 4.23
C ARG A 33 -10.19 -10.91 5.33
N HIS A 34 -8.92 -10.81 4.93
CA HIS A 34 -7.84 -10.54 5.88
C HIS A 34 -6.88 -9.48 5.34
N ASP A 35 -5.79 -9.26 6.05
CA ASP A 35 -4.79 -8.25 5.65
C ASP A 35 -3.41 -8.88 5.47
N PHE A 36 -3.13 -9.33 4.25
CA PHE A 36 -1.84 -9.95 3.94
C PHE A 36 -0.99 -9.06 3.03
N GLU A 37 -1.50 -7.88 2.68
CA GLU A 37 -0.76 -7.00 1.79
C GLU A 37 -0.11 -5.87 2.55
N PHE A 38 -0.92 -5.13 3.28
CA PHE A 38 -0.43 -4.03 4.06
C PHE A 38 -0.04 -4.48 5.47
N PRO A 39 1.26 -4.38 5.83
CA PRO A 39 1.71 -4.81 7.14
C PRO A 39 1.35 -3.77 8.21
N GLN A 40 0.32 -4.07 8.99
CA GLN A 40 -0.12 -3.15 10.05
C GLN A 40 0.95 -3.00 11.12
N GLU A 41 1.73 -4.05 11.35
CA GLU A 41 2.78 -4.01 12.36
C GLU A 41 3.69 -2.82 12.13
N GLU A 42 4.01 -2.58 10.87
CA GLU A 42 4.85 -1.44 10.49
C GLU A 42 3.95 -0.22 10.27
N PHE A 43 2.68 -0.48 9.95
CA PHE A 43 1.70 0.56 9.70
C PHE A 43 1.00 1.00 11.00
N ASP A 44 1.50 0.54 12.14
CA ASP A 44 0.90 0.89 13.41
C ASP A 44 1.68 2.00 14.12
N ASP A 45 1.03 2.65 15.06
CA ASP A 45 1.65 3.75 15.81
C ASP A 45 2.84 3.27 16.64
N LYS A 46 2.96 1.96 16.82
CA LYS A 46 4.05 1.39 17.61
C LYS A 46 5.39 1.99 17.18
N GLN A 47 5.48 2.38 15.92
CA GLN A 47 6.70 2.96 15.37
C GLN A 47 6.45 3.45 13.95
N PHE A 48 5.58 4.44 13.82
CA PHE A 48 5.23 4.98 12.51
C PHE A 48 5.11 6.50 12.56
N GLN A 49 5.79 7.18 11.64
CA GLN A 49 5.76 8.63 11.56
C GLN A 49 5.76 9.09 10.11
N LYS A 50 5.87 10.40 9.91
CA LYS A 50 5.90 10.97 8.56
C LYS A 50 7.02 10.36 7.74
N ALA A 51 8.26 10.60 8.16
CA ALA A 51 9.43 10.08 7.46
C ALA A 51 9.44 8.55 7.48
N GLN A 52 9.12 7.98 8.63
CA GLN A 52 9.09 6.53 8.79
C GLN A 52 8.17 5.89 7.77
N ALA A 53 7.01 6.52 7.54
CA ALA A 53 6.04 6.01 6.58
C ALA A 53 6.65 5.94 5.19
N ILE A 54 7.51 6.90 4.86
CA ILE A 54 8.15 6.94 3.55
C ILE A 54 8.89 5.64 3.26
N SER A 55 9.43 5.03 4.31
CA SER A 55 10.17 3.79 4.16
C SER A 55 9.24 2.63 3.76
N VAL A 56 8.17 2.45 4.53
CA VAL A 56 7.22 1.37 4.26
C VAL A 56 6.39 1.66 3.02
N LEU A 57 5.84 2.87 2.94
CA LEU A 57 5.01 3.26 1.80
C LEU A 57 5.75 3.11 0.48
N HIS A 58 7.00 3.57 0.44
CA HIS A 58 7.80 3.49 -0.78
C HIS A 58 7.87 2.06 -1.30
N GLU A 59 8.23 1.13 -0.43
CA GLU A 59 8.34 -0.27 -0.82
C GLU A 59 6.96 -0.85 -1.11
N MET A 60 5.99 -0.51 -0.27
CA MET A 60 4.62 -0.99 -0.43
C MET A 60 4.06 -0.59 -1.80
N ILE A 61 4.21 0.67 -2.15
CA ILE A 61 3.72 1.17 -3.43
C ILE A 61 4.54 0.60 -4.58
N GLN A 62 5.83 0.45 -4.37
CA GLN A 62 6.72 -0.09 -5.39
C GLN A 62 6.36 -1.55 -5.69
N GLN A 63 6.01 -2.29 -4.64
CA GLN A 63 5.64 -3.69 -4.80
C GLN A 63 4.31 -3.82 -5.53
N THR A 64 3.36 -2.97 -5.18
CA THR A 64 2.04 -2.99 -5.80
C THR A 64 2.15 -2.74 -7.31
N PHE A 65 3.12 -1.93 -7.70
CA PHE A 65 3.34 -1.61 -9.10
C PHE A 65 3.76 -2.87 -9.87
N ASN A 66 4.71 -3.60 -9.32
CA ASN A 66 5.21 -4.81 -9.95
C ASN A 66 4.13 -5.90 -10.01
N LEU A 67 3.21 -5.88 -9.05
CA LEU A 67 2.14 -6.87 -8.99
C LEU A 67 1.31 -6.86 -10.27
N PHE A 68 0.72 -5.72 -10.58
CA PHE A 68 -0.11 -5.59 -11.78
C PHE A 68 0.76 -5.44 -13.03
N SER A 69 1.84 -4.68 -12.89
CA SER A 69 2.75 -4.43 -14.01
C SER A 69 3.40 -5.72 -14.55
N THR A 70 3.26 -6.82 -13.82
CA THR A 70 3.84 -8.08 -14.26
C THR A 70 2.92 -8.79 -15.24
N LYS A 71 1.85 -9.38 -14.71
CA LYS A 71 0.88 -10.11 -15.53
C LYS A 71 -0.20 -10.75 -14.66
N ASP A 72 0.21 -11.39 -13.58
CA ASP A 72 -0.72 -12.05 -12.66
C ASP A 72 -1.90 -11.14 -12.33
N SER A 73 -1.63 -10.08 -11.58
CA SER A 73 -2.68 -9.13 -11.20
C SER A 73 -3.15 -8.34 -12.41
N SER A 74 -2.30 -8.24 -13.43
CA SER A 74 -2.65 -7.51 -14.65
C SER A 74 -3.94 -8.05 -15.26
N ALA A 75 -4.07 -9.37 -15.25
CA ALA A 75 -5.26 -10.02 -15.79
C ALA A 75 -6.44 -9.92 -14.84
N ALA A 76 -6.21 -9.37 -13.65
CA ALA A 76 -7.25 -9.22 -12.66
C ALA A 76 -8.17 -8.04 -12.98
N LEU A 77 -7.58 -6.96 -13.48
CA LEU A 77 -8.37 -5.77 -13.83
C LEU A 77 -8.16 -5.40 -15.29
N ASP A 78 -9.18 -4.79 -15.89
CA ASP A 78 -9.11 -4.37 -17.29
C ASP A 78 -7.88 -3.51 -17.53
N GLU A 79 -7.38 -3.53 -18.77
CA GLU A 79 -6.20 -2.75 -19.12
C GLU A 79 -6.40 -1.27 -18.80
N THR A 80 -7.64 -0.80 -18.90
CA THR A 80 -7.95 0.59 -18.63
C THR A 80 -7.80 0.89 -17.14
N LEU A 81 -8.43 0.07 -16.31
CA LEU A 81 -8.36 0.23 -14.85
C LEU A 81 -6.97 -0.13 -14.35
N LEU A 82 -6.38 -1.17 -14.95
CA LEU A 82 -5.05 -1.63 -14.57
C LEU A 82 -3.99 -0.61 -14.95
N ASP A 83 -4.08 -0.10 -16.18
CA ASP A 83 -3.12 0.89 -16.66
C ASP A 83 -3.14 2.14 -15.78
N GLU A 84 -4.31 2.45 -15.23
CA GLU A 84 -4.48 3.61 -14.37
C GLU A 84 -3.76 3.39 -13.05
N PHE A 85 -3.72 2.12 -12.62
CA PHE A 85 -3.06 1.75 -11.38
C PHE A 85 -1.59 2.13 -11.41
N TYR A 86 -0.95 1.88 -12.56
CA TYR A 86 0.47 2.19 -12.72
C TYR A 86 0.76 3.65 -12.41
N ILE A 87 -0.01 4.54 -13.04
CA ILE A 87 0.17 5.98 -12.83
C ILE A 87 -0.10 6.37 -11.39
N GLU A 88 -1.09 5.73 -10.77
CA GLU A 88 -1.43 6.01 -9.39
C GLU A 88 -0.25 5.80 -8.45
N LEU A 89 0.41 4.65 -8.59
CA LEU A 89 1.55 4.31 -7.77
C LEU A 89 2.78 5.16 -8.14
N ASP A 90 3.03 5.30 -9.43
CA ASP A 90 4.17 6.07 -9.91
C ASP A 90 4.15 7.48 -9.32
N GLN A 91 2.96 8.05 -9.19
CA GLN A 91 2.82 9.39 -8.64
C GLN A 91 3.27 9.44 -7.18
N GLN A 92 2.82 8.47 -6.39
CA GLN A 92 3.18 8.39 -4.98
C GLN A 92 4.64 7.99 -4.80
N LEU A 93 5.15 7.19 -5.75
CA LEU A 93 6.54 6.73 -5.68
C LEU A 93 7.51 7.91 -5.69
N ASN A 94 7.28 8.85 -6.59
CA ASN A 94 8.14 10.03 -6.70
C ASN A 94 8.18 10.81 -5.39
N ASP A 95 7.01 11.00 -4.78
CA ASP A 95 6.91 11.73 -3.52
C ASP A 95 7.76 11.07 -2.43
N LEU A 96 7.68 9.75 -2.35
CA LEU A 96 8.44 8.99 -1.36
C LEU A 96 9.92 8.96 -1.71
N GLU A 97 10.22 8.74 -2.99
CA GLU A 97 11.60 8.67 -3.46
C GLU A 97 12.35 9.96 -3.13
N SER A 98 11.64 11.09 -3.19
CA SER A 98 12.24 12.38 -2.91
C SER A 98 12.73 12.45 -1.45
N CYS A 99 12.11 11.68 -0.58
CA CYS A 99 12.47 11.66 0.83
C CYS A 99 13.61 10.68 1.08
N VAL A 100 13.68 9.63 0.26
CA VAL A 100 14.72 8.62 0.40
C VAL A 100 16.10 9.21 0.15
N MET A 101 16.25 9.91 -0.98
CA MET A 101 17.52 10.52 -1.33
C MET A 101 17.86 11.66 -0.37
N GLN A 102 16.83 12.31 0.16
CA GLN A 102 17.01 13.42 1.08
C GLN A 102 17.83 13.00 2.29
N GLU A 103 17.71 11.72 2.67
CA GLU A 103 18.43 11.19 3.81
C GLU A 103 17.90 11.79 5.11
N VAL A 104 16.62 11.56 5.39
CA VAL A 104 15.99 12.08 6.60
C VAL A 104 16.57 11.41 7.84
N GLY A 105 16.73 10.11 7.77
CA GLY A 105 17.29 9.36 8.89
C GLY A 105 16.74 7.95 8.98
N VAL A 106 15.49 7.78 8.59
CA VAL A 106 14.85 6.48 8.63
C VAL A 106 15.25 5.63 7.42
N ILE A 107 15.47 6.29 6.29
CA ILE A 107 15.86 5.61 5.07
C ILE A 107 17.37 5.71 4.84
N GLU A 108 18.14 5.54 5.92
CA GLU A 108 19.60 5.62 5.84
C GLU A 108 20.23 4.39 6.49
N SER A 109 19.73 4.03 7.67
CA SER A 109 20.26 2.88 8.39
C SER A 109 19.88 1.57 7.70
N PRO A 110 20.86 0.79 7.25
CA PRO A 110 20.61 -0.48 6.57
C PRO A 110 19.75 -1.43 7.40
N LEU A 111 19.88 -1.33 8.72
CA LEU A 111 19.11 -2.18 9.62
C LEU A 111 17.62 -1.86 9.53
N MET A 112 17.30 -0.58 9.69
CA MET A 112 15.90 -0.14 9.63
C MET A 112 15.26 -0.52 8.29
N TYR A 113 16.09 -0.70 7.27
CA TYR A 113 15.61 -1.06 5.95
C TYR A 113 14.95 -2.44 5.97
N GLU A 114 15.65 -3.41 6.55
CA GLU A 114 15.15 -4.78 6.62
C GLU A 114 13.81 -4.84 7.35
N ASP A 115 13.75 -4.28 8.54
CA ASP A 115 12.53 -4.29 9.33
C ASP A 115 11.38 -3.61 8.62
N SER A 116 11.65 -2.48 7.97
CA SER A 116 10.62 -1.74 7.26
C SER A 116 10.27 -2.40 5.92
N ILE A 117 11.29 -2.68 5.12
CA ILE A 117 11.07 -3.29 3.80
C ILE A 117 10.55 -4.72 3.91
N LEU A 118 11.21 -5.54 4.72
CA LEU A 118 10.79 -6.94 4.89
C LEU A 118 9.34 -7.03 5.35
N ALA A 119 8.91 -6.04 6.14
CA ALA A 119 7.55 -6.01 6.65
C ALA A 119 6.54 -6.13 5.51
N VAL A 120 6.87 -5.54 4.37
CA VAL A 120 6.00 -5.58 3.21
C VAL A 120 6.18 -6.87 2.43
N ARG A 121 7.43 -7.25 2.19
CA ARG A 121 7.74 -8.46 1.45
C ARG A 121 7.12 -9.69 2.12
N LYS A 122 7.25 -9.76 3.45
CA LYS A 122 6.71 -10.88 4.20
C LYS A 122 5.22 -11.03 3.95
N TYR A 123 4.49 -9.91 3.98
CA TYR A 123 3.06 -9.91 3.74
C TYR A 123 2.76 -10.14 2.26
N PHE A 124 3.49 -9.43 1.41
CA PHE A 124 3.31 -9.55 -0.04
C PHE A 124 3.35 -11.00 -0.48
N GLN A 125 4.12 -11.82 0.24
CA GLN A 125 4.23 -13.23 -0.08
C GLN A 125 2.92 -13.96 0.21
N ARG A 126 2.21 -13.51 1.25
CA ARG A 126 0.93 -14.11 1.62
C ARG A 126 -0.07 -14.01 0.49
N ILE A 127 -0.18 -12.81 -0.10
CA ILE A 127 -1.11 -12.58 -1.19
C ILE A 127 -0.89 -13.59 -2.33
N THR A 128 0.37 -13.82 -2.67
CA THR A 128 0.71 -14.76 -3.73
C THR A 128 0.20 -16.16 -3.42
N LEU A 129 0.45 -16.61 -2.19
CA LEU A 129 0.01 -17.93 -1.77
C LEU A 129 -1.51 -17.96 -1.56
N TYR A 130 -2.05 -16.84 -1.09
CA TYR A 130 -3.48 -16.74 -0.84
C TYR A 130 -4.28 -16.93 -2.13
N LEU A 131 -3.95 -16.14 -3.15
CA LEU A 131 -4.63 -16.21 -4.43
C LEU A 131 -4.38 -17.55 -5.12
N THR A 132 -3.16 -18.06 -4.99
CA THR A 132 -2.80 -19.35 -5.59
C THR A 132 -3.72 -20.45 -5.11
N GLU A 133 -4.14 -20.36 -3.85
CA GLU A 133 -5.02 -21.36 -3.27
C GLU A 133 -6.40 -21.31 -3.91
N LYS A 134 -6.83 -20.11 -4.31
CA LYS A 134 -8.12 -19.93 -4.94
C LYS A 134 -8.00 -19.90 -6.46
N LYS A 135 -6.78 -19.92 -6.97
CA LYS A 135 -6.54 -19.90 -8.40
C LYS A 135 -7.05 -18.60 -9.01
N TYR A 136 -7.05 -17.53 -8.22
CA TYR A 136 -7.51 -16.22 -8.69
C TYR A 136 -8.95 -16.32 -9.21
N SER A 137 -9.88 -16.60 -8.30
CA SER A 137 -11.29 -16.72 -8.68
C SER A 137 -11.89 -15.35 -8.98
N SER A 138 -12.01 -14.51 -7.95
CA SER A 138 -12.57 -13.17 -8.10
C SER A 138 -12.53 -12.41 -6.79
N CYS A 139 -12.98 -13.05 -5.72
CA CYS A 139 -12.98 -12.43 -4.40
C CYS A 139 -11.58 -12.34 -3.84
N ALA A 140 -10.73 -13.31 -4.19
CA ALA A 140 -9.35 -13.34 -3.72
C ALA A 140 -8.63 -12.04 -4.08
N TRP A 141 -8.86 -11.58 -5.30
CA TRP A 141 -8.24 -10.35 -5.78
C TRP A 141 -8.88 -9.12 -5.14
N GLU A 142 -10.18 -9.20 -4.87
CA GLU A 142 -10.91 -8.10 -4.26
C GLU A 142 -10.41 -7.81 -2.85
N VAL A 143 -10.32 -8.85 -2.03
CA VAL A 143 -9.85 -8.68 -0.65
C VAL A 143 -8.44 -8.13 -0.60
N VAL A 144 -7.56 -8.67 -1.44
CA VAL A 144 -6.17 -8.23 -1.48
C VAL A 144 -6.07 -6.80 -2.00
N ARG A 145 -6.80 -6.49 -3.07
CA ARG A 145 -6.77 -5.15 -3.65
C ARG A 145 -7.49 -4.16 -2.75
N ALA A 146 -8.72 -4.49 -2.37
CA ALA A 146 -9.51 -3.62 -1.50
C ALA A 146 -8.76 -3.31 -0.22
N GLU A 147 -7.92 -4.26 0.20
CA GLU A 147 -7.13 -4.10 1.42
C GLU A 147 -6.05 -3.03 1.24
N ILE A 148 -5.50 -2.97 0.03
CA ILE A 148 -4.44 -2.00 -0.28
C ILE A 148 -4.80 -0.60 0.23
N MET A 149 -6.08 -0.31 0.28
CA MET A 149 -6.56 0.99 0.75
C MET A 149 -6.05 1.29 2.17
N ARG A 150 -5.95 0.25 3.00
CA ARG A 150 -5.49 0.42 4.38
C ARG A 150 -4.02 0.82 4.46
N SER A 151 -3.19 0.23 3.61
CA SER A 151 -1.76 0.52 3.60
C SER A 151 -1.51 2.01 3.39
N PHE A 152 -2.34 2.63 2.57
CA PHE A 152 -2.20 4.05 2.29
C PHE A 152 -3.12 4.87 3.20
N SER A 153 -4.36 4.44 3.31
CA SER A 153 -5.35 5.13 4.14
C SER A 153 -4.80 5.42 5.54
N LEU A 154 -4.53 4.37 6.31
CA LEU A 154 -4.01 4.54 7.67
C LEU A 154 -2.75 5.40 7.67
N SER A 155 -1.87 5.18 6.70
CA SER A 155 -0.62 5.94 6.60
C SER A 155 -0.87 7.44 6.66
N ILE A 156 -2.09 7.86 6.30
CA ILE A 156 -2.44 9.28 6.32
C ILE A 156 -2.61 9.81 7.74
N ASN A 157 -3.53 9.22 8.49
CA ASN A 157 -3.79 9.65 9.86
C ASN A 157 -2.81 9.01 10.84
N LEU A 158 -2.39 7.79 10.55
CA LEU A 158 -1.46 7.08 11.42
C LEU A 158 -0.15 7.85 11.57
N GLN A 159 0.26 8.52 10.50
CA GLN A 159 1.49 9.32 10.51
C GLN A 159 1.41 10.40 11.58
N LYS A 160 0.23 10.97 11.77
CA LYS A 160 0.02 12.02 12.75
C LYS A 160 0.17 11.49 14.17
N ARG A 161 -0.03 10.19 14.34
CA ARG A 161 0.09 9.55 15.65
C ARG A 161 -1.08 9.95 16.56
N LEU A 162 -1.18 11.24 16.85
CA LEU A 162 -2.24 11.76 17.71
C LEU A 162 -2.04 11.31 19.15
N LYS A 163 -1.03 11.87 19.81
CA LYS A 163 -0.74 11.52 21.20
C LYS A 163 -1.04 12.69 22.12
N SER A 164 -2.33 12.88 22.42
CA SER A 164 -2.76 13.97 23.29
C SER A 164 -3.59 13.46 24.46
N LYS A 165 -3.68 12.16 24.53
CA LYS A 165 -4.43 11.48 25.57
C LYS A 165 -5.88 11.95 25.60
N GLU A 166 -6.49 12.05 24.43
CA GLU A 166 -7.87 12.49 24.31
C GLU A 166 -8.04 13.90 24.87
N CYS A 1 7.97 15.31 -0.90
CA CYS A 1 8.56 15.76 0.39
C CYS A 1 9.16 17.16 0.27
N ASP A 2 10.08 17.32 -0.69
CA ASP A 2 10.72 18.61 -0.91
C ASP A 2 9.82 19.54 -1.70
N LEU A 3 9.92 20.84 -1.43
CA LEU A 3 9.12 21.85 -2.12
C LEU A 3 7.63 21.58 -1.90
N PRO A 4 7.16 21.68 -0.65
CA PRO A 4 5.74 21.46 -0.31
C PRO A 4 4.83 22.49 -0.97
N GLN A 5 3.62 22.06 -1.33
CA GLN A 5 2.65 22.95 -1.96
C GLN A 5 1.38 23.05 -1.12
N THR A 6 0.74 21.92 -0.90
CA THR A 6 -0.50 21.88 -0.12
C THR A 6 -0.84 20.45 0.29
N HIS A 7 -0.98 20.22 1.58
CA HIS A 7 -1.31 18.90 2.10
C HIS A 7 -2.12 18.99 3.38
N SER A 8 -3.40 18.64 3.29
CA SER A 8 -4.29 18.68 4.43
C SER A 8 -5.55 17.84 4.20
N LEU A 9 -6.36 17.68 5.23
CA LEU A 9 -7.59 16.90 5.13
C LEU A 9 -7.28 15.43 4.95
N GLY A 10 -6.75 15.07 3.78
CA GLY A 10 -6.43 13.69 3.50
C GLY A 10 -6.03 13.47 2.05
N ASN A 11 -6.07 12.21 1.61
CA ASN A 11 -5.72 11.87 0.24
C ASN A 11 -6.94 11.86 -0.64
N ARG A 12 -7.81 10.88 -0.42
CA ARG A 12 -9.04 10.73 -1.19
C ARG A 12 -8.77 10.80 -2.68
N ARG A 13 -7.66 10.21 -3.11
CA ARG A 13 -7.28 10.20 -4.52
C ARG A 13 -7.15 8.78 -5.05
N ALA A 14 -6.39 7.96 -4.34
CA ALA A 14 -6.18 6.58 -4.73
C ALA A 14 -7.36 5.69 -4.33
N LEU A 15 -8.07 6.11 -3.28
CA LEU A 15 -9.22 5.36 -2.80
C LEU A 15 -10.26 5.18 -3.89
N ILE A 16 -10.38 6.19 -4.75
CA ILE A 16 -11.35 6.14 -5.84
C ILE A 16 -11.04 4.98 -6.79
N LEU A 17 -9.75 4.72 -6.99
CA LEU A 17 -9.31 3.63 -7.86
C LEU A 17 -9.85 2.30 -7.36
N LEU A 18 -9.71 2.06 -6.07
CA LEU A 18 -10.18 0.82 -5.46
C LEU A 18 -11.71 0.74 -5.50
N ALA A 19 -12.36 1.89 -5.47
CA ALA A 19 -13.81 1.97 -5.49
C ALA A 19 -14.38 1.25 -6.71
N GLN A 20 -13.63 1.24 -7.79
CA GLN A 20 -14.06 0.58 -9.03
C GLN A 20 -14.33 -0.91 -8.82
N MET A 21 -13.89 -1.45 -7.68
CA MET A 21 -14.10 -2.87 -7.39
C MET A 21 -15.43 -3.08 -6.65
N ARG A 22 -16.45 -2.34 -7.07
CA ARG A 22 -17.77 -2.44 -6.46
C ARG A 22 -18.69 -3.37 -7.25
N ARG A 23 -18.27 -3.73 -8.47
CA ARG A 23 -19.07 -4.60 -9.32
C ARG A 23 -19.14 -6.03 -8.77
N ILE A 24 -18.31 -6.33 -7.77
CA ILE A 24 -18.32 -7.66 -7.17
C ILE A 24 -19.14 -7.67 -5.89
N SER A 25 -19.80 -8.80 -5.61
CA SER A 25 -20.62 -8.93 -4.42
C SER A 25 -19.79 -9.41 -3.24
N PRO A 26 -19.92 -8.76 -2.07
CA PRO A 26 -19.18 -9.15 -0.86
C PRO A 26 -19.51 -10.56 -0.40
N PHE A 27 -20.62 -11.09 -0.90
CA PHE A 27 -21.06 -12.44 -0.54
C PHE A 27 -20.29 -13.50 -1.34
N SER A 28 -19.44 -13.07 -2.26
CA SER A 28 -18.66 -13.99 -3.09
C SER A 28 -17.64 -14.73 -2.23
N CYS A 29 -17.17 -14.08 -1.17
CA CYS A 29 -16.19 -14.67 -0.27
C CYS A 29 -16.42 -14.21 1.17
N LEU A 30 -16.15 -15.09 2.12
CA LEU A 30 -16.34 -14.77 3.53
C LEU A 30 -15.07 -15.07 4.33
N LYS A 31 -14.65 -16.34 4.31
CA LYS A 31 -13.45 -16.75 5.03
C LYS A 31 -12.18 -16.27 4.35
N ASP A 32 -12.33 -15.70 3.15
CA ASP A 32 -11.18 -15.20 2.40
C ASP A 32 -10.92 -13.72 2.67
N ARG A 33 -11.31 -13.27 3.86
CA ARG A 33 -11.12 -11.87 4.25
C ARG A 33 -9.99 -11.73 5.26
N HIS A 34 -8.78 -11.48 4.78
CA HIS A 34 -7.63 -11.31 5.64
C HIS A 34 -6.72 -10.18 5.17
N ASP A 35 -5.63 -9.96 5.89
CA ASP A 35 -4.68 -8.89 5.55
C ASP A 35 -3.28 -9.44 5.31
N PHE A 36 -2.99 -9.84 4.07
CA PHE A 36 -1.68 -10.37 3.71
C PHE A 36 -0.91 -9.40 2.81
N GLU A 37 -1.49 -8.24 2.51
CA GLU A 37 -0.84 -7.28 1.64
C GLU A 37 -0.15 -6.20 2.45
N PHE A 38 -0.94 -5.51 3.24
CA PHE A 38 -0.43 -4.44 4.06
C PHE A 38 0.05 -4.96 5.42
N PRO A 39 1.37 -4.94 5.69
CA PRO A 39 1.89 -5.42 6.96
C PRO A 39 1.52 -4.45 8.08
N GLN A 40 0.55 -4.85 8.89
CA GLN A 40 0.07 -4.00 9.99
C GLN A 40 1.17 -3.81 11.03
N GLU A 41 2.02 -4.81 11.20
CA GLU A 41 3.10 -4.72 12.18
C GLU A 41 3.91 -3.45 11.96
N GLU A 42 4.16 -3.13 10.70
CA GLU A 42 4.89 -1.93 10.35
C GLU A 42 3.93 -0.74 10.25
N PHE A 43 2.68 -1.02 9.90
CA PHE A 43 1.66 0.01 9.75
C PHE A 43 0.95 0.31 11.07
N ASP A 44 1.48 -0.21 12.17
CA ASP A 44 0.88 0.02 13.48
C ASP A 44 1.45 1.28 14.13
N ASP A 45 0.56 2.09 14.70
CA ASP A 45 0.96 3.33 15.34
C ASP A 45 1.51 3.09 16.74
N LYS A 46 1.62 1.82 17.13
CA LYS A 46 2.12 1.46 18.45
C LYS A 46 3.63 1.70 18.56
N GLN A 47 4.27 1.99 17.43
CA GLN A 47 5.70 2.24 17.41
C GLN A 47 6.10 2.56 15.99
N PHE A 48 5.59 3.68 15.50
CA PHE A 48 5.83 4.09 14.14
C PHE A 48 5.59 5.59 13.96
N GLN A 49 6.40 6.23 13.12
CA GLN A 49 6.27 7.66 12.87
C GLN A 49 6.06 7.98 11.40
N LYS A 50 5.96 9.26 11.08
CA LYS A 50 5.76 9.71 9.70
C LYS A 50 6.93 9.31 8.81
N ALA A 51 8.13 9.72 9.20
CA ALA A 51 9.33 9.40 8.43
C ALA A 51 9.51 7.90 8.28
N GLN A 52 9.31 7.18 9.38
CA GLN A 52 9.45 5.72 9.38
C GLN A 52 8.50 5.10 8.36
N ALA A 53 7.27 5.62 8.31
CA ALA A 53 6.27 5.12 7.38
C ALA A 53 6.74 5.25 5.94
N ILE A 54 7.52 6.30 5.68
CA ILE A 54 8.05 6.55 4.35
C ILE A 54 8.86 5.36 3.84
N SER A 55 9.52 4.67 4.77
CA SER A 55 10.34 3.51 4.43
C SER A 55 9.48 2.34 3.95
N VAL A 56 8.49 1.96 4.75
CA VAL A 56 7.59 0.86 4.40
C VAL A 56 6.69 1.23 3.24
N LEU A 57 6.12 2.43 3.31
CA LEU A 57 5.22 2.91 2.26
C LEU A 57 5.84 2.79 0.88
N HIS A 58 7.10 3.20 0.76
CA HIS A 58 7.80 3.13 -0.52
C HIS A 58 7.82 1.71 -1.07
N GLU A 59 8.21 0.76 -0.22
CA GLU A 59 8.28 -0.64 -0.61
C GLU A 59 6.88 -1.20 -0.84
N MET A 60 5.97 -0.89 0.07
CA MET A 60 4.59 -1.36 -0.03
C MET A 60 3.97 -0.96 -1.36
N ILE A 61 4.11 0.31 -1.72
CA ILE A 61 3.57 0.82 -2.97
C ILE A 61 4.36 0.29 -4.16
N GLN A 62 5.69 0.35 -4.06
CA GLN A 62 6.56 -0.11 -5.14
C GLN A 62 6.25 -1.57 -5.48
N GLN A 63 6.07 -2.40 -4.46
CA GLN A 63 5.77 -3.81 -4.65
C GLN A 63 4.41 -3.97 -5.33
N THR A 64 3.44 -3.19 -4.87
CA THR A 64 2.09 -3.25 -5.44
C THR A 64 2.10 -2.79 -6.88
N PHE A 65 2.89 -1.78 -7.18
CA PHE A 65 2.99 -1.25 -8.53
C PHE A 65 3.49 -2.33 -9.50
N ASN A 66 4.44 -3.13 -9.04
CA ASN A 66 5.01 -4.20 -9.84
C ASN A 66 3.99 -5.31 -10.07
N LEU A 67 3.08 -5.49 -9.11
CA LEU A 67 2.07 -6.53 -9.20
C LEU A 67 1.22 -6.37 -10.45
N PHE A 68 0.60 -5.20 -10.60
CA PHE A 68 -0.25 -4.93 -11.76
C PHE A 68 0.60 -4.60 -12.98
N SER A 69 1.70 -3.90 -12.75
CA SER A 69 2.61 -3.49 -13.82
C SER A 69 3.22 -4.69 -14.55
N THR A 70 3.11 -5.88 -13.96
CA THR A 70 3.67 -7.07 -14.58
C THR A 70 2.73 -7.64 -15.64
N LYS A 71 1.62 -8.22 -15.19
CA LYS A 71 0.64 -8.80 -16.09
C LYS A 71 -0.43 -9.58 -15.32
N ASP A 72 0.02 -10.40 -14.39
CA ASP A 72 -0.89 -11.22 -13.58
C ASP A 72 -2.05 -10.37 -13.03
N SER A 73 -1.73 -9.46 -12.13
CA SER A 73 -2.73 -8.59 -11.54
C SER A 73 -3.28 -7.61 -12.58
N SER A 74 -2.49 -7.35 -13.62
CA SER A 74 -2.90 -6.45 -14.69
C SER A 74 -4.21 -6.89 -15.30
N ALA A 75 -4.37 -8.21 -15.44
CA ALA A 75 -5.58 -8.78 -16.02
C ALA A 75 -6.74 -8.75 -15.03
N ALA A 76 -6.47 -8.32 -13.80
CA ALA A 76 -7.50 -8.25 -12.77
C ALA A 76 -8.38 -7.03 -12.96
N LEU A 77 -7.79 -5.92 -13.40
CA LEU A 77 -8.53 -4.70 -13.62
C LEU A 77 -8.48 -4.29 -15.08
N ASP A 78 -9.49 -3.54 -15.52
CA ASP A 78 -9.54 -3.08 -16.91
C ASP A 78 -8.32 -2.24 -17.25
N GLU A 79 -7.92 -2.27 -18.51
CA GLU A 79 -6.76 -1.52 -18.97
C GLU A 79 -6.87 -0.05 -18.58
N THR A 80 -8.10 0.46 -18.59
CA THR A 80 -8.33 1.86 -18.23
C THR A 80 -8.05 2.09 -16.75
N LEU A 81 -8.64 1.25 -15.91
CA LEU A 81 -8.45 1.36 -14.46
C LEU A 81 -7.03 0.95 -14.08
N LEU A 82 -6.51 -0.04 -14.78
CA LEU A 82 -5.15 -0.52 -14.52
C LEU A 82 -4.12 0.54 -14.90
N ASP A 83 -4.37 1.25 -15.99
CA ASP A 83 -3.46 2.30 -16.44
C ASP A 83 -3.36 3.40 -15.39
N GLU A 84 -4.51 3.79 -14.85
CA GLU A 84 -4.55 4.81 -13.80
C GLU A 84 -3.96 4.24 -12.52
N PHE A 85 -4.09 2.92 -12.37
CA PHE A 85 -3.59 2.21 -11.22
C PHE A 85 -2.07 2.42 -11.07
N TYR A 86 -1.38 2.46 -12.20
CA TYR A 86 0.07 2.64 -12.19
C TYR A 86 0.43 4.03 -11.65
N ILE A 87 -0.20 5.06 -12.21
CA ILE A 87 0.07 6.43 -11.79
C ILE A 87 -0.28 6.65 -10.32
N GLU A 88 -1.32 5.98 -9.86
CA GLU A 88 -1.76 6.11 -8.47
C GLU A 88 -0.66 5.70 -7.51
N LEU A 89 0.00 4.58 -7.80
CA LEU A 89 1.06 4.07 -6.95
C LEU A 89 2.39 4.77 -7.24
N ASP A 90 2.59 5.17 -8.49
CA ASP A 90 3.82 5.83 -8.89
C ASP A 90 4.01 7.17 -8.19
N GLN A 91 2.91 7.81 -7.81
CA GLN A 91 2.98 9.10 -7.14
C GLN A 91 3.53 8.98 -5.72
N GLN A 92 3.16 7.90 -5.03
CA GLN A 92 3.63 7.67 -3.67
C GLN A 92 5.09 7.26 -3.65
N LEU A 93 5.54 6.62 -4.73
CA LEU A 93 6.93 6.16 -4.83
C LEU A 93 7.91 7.32 -4.61
N ASN A 94 7.63 8.45 -5.24
CA ASN A 94 8.50 9.62 -5.12
C ASN A 94 8.51 10.14 -3.68
N ASP A 95 7.44 9.89 -2.95
CA ASP A 95 7.33 10.35 -1.56
C ASP A 95 8.56 9.98 -0.74
N LEU A 96 9.16 8.83 -1.06
CA LEU A 96 10.35 8.37 -0.36
C LEU A 96 11.62 8.96 -0.96
N GLU A 97 11.73 8.86 -2.29
CA GLU A 97 12.89 9.38 -3.00
C GLU A 97 13.11 10.86 -2.68
N SER A 98 12.02 11.59 -2.53
CA SER A 98 12.09 13.02 -2.23
C SER A 98 12.38 13.28 -0.76
N CYS A 99 12.39 12.21 0.05
CA CYS A 99 12.64 12.33 1.48
C CYS A 99 13.99 11.71 1.85
N VAL A 100 14.38 10.68 1.11
CA VAL A 100 15.65 10.00 1.37
C VAL A 100 16.83 10.95 1.22
N MET A 101 16.81 11.74 0.14
CA MET A 101 17.88 12.69 -0.12
C MET A 101 18.00 13.71 1.02
N GLN A 102 16.87 13.98 1.69
CA GLN A 102 16.86 14.93 2.78
C GLN A 102 17.81 14.51 3.90
N GLU A 103 18.18 13.23 3.92
CA GLU A 103 19.09 12.71 4.93
C GLU A 103 18.45 12.73 6.31
N VAL A 104 17.15 12.43 6.36
CA VAL A 104 16.42 12.41 7.61
C VAL A 104 17.01 11.40 8.59
N GLY A 105 17.59 10.34 8.04
CA GLY A 105 18.19 9.31 8.88
C GLY A 105 17.32 8.08 9.03
N VAL A 106 16.01 8.27 8.88
CA VAL A 106 15.06 7.16 9.00
C VAL A 106 15.14 6.23 7.79
N ILE A 107 15.52 6.79 6.65
CA ILE A 107 15.63 6.00 5.42
C ILE A 107 17.09 5.89 4.99
N GLU A 108 17.96 5.56 5.94
CA GLU A 108 19.38 5.41 5.66
C GLU A 108 19.94 4.17 6.34
N SER A 109 19.60 3.99 7.61
CA SER A 109 20.07 2.84 8.38
C SER A 109 19.66 1.53 7.70
N PRO A 110 20.64 0.71 7.27
CA PRO A 110 20.35 -0.56 6.61
C PRO A 110 19.47 -1.48 7.46
N LEU A 111 19.64 -1.40 8.77
CA LEU A 111 18.86 -2.22 9.69
C LEU A 111 17.38 -1.89 9.60
N MET A 112 17.05 -0.60 9.72
CA MET A 112 15.66 -0.15 9.65
C MET A 112 15.04 -0.51 8.30
N TYR A 113 15.89 -0.74 7.30
CA TYR A 113 15.43 -1.10 5.97
C TYR A 113 14.94 -2.55 5.92
N GLU A 114 15.63 -3.43 6.64
CA GLU A 114 15.28 -4.83 6.67
C GLU A 114 13.99 -5.09 7.45
N ASP A 115 13.94 -4.60 8.69
CA ASP A 115 12.78 -4.79 9.55
C ASP A 115 11.51 -4.21 8.92
N SER A 116 11.63 -3.03 8.33
CA SER A 116 10.47 -2.37 7.72
C SER A 116 10.10 -2.98 6.37
N ILE A 117 11.08 -3.11 5.48
CA ILE A 117 10.85 -3.66 4.15
C ILE A 117 10.49 -5.15 4.19
N LEU A 118 11.19 -5.92 5.01
CA LEU A 118 10.92 -7.36 5.11
C LEU A 118 9.46 -7.61 5.46
N ALA A 119 8.87 -6.69 6.22
CA ALA A 119 7.48 -6.82 6.61
C ALA A 119 6.55 -6.82 5.39
N VAL A 120 6.94 -6.08 4.36
CA VAL A 120 6.14 -5.98 3.14
C VAL A 120 6.38 -7.15 2.20
N ARG A 121 7.65 -7.48 1.95
CA ARG A 121 8.01 -8.57 1.06
C ARG A 121 7.47 -9.91 1.55
N LYS A 122 7.45 -10.09 2.87
CA LYS A 122 6.97 -11.33 3.46
C LYS A 122 5.45 -11.44 3.34
N TYR A 123 4.78 -10.30 3.48
CA TYR A 123 3.33 -10.26 3.39
C TYR A 123 2.86 -10.45 1.94
N PHE A 124 3.48 -9.71 1.02
CA PHE A 124 3.12 -9.81 -0.39
C PHE A 124 3.30 -11.23 -0.89
N GLN A 125 4.20 -11.97 -0.24
CA GLN A 125 4.46 -13.36 -0.62
C GLN A 125 3.22 -14.21 -0.36
N ARG A 126 2.48 -13.87 0.69
CA ARG A 126 1.27 -14.61 1.06
C ARG A 126 0.21 -14.45 -0.03
N ILE A 127 0.06 -13.24 -0.55
CA ILE A 127 -0.92 -12.96 -1.59
C ILE A 127 -0.68 -13.83 -2.82
N THR A 128 0.58 -13.95 -3.22
CA THR A 128 0.96 -14.76 -4.37
C THR A 128 0.54 -16.21 -4.18
N LEU A 129 0.88 -16.76 -3.01
CA LEU A 129 0.54 -18.15 -2.70
C LEU A 129 -0.95 -18.29 -2.43
N TYR A 130 -1.53 -17.26 -1.82
CA TYR A 130 -2.96 -17.26 -1.49
C TYR A 130 -3.80 -17.37 -2.76
N LEU A 131 -3.56 -16.47 -3.71
CA LEU A 131 -4.30 -16.45 -4.97
C LEU A 131 -4.03 -17.72 -5.78
N THR A 132 -2.80 -18.22 -5.69
CA THR A 132 -2.43 -19.43 -6.42
C THR A 132 -3.35 -20.59 -6.08
N GLU A 133 -3.79 -20.63 -4.82
CA GLU A 133 -4.69 -21.68 -4.36
C GLU A 133 -6.07 -21.55 -5.01
N LYS A 134 -6.46 -20.31 -5.28
CA LYS A 134 -7.75 -20.04 -5.90
C LYS A 134 -7.61 -19.85 -7.41
N LYS A 135 -6.38 -19.85 -7.91
CA LYS A 135 -6.13 -19.68 -9.33
C LYS A 135 -6.71 -18.37 -9.84
N TYR A 136 -6.75 -17.36 -8.97
CA TYR A 136 -7.28 -16.06 -9.33
C TYR A 136 -8.73 -16.17 -9.80
N SER A 137 -9.62 -16.52 -8.88
CA SER A 137 -11.04 -16.66 -9.21
C SER A 137 -11.68 -15.31 -9.49
N SER A 138 -11.93 -14.54 -8.44
CA SER A 138 -12.54 -13.22 -8.58
C SER A 138 -12.55 -12.48 -7.25
N CYS A 139 -13.00 -13.17 -6.20
CA CYS A 139 -13.06 -12.57 -4.86
C CYS A 139 -11.67 -12.49 -4.25
N ALA A 140 -10.82 -13.45 -4.58
CA ALA A 140 -9.46 -13.48 -4.06
C ALA A 140 -8.73 -12.17 -4.34
N TRP A 141 -8.97 -11.62 -5.53
CA TRP A 141 -8.35 -10.36 -5.93
C TRP A 141 -8.98 -9.19 -5.19
N GLU A 142 -10.28 -9.30 -4.93
CA GLU A 142 -11.01 -8.24 -4.23
C GLU A 142 -10.46 -8.04 -2.82
N VAL A 143 -10.34 -9.13 -2.08
CA VAL A 143 -9.83 -9.06 -0.71
C VAL A 143 -8.42 -8.49 -0.68
N VAL A 144 -7.55 -9.01 -1.53
CA VAL A 144 -6.17 -8.55 -1.59
C VAL A 144 -6.09 -7.11 -2.08
N ARG A 145 -6.79 -6.82 -3.18
CA ARG A 145 -6.80 -5.47 -3.75
C ARG A 145 -7.47 -4.48 -2.80
N ALA A 146 -8.68 -4.81 -2.38
CA ALA A 146 -9.43 -3.95 -1.48
C ALA A 146 -8.66 -3.69 -0.20
N GLU A 147 -7.96 -4.71 0.28
CA GLU A 147 -7.18 -4.60 1.51
C GLU A 147 -6.14 -3.49 1.38
N ILE A 148 -5.58 -3.35 0.18
CA ILE A 148 -4.57 -2.33 -0.09
C ILE A 148 -5.00 -0.97 0.46
N MET A 149 -6.30 -0.75 0.51
CA MET A 149 -6.85 0.51 1.01
C MET A 149 -6.36 0.79 2.43
N ARG A 150 -6.29 -0.27 3.25
CA ARG A 150 -5.83 -0.14 4.63
C ARG A 150 -4.42 0.42 4.69
N SER A 151 -3.52 -0.16 3.91
CA SER A 151 -2.13 0.30 3.89
C SER A 151 -2.07 1.77 3.50
N PHE A 152 -2.96 2.18 2.62
CA PHE A 152 -3.01 3.56 2.17
C PHE A 152 -3.65 4.46 3.24
N SER A 153 -4.46 3.86 4.09
CA SER A 153 -5.16 4.59 5.15
C SER A 153 -4.28 4.83 6.38
N LEU A 154 -3.86 3.74 7.03
CA LEU A 154 -3.03 3.87 8.24
C LEU A 154 -1.69 4.51 7.94
N SER A 155 -1.17 4.27 6.75
CA SER A 155 0.13 4.85 6.36
C SER A 155 0.12 6.36 6.51
N ILE A 156 -0.93 6.99 6.00
CA ILE A 156 -1.06 8.44 6.08
C ILE A 156 -2.07 8.84 7.15
N ASN A 157 -1.84 8.39 8.37
CA ASN A 157 -2.74 8.70 9.49
C ASN A 157 -2.14 8.25 10.82
N LEU A 158 -1.49 7.08 10.80
CA LEU A 158 -0.87 6.53 12.00
C LEU A 158 0.16 7.50 12.57
N GLN A 159 0.87 8.19 11.68
CA GLN A 159 1.89 9.16 12.08
C GLN A 159 1.25 10.40 12.69
N LYS A 160 0.10 10.80 12.16
CA LYS A 160 -0.60 11.98 12.64
C LYS A 160 -1.15 11.75 14.05
N ARG A 161 -1.44 10.48 14.36
CA ARG A 161 -1.98 10.13 15.67
C ARG A 161 -3.35 10.76 15.89
N LEU A 162 -4.03 10.34 16.96
CA LEU A 162 -5.35 10.87 17.27
C LEU A 162 -5.29 12.37 17.53
N LYS A 163 -4.20 12.82 18.14
CA LYS A 163 -4.03 14.24 18.44
C LYS A 163 -3.19 14.93 17.37
N SER A 164 -2.86 16.19 17.60
CA SER A 164 -2.06 16.96 16.66
C SER A 164 -0.74 17.39 17.27
N LYS A 165 -0.53 16.95 18.48
CA LYS A 165 0.68 17.25 19.23
C LYS A 165 0.90 18.76 19.33
N GLU A 166 -0.17 19.48 19.65
CA GLU A 166 -0.09 20.93 19.78
C GLU A 166 -0.95 21.41 20.95
N CYS A 1 9.54 15.25 6.86
CA CYS A 1 9.86 15.52 5.43
C CYS A 1 8.96 16.62 4.87
N ASP A 2 9.56 17.55 4.14
CA ASP A 2 8.81 18.65 3.54
C ASP A 2 8.12 18.20 2.26
N LEU A 3 6.83 18.52 2.15
CA LEU A 3 6.05 18.13 0.96
C LEU A 3 4.80 19.00 0.83
N PRO A 4 3.86 18.89 1.79
CA PRO A 4 2.62 19.66 1.77
C PRO A 4 2.88 21.17 1.80
N GLN A 5 2.37 21.88 0.80
CA GLN A 5 2.54 23.33 0.72
C GLN A 5 1.24 24.05 1.01
N THR A 6 0.20 23.71 0.26
CA THR A 6 -1.11 24.33 0.45
C THR A 6 -2.18 23.57 -0.31
N HIS A 7 -2.03 22.25 -0.38
CA HIS A 7 -3.00 21.41 -1.07
C HIS A 7 -2.97 19.98 -0.53
N SER A 8 -3.70 19.77 0.57
CA SER A 8 -3.76 18.45 1.19
C SER A 8 -4.71 18.46 2.38
N LEU A 9 -5.91 17.93 2.18
CA LEU A 9 -6.92 17.87 3.24
C LEU A 9 -7.75 16.60 3.14
N GLY A 10 -7.12 15.52 2.70
CA GLY A 10 -7.84 14.26 2.57
C GLY A 10 -7.01 13.20 1.87
N ASN A 11 -7.62 12.03 1.66
CA ASN A 11 -6.94 10.92 0.99
C ASN A 11 -7.29 10.87 -0.50
N ARG A 12 -8.28 11.68 -0.91
CA ARG A 12 -8.70 11.72 -2.30
C ARG A 12 -7.51 11.78 -3.25
N ARG A 13 -7.19 10.65 -3.86
CA ARG A 13 -6.06 10.58 -4.79
C ARG A 13 -6.03 9.23 -5.50
N ALA A 14 -5.98 8.15 -4.72
CA ALA A 14 -5.93 6.80 -5.27
C ALA A 14 -7.18 6.01 -4.89
N LEU A 15 -7.87 6.43 -3.83
CA LEU A 15 -9.07 5.74 -3.38
C LEU A 15 -10.09 5.62 -4.51
N ILE A 16 -10.08 6.58 -5.42
CA ILE A 16 -11.00 6.56 -6.55
C ILE A 16 -10.80 5.30 -7.39
N LEU A 17 -9.55 4.98 -7.68
CA LEU A 17 -9.21 3.81 -8.48
C LEU A 17 -9.74 2.53 -7.82
N LEU A 18 -9.64 2.47 -6.49
CA LEU A 18 -10.11 1.32 -5.74
C LEU A 18 -11.63 1.19 -5.85
N ALA A 19 -12.30 2.31 -5.99
CA ALA A 19 -13.76 2.34 -6.11
C ALA A 19 -14.24 1.47 -7.26
N GLN A 20 -13.42 1.38 -8.31
CA GLN A 20 -13.76 0.59 -9.49
C GLN A 20 -13.97 -0.88 -9.13
N MET A 21 -13.51 -1.29 -7.95
CA MET A 21 -13.65 -2.68 -7.50
C MET A 21 -14.94 -2.86 -6.70
N ARG A 22 -16.00 -2.19 -7.15
CA ARG A 22 -17.30 -2.28 -6.49
C ARG A 22 -18.26 -3.18 -7.25
N ARG A 23 -17.91 -3.52 -8.49
CA ARG A 23 -18.76 -4.36 -9.33
C ARG A 23 -18.82 -5.80 -8.81
N ILE A 24 -17.94 -6.13 -7.86
CA ILE A 24 -17.92 -7.47 -7.30
C ILE A 24 -18.99 -7.63 -6.22
N SER A 25 -19.29 -8.86 -5.85
CA SER A 25 -20.29 -9.14 -4.83
C SER A 25 -19.63 -9.49 -3.50
N PRO A 26 -19.98 -8.77 -2.41
CA PRO A 26 -19.42 -9.03 -1.08
C PRO A 26 -19.72 -10.44 -0.59
N PHE A 27 -20.70 -11.09 -1.22
CA PHE A 27 -21.09 -12.44 -0.84
C PHE A 27 -20.19 -13.48 -1.50
N SER A 28 -19.22 -13.03 -2.29
CA SER A 28 -18.31 -13.93 -2.98
C SER A 28 -17.39 -14.64 -1.98
N CYS A 29 -17.17 -14.00 -0.84
CA CYS A 29 -16.31 -14.57 0.21
C CYS A 29 -16.69 -14.02 1.58
N LEU A 30 -16.31 -14.76 2.62
CA LEU A 30 -16.61 -14.34 3.99
C LEU A 30 -15.40 -14.52 4.89
N LYS A 31 -14.99 -15.77 5.09
CA LYS A 31 -13.85 -16.09 5.94
C LYS A 31 -12.52 -15.74 5.25
N ASP A 32 -12.60 -15.36 3.98
CA ASP A 32 -11.40 -15.01 3.22
C ASP A 32 -11.09 -13.53 3.32
N ARG A 33 -11.49 -12.90 4.42
CA ARG A 33 -11.25 -11.48 4.63
C ARG A 33 -10.06 -11.26 5.58
N HIS A 34 -8.86 -11.28 5.01
CA HIS A 34 -7.65 -11.07 5.79
C HIS A 34 -6.88 -9.85 5.29
N ASP A 35 -5.84 -9.47 6.02
CA ASP A 35 -5.03 -8.31 5.65
C ASP A 35 -3.56 -8.67 5.45
N PHE A 36 -3.22 -9.07 4.22
CA PHE A 36 -1.84 -9.43 3.90
C PHE A 36 -1.19 -8.39 2.99
N GLU A 37 -1.94 -7.37 2.61
CA GLU A 37 -1.43 -6.33 1.72
C GLU A 37 -0.68 -5.24 2.50
N PHE A 38 -1.39 -4.53 3.37
CA PHE A 38 -0.78 -3.47 4.16
C PHE A 38 -0.28 -3.99 5.49
N PRO A 39 1.03 -3.90 5.77
CA PRO A 39 1.55 -4.38 7.03
C PRO A 39 1.25 -3.37 8.13
N GLN A 40 0.24 -3.69 8.94
CA GLN A 40 -0.15 -2.82 10.04
C GLN A 40 0.96 -2.73 11.08
N GLU A 41 1.61 -3.85 11.35
CA GLU A 41 2.68 -3.91 12.33
C GLU A 41 3.78 -2.90 12.02
N GLU A 42 3.91 -2.53 10.74
CA GLU A 42 4.94 -1.58 10.34
C GLU A 42 4.48 -0.13 10.51
N PHE A 43 3.23 0.16 10.16
CA PHE A 43 2.71 1.51 10.27
C PHE A 43 2.13 1.79 11.65
N ASP A 44 1.67 0.74 12.34
CA ASP A 44 1.10 0.90 13.68
C ASP A 44 1.86 1.96 14.48
N ASP A 45 1.10 2.84 15.14
CA ASP A 45 1.69 3.91 15.94
C ASP A 45 2.39 3.38 17.19
N LYS A 46 2.45 2.07 17.35
CA LYS A 46 3.10 1.47 18.51
C LYS A 46 4.55 1.90 18.62
N GLN A 47 5.15 2.25 17.48
CA GLN A 47 6.55 2.68 17.45
C GLN A 47 6.93 2.98 16.02
N PHE A 48 6.44 4.11 15.52
CA PHE A 48 6.70 4.48 14.14
C PHE A 48 6.36 5.96 13.91
N GLN A 49 7.04 6.59 12.95
CA GLN A 49 6.82 8.00 12.66
C GLN A 49 6.69 8.26 11.16
N LYS A 50 6.58 9.54 10.80
CA LYS A 50 6.42 9.95 9.40
C LYS A 50 7.62 9.56 8.56
N ALA A 51 8.80 10.07 8.90
CA ALA A 51 10.01 9.76 8.14
C ALA A 51 10.20 8.25 8.01
N GLN A 52 9.82 7.53 9.05
CA GLN A 52 9.92 6.08 9.04
C GLN A 52 8.92 5.49 8.05
N ALA A 53 7.72 6.07 8.03
CA ALA A 53 6.67 5.62 7.13
C ALA A 53 7.13 5.71 5.67
N ILE A 54 7.91 6.74 5.36
CA ILE A 54 8.42 6.94 4.01
C ILE A 54 9.18 5.69 3.53
N SER A 55 9.85 5.03 4.47
CA SER A 55 10.61 3.83 4.14
C SER A 55 9.68 2.69 3.75
N VAL A 56 8.64 2.48 4.56
CA VAL A 56 7.67 1.41 4.30
C VAL A 56 6.79 1.74 3.11
N LEU A 57 6.22 2.95 3.11
CA LEU A 57 5.35 3.39 2.03
C LEU A 57 6.03 3.22 0.66
N HIS A 58 7.32 3.54 0.59
CA HIS A 58 8.05 3.40 -0.66
C HIS A 58 7.92 1.98 -1.19
N GLU A 59 8.19 1.01 -0.31
CA GLU A 59 8.08 -0.39 -0.68
C GLU A 59 6.62 -0.76 -0.90
N MET A 60 5.73 -0.12 -0.15
CA MET A 60 4.30 -0.37 -0.25
C MET A 60 3.82 -0.17 -1.69
N ILE A 61 4.22 0.94 -2.31
CA ILE A 61 3.83 1.23 -3.67
C ILE A 61 4.30 0.11 -4.60
N GLN A 62 5.49 -0.42 -4.30
CA GLN A 62 6.06 -1.51 -5.08
C GLN A 62 5.17 -2.74 -4.96
N GLN A 63 4.59 -2.91 -3.78
CA GLN A 63 3.70 -4.05 -3.51
C GLN A 63 2.51 -4.04 -4.46
N THR A 64 1.95 -2.86 -4.68
CA THR A 64 0.81 -2.72 -5.56
C THR A 64 1.25 -2.63 -7.02
N PHE A 65 2.28 -1.83 -7.27
CA PHE A 65 2.81 -1.66 -8.62
C PHE A 65 3.30 -3.00 -9.17
N ASN A 66 4.07 -3.71 -8.37
CA ASN A 66 4.60 -5.01 -8.77
C ASN A 66 3.48 -6.03 -8.96
N LEU A 67 2.39 -5.85 -8.21
CA LEU A 67 1.26 -6.76 -8.28
C LEU A 67 0.69 -6.83 -9.70
N PHE A 68 0.28 -5.69 -10.23
CA PHE A 68 -0.28 -5.63 -11.57
C PHE A 68 0.82 -5.68 -12.63
N SER A 69 1.92 -4.99 -12.35
CA SER A 69 3.05 -4.94 -13.28
C SER A 69 3.59 -6.33 -13.61
N THR A 70 3.25 -7.33 -12.80
CA THR A 70 3.72 -8.69 -13.04
C THR A 70 2.90 -9.40 -14.12
N LYS A 71 1.94 -8.68 -14.72
CA LYS A 71 1.09 -9.23 -15.77
C LYS A 71 -0.08 -10.01 -15.17
N ASP A 72 0.21 -10.88 -14.20
CA ASP A 72 -0.82 -11.69 -13.56
C ASP A 72 -2.03 -10.84 -13.16
N SER A 73 -1.86 -10.04 -12.11
CA SER A 73 -2.94 -9.19 -11.62
C SER A 73 -3.37 -8.18 -12.69
N SER A 74 -2.45 -7.84 -13.58
CA SER A 74 -2.72 -6.89 -14.65
C SER A 74 -3.92 -7.34 -15.47
N ALA A 75 -4.00 -8.64 -15.74
CA ALA A 75 -5.09 -9.19 -16.52
C ALA A 75 -6.38 -9.28 -15.69
N ALA A 76 -6.28 -8.96 -14.40
CA ALA A 76 -7.43 -9.01 -13.51
C ALA A 76 -8.32 -7.80 -13.71
N LEU A 77 -7.72 -6.64 -13.96
CA LEU A 77 -8.48 -5.41 -14.17
C LEU A 77 -8.34 -4.94 -15.61
N ASP A 78 -9.27 -4.07 -16.03
CA ASP A 78 -9.25 -3.54 -17.38
C ASP A 78 -7.91 -2.87 -17.69
N GLU A 79 -7.46 -3.00 -18.92
CA GLU A 79 -6.18 -2.41 -19.34
C GLU A 79 -6.16 -0.91 -19.06
N THR A 80 -7.31 -0.26 -19.21
CA THR A 80 -7.42 1.17 -18.98
C THR A 80 -7.24 1.50 -17.49
N LEU A 81 -7.99 0.80 -16.65
CA LEU A 81 -7.90 1.00 -15.21
C LEU A 81 -6.58 0.48 -14.67
N LEU A 82 -6.12 -0.63 -15.25
CA LEU A 82 -4.86 -1.24 -14.82
C LEU A 82 -3.68 -0.36 -15.20
N ASP A 83 -3.64 0.08 -16.46
CA ASP A 83 -2.58 0.94 -16.94
C ASP A 83 -2.61 2.30 -16.23
N GLU A 84 -3.81 2.72 -15.85
CA GLU A 84 -3.97 3.98 -15.15
C GLU A 84 -3.39 3.88 -13.75
N PHE A 85 -3.47 2.68 -13.18
CA PHE A 85 -2.95 2.42 -11.86
C PHE A 85 -1.46 2.71 -11.79
N TYR A 86 -0.72 2.23 -12.78
CA TYR A 86 0.73 2.44 -12.84
C TYR A 86 1.06 3.92 -12.72
N ILE A 87 0.20 4.76 -13.30
CA ILE A 87 0.40 6.21 -13.25
C ILE A 87 0.16 6.74 -11.85
N GLU A 88 -0.81 6.13 -11.15
CA GLU A 88 -1.14 6.56 -9.79
C GLU A 88 -0.04 6.16 -8.80
N LEU A 89 0.36 4.89 -8.84
CA LEU A 89 1.40 4.39 -7.94
C LEU A 89 2.72 5.11 -8.19
N ASP A 90 3.07 5.29 -9.46
CA ASP A 90 4.32 5.95 -9.82
C ASP A 90 4.35 7.37 -9.27
N GLN A 91 3.18 8.01 -9.19
CA GLN A 91 3.07 9.37 -8.69
C GLN A 91 3.51 9.45 -7.23
N GLN A 92 3.04 8.48 -6.43
CA GLN A 92 3.38 8.44 -5.01
C GLN A 92 4.85 8.06 -4.80
N LEU A 93 5.35 7.18 -5.67
CA LEU A 93 6.74 6.72 -5.59
C LEU A 93 7.70 7.90 -5.60
N ASN A 94 7.44 8.87 -6.48
CA ASN A 94 8.30 10.05 -6.59
C ASN A 94 8.36 10.80 -5.27
N ASP A 95 7.19 11.04 -4.68
CA ASP A 95 7.11 11.75 -3.41
C ASP A 95 7.90 11.03 -2.32
N LEU A 96 7.54 9.77 -2.08
CA LEU A 96 8.22 8.97 -1.06
C LEU A 96 9.70 8.83 -1.38
N GLU A 97 10.00 8.44 -2.61
CA GLU A 97 11.39 8.27 -3.04
C GLU A 97 12.19 9.55 -2.83
N SER A 98 11.55 10.69 -3.01
CA SER A 98 12.20 11.98 -2.84
C SER A 98 12.66 12.16 -1.40
N CYS A 99 11.93 11.57 -0.46
CA CYS A 99 12.27 11.66 0.95
C CYS A 99 13.39 10.69 1.30
N VAL A 100 13.43 9.56 0.61
CA VAL A 100 14.45 8.55 0.85
C VAL A 100 15.82 9.07 0.43
N MET A 101 15.88 9.66 -0.76
CA MET A 101 17.13 10.20 -1.28
C MET A 101 17.57 11.44 -0.52
N GLN A 102 16.60 12.11 0.11
CA GLN A 102 16.88 13.32 0.88
C GLN A 102 17.68 12.99 2.15
N GLU A 103 17.78 11.71 2.48
CA GLU A 103 18.51 11.27 3.67
C GLU A 103 18.10 12.08 4.90
N VAL A 104 16.79 12.30 5.03
CA VAL A 104 16.24 13.06 6.16
C VAL A 104 16.86 12.58 7.47
N GLY A 105 17.05 11.27 7.56
CA GLY A 105 17.63 10.69 8.75
C GLY A 105 17.19 9.26 8.97
N VAL A 106 16.00 8.92 8.49
CA VAL A 106 15.47 7.58 8.63
C VAL A 106 16.16 6.61 7.68
N ILE A 107 16.74 7.13 6.60
CA ILE A 107 17.43 6.32 5.62
C ILE A 107 18.92 6.23 5.95
N GLU A 108 19.24 6.00 7.21
CA GLU A 108 20.62 5.91 7.65
C GLU A 108 20.94 4.51 8.18
N SER A 109 19.94 3.87 8.81
CA SER A 109 20.12 2.54 9.38
C SER A 109 19.70 1.46 8.37
N PRO A 110 20.67 0.66 7.86
CA PRO A 110 20.37 -0.41 6.91
C PRO A 110 19.56 -1.54 7.52
N LEU A 111 19.98 -1.96 8.70
CA LEU A 111 19.31 -3.04 9.42
C LEU A 111 17.85 -2.68 9.72
N MET A 112 17.64 -1.44 10.16
CA MET A 112 16.29 -0.97 10.48
C MET A 112 15.39 -1.05 9.26
N TYR A 113 15.99 -1.01 8.08
CA TYR A 113 15.23 -1.08 6.83
C TYR A 113 14.70 -2.49 6.60
N GLU A 114 15.45 -3.49 7.03
CA GLU A 114 15.06 -4.88 6.87
C GLU A 114 13.66 -5.13 7.44
N ASP A 115 13.37 -4.54 8.59
CA ASP A 115 12.07 -4.72 9.23
C ASP A 115 10.95 -4.06 8.44
N SER A 116 11.21 -2.85 7.95
CA SER A 116 10.21 -2.11 7.18
C SER A 116 10.08 -2.65 5.76
N ILE A 117 11.23 -2.87 5.12
CA ILE A 117 11.25 -3.36 3.75
C ILE A 117 10.73 -4.79 3.65
N LEU A 118 11.26 -5.67 4.50
CA LEU A 118 10.85 -7.06 4.50
C LEU A 118 9.39 -7.21 4.92
N ALA A 119 8.92 -6.29 5.77
CA ALA A 119 7.54 -6.33 6.24
C ALA A 119 6.57 -6.33 5.05
N VAL A 120 6.90 -5.57 4.02
CA VAL A 120 6.07 -5.49 2.83
C VAL A 120 6.33 -6.67 1.89
N ARG A 121 7.58 -7.14 1.88
CA ARG A 121 7.95 -8.26 1.02
C ARG A 121 7.38 -9.57 1.55
N LYS A 122 7.50 -9.79 2.85
CA LYS A 122 6.98 -11.01 3.49
C LYS A 122 5.48 -11.12 3.25
N TYR A 123 4.78 -9.99 3.42
CA TYR A 123 3.35 -9.94 3.23
C TYR A 123 2.99 -10.32 1.79
N PHE A 124 3.79 -9.82 0.84
CA PHE A 124 3.58 -10.11 -0.56
C PHE A 124 3.46 -11.62 -0.78
N GLN A 125 4.29 -12.37 -0.06
CA GLN A 125 4.28 -13.82 -0.16
C GLN A 125 2.91 -14.39 0.23
N ARG A 126 2.26 -13.73 1.19
CA ARG A 126 0.94 -14.16 1.64
C ARG A 126 -0.11 -13.95 0.56
N ILE A 127 -0.12 -12.75 -0.02
CA ILE A 127 -1.09 -12.42 -1.06
C ILE A 127 -0.93 -13.35 -2.27
N THR A 128 0.31 -13.58 -2.67
CA THR A 128 0.60 -14.45 -3.81
C THR A 128 0.18 -15.89 -3.52
N LEU A 129 0.57 -16.39 -2.37
CA LEU A 129 0.25 -17.76 -1.97
C LEU A 129 -1.25 -17.91 -1.70
N TYR A 130 -1.84 -16.89 -1.09
CA TYR A 130 -3.26 -16.90 -0.77
C TYR A 130 -4.10 -17.02 -2.04
N LEU A 131 -3.83 -16.16 -3.01
CA LEU A 131 -4.57 -16.16 -4.26
C LEU A 131 -4.32 -17.46 -5.04
N THR A 132 -3.11 -17.98 -4.95
CA THR A 132 -2.76 -19.22 -5.65
C THR A 132 -3.71 -20.35 -5.28
N GLU A 133 -4.18 -20.33 -4.03
CA GLU A 133 -5.10 -21.36 -3.55
C GLU A 133 -6.46 -21.24 -4.24
N LYS A 134 -6.88 -20.01 -4.51
CA LYS A 134 -8.15 -19.77 -5.16
C LYS A 134 -7.98 -19.59 -6.67
N LYS A 135 -6.74 -19.59 -7.15
CA LYS A 135 -6.46 -19.42 -8.56
C LYS A 135 -6.99 -18.09 -9.08
N TYR A 136 -7.05 -17.10 -8.20
CA TYR A 136 -7.54 -15.77 -8.57
C TYR A 136 -8.98 -15.85 -9.08
N SER A 137 -9.89 -16.30 -8.21
CA SER A 137 -11.29 -16.42 -8.58
C SER A 137 -11.91 -15.05 -8.84
N SER A 138 -12.08 -14.27 -7.78
CA SER A 138 -12.66 -12.93 -7.89
C SER A 138 -12.63 -12.21 -6.56
N CYS A 139 -13.02 -12.92 -5.50
CA CYS A 139 -13.04 -12.33 -4.16
C CYS A 139 -11.63 -12.26 -3.58
N ALA A 140 -10.79 -13.23 -3.93
CA ALA A 140 -9.41 -13.26 -3.46
C ALA A 140 -8.70 -11.95 -3.77
N TRP A 141 -8.95 -11.43 -4.96
CA TRP A 141 -8.34 -10.17 -5.38
C TRP A 141 -8.98 -8.99 -4.64
N GLU A 142 -10.27 -9.11 -4.37
CA GLU A 142 -11.01 -8.07 -3.67
C GLU A 142 -10.51 -7.93 -2.23
N VAL A 143 -10.41 -9.04 -1.52
CA VAL A 143 -9.95 -9.04 -0.15
C VAL A 143 -8.56 -8.41 -0.04
N VAL A 144 -7.67 -8.82 -0.93
CA VAL A 144 -6.31 -8.30 -0.94
C VAL A 144 -6.28 -6.84 -1.40
N ARG A 145 -7.04 -6.54 -2.45
CA ARG A 145 -7.10 -5.18 -2.97
C ARG A 145 -7.76 -4.25 -1.97
N ALA A 146 -8.81 -4.74 -1.32
CA ALA A 146 -9.53 -3.95 -0.32
C ALA A 146 -8.59 -3.50 0.79
N GLU A 147 -7.60 -4.33 1.08
CA GLU A 147 -6.62 -4.01 2.12
C GLU A 147 -5.77 -2.82 1.72
N ILE A 148 -5.44 -2.76 0.43
CA ILE A 148 -4.64 -1.65 -0.10
C ILE A 148 -5.20 -0.32 0.37
N MET A 149 -6.52 -0.26 0.54
CA MET A 149 -7.18 0.94 1.00
C MET A 149 -6.64 1.35 2.36
N ARG A 150 -6.49 0.37 3.24
CA ARG A 150 -5.97 0.62 4.58
C ARG A 150 -4.51 1.07 4.51
N SER A 151 -3.75 0.46 3.61
CA SER A 151 -2.35 0.82 3.43
C SER A 151 -2.23 2.29 3.06
N PHE A 152 -3.20 2.77 2.29
CA PHE A 152 -3.22 4.16 1.85
C PHE A 152 -3.79 5.06 2.96
N SER A 153 -4.59 4.47 3.84
CA SER A 153 -5.21 5.21 4.93
C SER A 153 -4.19 5.62 5.98
N LEU A 154 -3.55 4.63 6.61
CA LEU A 154 -2.55 4.92 7.64
C LEU A 154 -1.35 5.64 7.06
N SER A 155 -1.03 5.33 5.82
CA SER A 155 0.09 5.96 5.13
C SER A 155 0.04 7.48 5.24
N ILE A 156 -1.09 8.05 4.81
CA ILE A 156 -1.28 9.50 4.85
C ILE A 156 -2.01 9.92 6.12
N ASN A 157 -1.59 9.38 7.25
CA ASN A 157 -2.19 9.70 8.54
C ASN A 157 -1.21 9.42 9.68
N LEU A 158 -0.54 8.29 9.60
CA LEU A 158 0.44 7.90 10.61
C LEU A 158 1.57 8.91 10.68
N GLN A 159 1.94 9.46 9.51
CA GLN A 159 3.00 10.45 9.44
C GLN A 159 2.65 11.71 10.23
N LYS A 160 1.38 12.09 10.18
CA LYS A 160 0.90 13.27 10.89
C LYS A 160 1.23 13.17 12.38
N ARG A 161 0.92 12.02 12.98
CA ARG A 161 1.19 11.78 14.39
C ARG A 161 0.83 13.00 15.24
N LEU A 162 -0.35 13.56 14.99
CA LEU A 162 -0.82 14.74 15.72
C LEU A 162 -1.29 14.35 17.11
N LYS A 163 -1.98 13.22 17.20
CA LYS A 163 -2.49 12.74 18.49
C LYS A 163 -1.56 11.70 19.09
N SER A 164 -1.87 11.26 20.31
CA SER A 164 -1.06 10.27 21.01
C SER A 164 -1.90 9.13 21.54
N LYS A 165 -3.16 9.17 21.20
CA LYS A 165 -4.13 8.16 21.62
C LYS A 165 -4.22 8.10 23.14
N GLU A 166 -4.24 9.27 23.77
CA GLU A 166 -4.34 9.36 25.22
C GLU A 166 -5.05 10.64 25.64
N CYS A 1 8.75 16.12 -1.43
CA CYS A 1 8.14 15.24 -0.40
C CYS A 1 7.15 16.00 0.47
N ASP A 2 7.65 16.99 1.21
CA ASP A 2 6.81 17.79 2.08
C ASP A 2 6.20 18.97 1.31
N LEU A 3 4.96 19.31 1.67
CA LEU A 3 4.27 20.41 1.01
C LEU A 3 4.25 21.66 1.90
N PRO A 4 5.11 22.65 1.62
CA PRO A 4 5.17 23.89 2.41
C PRO A 4 3.80 24.51 2.63
N GLN A 5 3.37 24.58 3.89
CA GLN A 5 2.08 25.16 4.23
C GLN A 5 0.95 24.38 3.57
N THR A 6 0.32 23.51 4.35
CA THR A 6 -0.78 22.70 3.85
C THR A 6 -1.63 22.14 5.00
N HIS A 7 -2.94 22.18 4.84
CA HIS A 7 -3.85 21.68 5.87
C HIS A 7 -4.55 20.40 5.39
N SER A 8 -4.78 20.31 4.09
CA SER A 8 -5.45 19.15 3.51
C SER A 8 -4.57 17.90 3.65
N LEU A 9 -5.02 16.96 4.47
CA LEU A 9 -4.28 15.71 4.69
C LEU A 9 -4.62 14.69 3.61
N GLY A 10 -5.84 14.74 3.10
CA GLY A 10 -6.26 13.81 2.07
C GLY A 10 -5.43 13.94 0.80
N ASN A 11 -5.35 12.86 0.03
CA ASN A 11 -4.60 12.86 -1.21
C ASN A 11 -5.52 12.80 -2.42
N ARG A 12 -6.60 12.06 -2.27
CA ARG A 12 -7.60 11.92 -3.34
C ARG A 12 -6.93 11.64 -4.68
N ARG A 13 -5.92 10.78 -4.67
CA ARG A 13 -5.18 10.43 -5.88
C ARG A 13 -5.38 8.96 -6.23
N ALA A 14 -5.11 8.08 -5.27
CA ALA A 14 -5.25 6.64 -5.48
C ALA A 14 -6.61 6.15 -5.00
N LEU A 15 -7.28 6.95 -4.18
CA LEU A 15 -8.60 6.58 -3.66
C LEU A 15 -9.56 6.23 -4.81
N ILE A 16 -9.37 6.87 -5.95
CA ILE A 16 -10.21 6.63 -7.11
C ILE A 16 -9.93 5.26 -7.72
N LEU A 17 -8.65 4.94 -7.86
CA LEU A 17 -8.26 3.65 -8.43
C LEU A 17 -8.81 2.49 -7.61
N LEU A 18 -8.67 2.59 -6.29
CA LEU A 18 -9.17 1.56 -5.39
C LEU A 18 -10.70 1.51 -5.42
N ALA A 19 -11.31 2.68 -5.51
CA ALA A 19 -12.77 2.78 -5.54
C ALA A 19 -13.37 1.97 -6.68
N GLN A 20 -12.61 1.84 -7.76
CA GLN A 20 -13.07 1.10 -8.94
C GLN A 20 -13.36 -0.37 -8.62
N MET A 21 -12.98 -0.83 -7.42
CA MET A 21 -13.22 -2.21 -7.03
C MET A 21 -14.58 -2.36 -6.36
N ARG A 22 -15.58 -1.64 -6.86
CA ARG A 22 -16.92 -1.68 -6.30
C ARG A 22 -17.86 -2.52 -7.18
N ARG A 23 -17.41 -2.83 -8.41
CA ARG A 23 -18.22 -3.61 -9.33
C ARG A 23 -18.35 -5.06 -8.87
N ILE A 24 -17.57 -5.45 -7.89
CA ILE A 24 -17.63 -6.82 -7.37
C ILE A 24 -18.81 -6.99 -6.42
N SER A 25 -19.14 -8.24 -6.10
CA SER A 25 -20.25 -8.52 -5.21
C SER A 25 -19.73 -8.90 -3.82
N PRO A 26 -20.15 -8.15 -2.78
CA PRO A 26 -19.73 -8.43 -1.40
C PRO A 26 -20.15 -9.82 -0.93
N PHE A 27 -21.09 -10.42 -1.66
CA PHE A 27 -21.58 -11.75 -1.31
C PHE A 27 -20.67 -12.85 -1.85
N SER A 28 -19.59 -12.45 -2.55
CA SER A 28 -18.66 -13.42 -3.11
C SER A 28 -17.90 -14.15 -2.01
N CYS A 29 -17.36 -13.39 -1.06
CA CYS A 29 -16.60 -13.97 0.04
C CYS A 29 -16.94 -13.27 1.36
N LEU A 30 -16.73 -13.97 2.47
CA LEU A 30 -17.02 -13.41 3.79
C LEU A 30 -15.86 -13.67 4.75
N LYS A 31 -15.46 -14.93 4.85
CA LYS A 31 -14.36 -15.32 5.72
C LYS A 31 -13.00 -14.93 5.15
N ASP A 32 -13.01 -14.45 3.90
CA ASP A 32 -11.77 -14.04 3.24
C ASP A 32 -11.38 -12.61 3.59
N ARG A 33 -12.05 -12.03 4.59
CA ARG A 33 -11.76 -10.66 5.01
C ARG A 33 -10.42 -10.58 5.74
N HIS A 34 -9.33 -10.60 4.98
CA HIS A 34 -8.00 -10.54 5.55
C HIS A 34 -7.19 -9.40 4.92
N ASP A 35 -6.21 -8.90 5.65
CA ASP A 35 -5.37 -7.81 5.17
C ASP A 35 -3.89 -8.20 5.13
N PHE A 36 -3.44 -8.69 3.98
CA PHE A 36 -2.03 -9.07 3.83
C PHE A 36 -1.29 -8.11 2.90
N GLU A 37 -2.00 -7.11 2.39
CA GLU A 37 -1.40 -6.13 1.48
C GLU A 37 -0.66 -5.05 2.26
N PHE A 38 -1.39 -4.25 3.02
CA PHE A 38 -0.80 -3.17 3.79
C PHE A 38 -0.41 -3.64 5.19
N PRO A 39 0.88 -3.75 5.52
CA PRO A 39 1.25 -4.20 6.85
C PRO A 39 0.89 -3.13 7.87
N GLN A 40 -0.21 -3.35 8.57
CA GLN A 40 -0.69 -2.41 9.58
C GLN A 40 0.29 -2.32 10.74
N GLU A 41 0.98 -3.41 11.05
CA GLU A 41 1.93 -3.41 12.16
C GLU A 41 2.93 -2.26 11.98
N GLU A 42 3.38 -2.10 10.75
CA GLU A 42 4.30 -1.02 10.40
C GLU A 42 3.51 0.24 10.04
N PHE A 43 2.29 0.03 9.56
CA PHE A 43 1.42 1.12 9.15
C PHE A 43 0.61 1.69 10.31
N ASP A 44 0.75 1.11 11.49
CA ASP A 44 0.01 1.57 12.67
C ASP A 44 0.77 2.66 13.41
N ASP A 45 0.06 3.41 14.24
CA ASP A 45 0.66 4.50 15.01
C ASP A 45 1.66 3.99 16.04
N LYS A 46 1.65 2.68 16.29
CA LYS A 46 2.57 2.09 17.27
C LYS A 46 4.00 2.56 17.04
N GLN A 47 4.31 2.89 15.79
CA GLN A 47 5.64 3.37 15.42
C GLN A 47 5.65 3.79 13.97
N PHE A 48 4.90 4.85 13.66
CA PHE A 48 4.80 5.35 12.29
C PHE A 48 4.87 6.87 12.27
N GLN A 49 5.65 7.40 11.33
CA GLN A 49 5.80 8.85 11.18
C GLN A 49 5.89 9.23 9.70
N LYS A 50 6.08 10.52 9.44
CA LYS A 50 6.19 11.01 8.07
C LYS A 50 7.35 10.35 7.34
N ALA A 51 8.53 10.37 7.97
CA ALA A 51 9.71 9.77 7.39
C ALA A 51 9.59 8.26 7.32
N GLN A 52 9.11 7.67 8.42
CA GLN A 52 8.93 6.22 8.49
C GLN A 52 8.04 5.73 7.36
N ALA A 53 6.99 6.48 7.08
CA ALA A 53 6.05 6.13 6.01
C ALA A 53 6.76 5.99 4.68
N ILE A 54 7.70 6.89 4.41
CA ILE A 54 8.45 6.87 3.17
C ILE A 54 9.14 5.51 2.97
N SER A 55 9.67 4.97 4.06
CA SER A 55 10.36 3.68 4.01
C SER A 55 9.38 2.54 3.73
N VAL A 56 8.26 2.52 4.45
CA VAL A 56 7.26 1.48 4.27
C VAL A 56 6.50 1.63 2.96
N LEU A 57 6.02 2.84 2.69
CA LEU A 57 5.26 3.12 1.48
C LEU A 57 6.05 2.76 0.22
N HIS A 58 7.31 3.17 0.18
CA HIS A 58 8.17 2.88 -0.97
C HIS A 58 8.20 1.40 -1.29
N GLU A 59 8.46 0.58 -0.28
CA GLU A 59 8.51 -0.87 -0.45
C GLU A 59 7.13 -1.44 -0.75
N MET A 60 6.10 -0.83 -0.17
CA MET A 60 4.73 -1.27 -0.37
C MET A 60 4.27 -1.01 -1.80
N ILE A 61 4.50 0.22 -2.27
CA ILE A 61 4.10 0.61 -3.61
C ILE A 61 4.94 -0.12 -4.66
N GLN A 62 6.25 -0.20 -4.42
CA GLN A 62 7.15 -0.88 -5.34
C GLN A 62 6.74 -2.33 -5.55
N GLN A 63 6.34 -2.99 -4.46
CA GLN A 63 5.93 -4.38 -4.53
C GLN A 63 4.60 -4.52 -5.25
N THR A 64 3.64 -3.65 -4.92
CA THR A 64 2.33 -3.68 -5.55
C THR A 64 2.42 -3.41 -7.05
N PHE A 65 3.36 -2.55 -7.43
CA PHE A 65 3.55 -2.20 -8.83
C PHE A 65 3.98 -3.42 -9.64
N ASN A 66 4.89 -4.20 -9.08
CA ASN A 66 5.39 -5.39 -9.75
C ASN A 66 4.31 -6.46 -9.90
N LEU A 67 3.36 -6.46 -8.97
CA LEU A 67 2.28 -7.44 -8.99
C LEU A 67 1.49 -7.38 -10.30
N PHE A 68 0.91 -6.22 -10.59
CA PHE A 68 0.14 -6.03 -11.80
C PHE A 68 1.04 -5.84 -13.01
N SER A 69 2.12 -5.10 -12.82
CA SER A 69 3.08 -4.82 -13.89
C SER A 69 3.65 -6.10 -14.51
N THR A 70 3.49 -7.24 -13.84
CA THR A 70 4.01 -8.49 -14.36
C THR A 70 3.08 -9.05 -15.43
N LYS A 71 1.93 -9.55 -15.00
CA LYS A 71 0.94 -10.13 -15.92
C LYS A 71 -0.16 -10.85 -15.15
N ASP A 72 0.23 -11.59 -14.11
CA ASP A 72 -0.72 -12.34 -13.30
C ASP A 72 -1.87 -11.46 -12.82
N SER A 73 -1.57 -10.49 -11.97
CA SER A 73 -2.59 -9.59 -11.44
C SER A 73 -3.12 -8.67 -12.52
N SER A 74 -2.30 -8.41 -13.54
CA SER A 74 -2.71 -7.55 -14.65
C SER A 74 -4.00 -8.05 -15.29
N ALA A 75 -4.11 -9.37 -15.42
CA ALA A 75 -5.29 -9.98 -16.01
C ALA A 75 -6.46 -10.01 -15.03
N ALA A 76 -6.20 -9.59 -13.79
CA ALA A 76 -7.23 -9.57 -12.76
C ALA A 76 -8.17 -8.39 -12.94
N LEU A 77 -7.61 -7.26 -13.36
CA LEU A 77 -8.41 -6.05 -13.58
C LEU A 77 -8.44 -5.68 -15.05
N ASP A 78 -9.39 -4.83 -15.43
CA ASP A 78 -9.53 -4.40 -16.82
C ASP A 78 -8.25 -3.72 -17.30
N GLU A 79 -7.90 -3.93 -18.56
CA GLU A 79 -6.70 -3.34 -19.13
C GLU A 79 -6.66 -1.83 -18.91
N THR A 80 -7.82 -1.20 -19.07
CA THR A 80 -7.93 0.26 -18.89
C THR A 80 -7.63 0.64 -17.45
N LEU A 81 -8.27 -0.06 -16.52
CA LEU A 81 -8.09 0.20 -15.10
C LEU A 81 -6.69 -0.24 -14.65
N LEU A 82 -6.22 -1.34 -15.23
CA LEU A 82 -4.90 -1.88 -14.90
C LEU A 82 -3.80 -0.94 -15.38
N ASP A 83 -4.00 -0.34 -16.56
CA ASP A 83 -3.03 0.59 -17.11
C ASP A 83 -2.90 1.82 -16.23
N GLU A 84 -4.03 2.38 -15.83
CA GLU A 84 -4.04 3.55 -14.96
C GLU A 84 -3.49 3.17 -13.60
N PHE A 85 -3.68 1.92 -13.23
CA PHE A 85 -3.21 1.39 -11.96
C PHE A 85 -1.69 1.53 -11.85
N TYR A 86 -1.01 1.33 -12.97
CA TYR A 86 0.45 1.43 -13.00
C TYR A 86 0.90 2.84 -12.65
N ILE A 87 0.32 3.83 -13.33
CA ILE A 87 0.66 5.23 -13.09
C ILE A 87 0.36 5.65 -11.66
N GLU A 88 -0.70 5.09 -11.09
CA GLU A 88 -1.09 5.41 -9.71
C GLU A 88 0.03 5.12 -8.72
N LEU A 89 0.63 3.94 -8.85
CA LEU A 89 1.71 3.53 -7.97
C LEU A 89 3.03 4.17 -8.38
N ASP A 90 3.24 4.32 -9.67
CA ASP A 90 4.48 4.91 -10.19
C ASP A 90 4.62 6.36 -9.72
N GLN A 91 3.55 7.13 -9.83
CA GLN A 91 3.55 8.52 -9.42
C GLN A 91 3.83 8.65 -7.93
N GLN A 92 3.33 7.68 -7.15
CA GLN A 92 3.51 7.68 -5.71
C GLN A 92 4.96 7.38 -5.34
N LEU A 93 5.62 6.58 -6.17
CA LEU A 93 7.01 6.21 -5.93
C LEU A 93 7.91 7.44 -5.83
N ASN A 94 7.71 8.38 -6.75
CA ASN A 94 8.50 9.61 -6.78
C ASN A 94 8.33 10.40 -5.49
N ASP A 95 7.15 10.27 -4.87
CA ASP A 95 6.86 10.98 -3.62
C ASP A 95 7.73 10.45 -2.48
N LEU A 96 8.13 9.18 -2.58
CA LEU A 96 8.95 8.56 -1.55
C LEU A 96 10.44 8.62 -1.93
N GLU A 97 10.73 8.30 -3.19
CA GLU A 97 12.10 8.31 -3.68
C GLU A 97 12.76 9.66 -3.45
N SER A 98 11.98 10.74 -3.56
CA SER A 98 12.50 12.08 -3.37
C SER A 98 13.00 12.27 -1.93
N CYS A 99 12.40 11.55 -1.00
CA CYS A 99 12.80 11.64 0.40
C CYS A 99 14.12 10.94 0.65
N VAL A 100 14.41 9.93 -0.17
CA VAL A 100 15.66 9.18 -0.03
C VAL A 100 16.87 10.04 -0.37
N MET A 101 16.72 10.87 -1.41
CA MET A 101 17.80 11.75 -1.84
C MET A 101 17.93 12.95 -0.91
N GLN A 102 16.78 13.48 -0.49
CA GLN A 102 16.75 14.63 0.40
C GLN A 102 17.47 14.33 1.71
N GLU A 103 17.49 13.06 2.10
CA GLU A 103 18.14 12.64 3.34
C GLU A 103 17.37 13.16 4.55
N VAL A 104 16.13 12.70 4.69
CA VAL A 104 15.29 13.11 5.81
C VAL A 104 15.82 12.54 7.13
N GLY A 105 16.21 11.28 7.09
CA GLY A 105 16.74 10.64 8.28
C GLY A 105 16.34 9.18 8.39
N VAL A 106 15.10 8.88 8.02
CA VAL A 106 14.58 7.51 8.08
C VAL A 106 15.41 6.59 7.20
N ILE A 107 16.03 7.14 6.16
CA ILE A 107 16.85 6.35 5.24
C ILE A 107 18.33 6.43 5.62
N GLU A 108 18.59 6.40 6.93
CA GLU A 108 19.96 6.46 7.42
C GLU A 108 20.33 5.20 8.21
N SER A 109 19.35 4.64 8.91
CA SER A 109 19.58 3.44 9.71
C SER A 109 19.13 2.19 8.96
N PRO A 110 20.08 1.31 8.55
CA PRO A 110 19.75 0.09 7.83
C PRO A 110 18.92 -0.88 8.67
N LEU A 111 19.20 -0.92 9.97
CA LEU A 111 18.48 -1.80 10.88
C LEU A 111 16.99 -1.48 10.87
N MET A 112 16.67 -0.21 11.06
CA MET A 112 15.27 0.23 11.09
C MET A 112 14.59 -0.08 9.76
N TYR A 113 15.38 -0.20 8.69
CA TYR A 113 14.84 -0.49 7.37
C TYR A 113 14.37 -1.93 7.29
N GLU A 114 15.16 -2.85 7.82
CA GLU A 114 14.83 -4.27 7.80
C GLU A 114 13.40 -4.52 8.30
N ASP A 115 13.01 -3.80 9.34
CA ASP A 115 11.67 -3.95 9.91
C ASP A 115 10.59 -3.43 8.97
N SER A 116 10.86 -2.29 8.35
CA SER A 116 9.90 -1.68 7.43
C SER A 116 9.89 -2.40 6.08
N ILE A 117 11.09 -2.71 5.58
CA ILE A 117 11.24 -3.38 4.30
C ILE A 117 10.71 -4.81 4.36
N LEU A 118 11.14 -5.56 5.38
CA LEU A 118 10.71 -6.94 5.54
C LEU A 118 9.23 -7.02 5.88
N ALA A 119 8.73 -6.03 6.61
CA ALA A 119 7.31 -5.98 6.99
C ALA A 119 6.41 -6.04 5.77
N VAL A 120 6.87 -5.46 4.66
CA VAL A 120 6.10 -5.45 3.42
C VAL A 120 6.28 -6.74 2.65
N ARG A 121 7.51 -7.24 2.62
CA ARG A 121 7.81 -8.48 1.90
C ARG A 121 7.06 -9.65 2.51
N LYS A 122 7.08 -9.75 3.84
CA LYS A 122 6.40 -10.83 4.53
C LYS A 122 4.91 -10.84 4.22
N TYR A 123 4.29 -9.68 4.31
CA TYR A 123 2.86 -9.55 4.03
C TYR A 123 2.56 -9.83 2.56
N PHE A 124 3.42 -9.32 1.68
CA PHE A 124 3.25 -9.51 0.24
C PHE A 124 3.17 -11.00 -0.11
N GLN A 125 4.02 -11.79 0.53
CA GLN A 125 4.05 -13.24 0.27
C GLN A 125 2.73 -13.88 0.66
N ARG A 126 2.12 -13.39 1.73
CA ARG A 126 0.84 -13.94 2.21
C ARG A 126 -0.22 -13.82 1.14
N ILE A 127 -0.17 -12.76 0.35
CA ILE A 127 -1.14 -12.54 -0.72
C ILE A 127 -0.97 -13.55 -1.84
N THR A 128 0.28 -13.80 -2.23
CA THR A 128 0.57 -14.76 -3.29
C THR A 128 0.13 -16.16 -2.91
N LEU A 129 0.47 -16.58 -1.70
CA LEU A 129 0.11 -17.91 -1.22
C LEU A 129 -1.40 -18.00 -0.97
N TYR A 130 -1.99 -16.91 -0.50
CA TYR A 130 -3.41 -16.86 -0.23
C TYR A 130 -4.23 -17.07 -1.49
N LEU A 131 -3.97 -16.26 -2.50
CA LEU A 131 -4.68 -16.35 -3.78
C LEU A 131 -4.47 -17.72 -4.41
N THR A 132 -3.30 -18.31 -4.19
CA THR A 132 -2.98 -19.62 -4.74
C THR A 132 -4.03 -20.65 -4.33
N GLU A 133 -4.49 -20.54 -3.09
CA GLU A 133 -5.51 -21.46 -2.57
C GLU A 133 -6.84 -21.24 -3.27
N LYS A 134 -7.11 -20.01 -3.65
CA LYS A 134 -8.34 -19.66 -4.34
C LYS A 134 -8.17 -19.70 -5.85
N LYS A 135 -6.93 -19.94 -6.31
CA LYS A 135 -6.65 -20.01 -7.74
C LYS A 135 -7.13 -18.75 -8.46
N TYR A 136 -7.10 -17.62 -7.75
CA TYR A 136 -7.54 -16.35 -8.32
C TYR A 136 -8.98 -16.45 -8.81
N SER A 137 -9.89 -16.76 -7.89
CA SER A 137 -11.30 -16.89 -8.23
C SER A 137 -11.88 -15.55 -8.68
N SER A 138 -12.10 -14.65 -7.73
CA SER A 138 -12.65 -13.33 -8.03
C SER A 138 -12.68 -12.45 -6.77
N CYS A 139 -13.04 -13.05 -5.65
CA CYS A 139 -13.10 -12.32 -4.39
C CYS A 139 -11.74 -12.23 -3.73
N ALA A 140 -10.91 -13.25 -3.94
CA ALA A 140 -9.57 -13.27 -3.38
C ALA A 140 -8.79 -12.03 -3.78
N TRP A 141 -8.97 -11.60 -5.02
CA TRP A 141 -8.30 -10.41 -5.53
C TRP A 141 -8.92 -9.15 -4.92
N GLU A 142 -10.22 -9.19 -4.70
CA GLU A 142 -10.96 -8.07 -4.14
C GLU A 142 -10.43 -7.70 -2.75
N VAL A 143 -10.31 -8.70 -1.88
CA VAL A 143 -9.83 -8.46 -0.52
C VAL A 143 -8.43 -7.87 -0.51
N VAL A 144 -7.54 -8.44 -1.33
CA VAL A 144 -6.17 -7.97 -1.41
C VAL A 144 -6.10 -6.55 -1.99
N ARG A 145 -6.84 -6.32 -3.07
CA ARG A 145 -6.85 -5.01 -3.71
C ARG A 145 -7.50 -3.97 -2.79
N ALA A 146 -8.59 -4.38 -2.13
CA ALA A 146 -9.31 -3.50 -1.22
C ALA A 146 -8.40 -3.02 -0.10
N GLU A 147 -7.46 -3.87 0.31
CA GLU A 147 -6.52 -3.53 1.37
C GLU A 147 -5.53 -2.47 0.90
N ILE A 148 -5.15 -2.56 -0.37
CA ILE A 148 -4.20 -1.60 -0.95
C ILE A 148 -4.60 -0.17 -0.62
N MET A 149 -5.91 0.06 -0.53
CA MET A 149 -6.43 1.39 -0.23
C MET A 149 -6.03 1.82 1.19
N ARG A 150 -6.00 0.86 2.10
CA ARG A 150 -5.64 1.14 3.49
C ARG A 150 -4.16 1.48 3.62
N SER A 151 -3.32 0.82 2.81
CA SER A 151 -1.89 1.07 2.85
C SER A 151 -1.56 2.52 2.56
N PHE A 152 -2.27 3.10 1.59
CA PHE A 152 -2.06 4.49 1.21
C PHE A 152 -2.95 5.40 2.05
N SER A 153 -4.20 4.98 2.23
CA SER A 153 -5.17 5.75 2.99
C SER A 153 -4.60 6.19 4.34
N LEU A 154 -4.10 5.24 5.13
CA LEU A 154 -3.54 5.54 6.43
C LEU A 154 -2.25 6.34 6.31
N SER A 155 -1.40 5.95 5.38
CA SER A 155 -0.12 6.63 5.17
C SER A 155 -0.31 8.13 4.95
N ILE A 156 -1.50 8.55 4.57
CA ILE A 156 -1.77 9.97 4.32
C ILE A 156 -2.54 10.61 5.47
N ASN A 157 -2.13 10.31 6.70
CA ASN A 157 -2.77 10.87 7.89
C ASN A 157 -2.26 10.19 9.15
N LEU A 158 -1.93 8.91 9.03
CA LEU A 158 -1.41 8.13 10.14
C LEU A 158 -0.14 8.77 10.71
N GLN A 159 0.66 9.35 9.82
CA GLN A 159 1.90 10.01 10.24
C GLN A 159 1.63 11.08 11.29
N LYS A 160 0.54 11.81 11.10
CA LYS A 160 0.17 12.88 12.03
C LYS A 160 -0.34 12.29 13.36
N ARG A 161 -0.98 11.13 13.28
CA ARG A 161 -1.51 10.47 14.47
C ARG A 161 -0.39 9.84 15.29
N LEU A 162 -0.45 10.02 16.60
CA LEU A 162 0.56 9.46 17.49
C LEU A 162 -0.07 8.99 18.80
N LYS A 163 0.62 8.13 19.52
CA LYS A 163 0.12 7.60 20.79
C LYS A 163 0.49 8.53 21.94
N SER A 164 -0.19 8.35 23.07
CA SER A 164 0.04 9.16 24.24
C SER A 164 0.43 8.25 25.40
N LYS A 165 -0.32 8.35 26.46
CA LYS A 165 -0.09 7.55 27.66
C LYS A 165 -1.23 6.57 27.88
N GLU A 166 -1.73 6.00 26.78
CA GLU A 166 -2.82 5.04 26.85
C GLU A 166 -2.32 3.67 27.29
N CYS A 1 9.85 16.60 1.66
CA CYS A 1 8.68 15.73 1.35
C CYS A 1 7.37 16.50 1.49
N ASP A 2 7.20 17.16 2.64
CA ASP A 2 5.99 17.93 2.91
C ASP A 2 6.13 19.35 2.37
N LEU A 3 5.06 19.86 1.79
CA LEU A 3 5.05 21.21 1.24
C LEU A 3 3.65 21.80 1.24
N PRO A 4 3.54 23.14 1.12
CA PRO A 4 2.24 23.83 1.11
C PRO A 4 1.27 23.22 0.09
N GLN A 5 0.21 22.59 0.59
CA GLN A 5 -0.78 21.97 -0.28
C GLN A 5 -2.13 21.89 0.43
N THR A 6 -2.45 22.91 1.22
CA THR A 6 -3.72 22.94 1.95
C THR A 6 -3.81 21.77 2.92
N HIS A 7 -4.98 21.59 3.52
CA HIS A 7 -5.19 20.51 4.48
C HIS A 7 -6.02 19.40 3.86
N SER A 8 -7.14 19.76 3.24
CA SER A 8 -8.03 18.79 2.60
C SER A 8 -8.39 17.67 3.56
N LEU A 9 -9.16 16.70 3.07
CA LEU A 9 -9.56 15.57 3.88
C LEU A 9 -8.90 14.27 3.40
N GLY A 10 -7.70 14.01 3.91
CA GLY A 10 -6.98 12.82 3.52
C GLY A 10 -6.05 13.06 2.34
N ASN A 11 -5.87 12.04 1.51
CA ASN A 11 -5.01 12.15 0.34
C ASN A 11 -5.82 12.14 -0.94
N ARG A 12 -6.91 11.37 -0.92
CA ARG A 12 -7.79 11.25 -2.09
C ARG A 12 -6.99 11.03 -3.37
N ARG A 13 -5.87 10.33 -3.26
CA ARG A 13 -5.02 10.06 -4.41
C ARG A 13 -5.22 8.63 -4.91
N ALA A 14 -5.19 7.68 -3.98
CA ALA A 14 -5.35 6.27 -4.32
C ALA A 14 -6.69 5.73 -3.81
N LEU A 15 -7.28 6.42 -2.85
CA LEU A 15 -8.56 6.01 -2.28
C LEU A 15 -9.62 5.84 -3.37
N ILE A 16 -9.67 6.80 -4.29
CA ILE A 16 -10.64 6.76 -5.38
C ILE A 16 -10.41 5.54 -6.27
N LEU A 17 -9.14 5.17 -6.43
CA LEU A 17 -8.78 4.02 -7.25
C LEU A 17 -9.39 2.74 -6.68
N LEU A 18 -9.29 2.58 -5.38
CA LEU A 18 -9.83 1.40 -4.70
C LEU A 18 -11.36 1.38 -4.79
N ALA A 19 -11.96 2.56 -4.84
CA ALA A 19 -13.41 2.69 -4.93
C ALA A 19 -13.96 1.95 -6.13
N GLN A 20 -13.17 1.88 -7.21
CA GLN A 20 -13.59 1.20 -8.43
C GLN A 20 -13.88 -0.28 -8.18
N MET A 21 -13.47 -0.80 -7.03
CA MET A 21 -13.69 -2.20 -6.69
C MET A 21 -15.04 -2.39 -6.00
N ARG A 22 -16.05 -1.67 -6.46
CA ARG A 22 -17.39 -1.75 -5.88
C ARG A 22 -18.34 -2.58 -6.76
N ARG A 23 -17.92 -2.86 -7.99
CA ARG A 23 -18.73 -3.64 -8.92
C ARG A 23 -18.86 -5.09 -8.49
N ILE A 24 -18.05 -5.50 -7.51
CA ILE A 24 -18.10 -6.88 -7.02
C ILE A 24 -19.07 -7.01 -5.85
N SER A 25 -19.37 -8.25 -5.48
CA SER A 25 -20.29 -8.51 -4.36
C SER A 25 -19.53 -9.10 -3.17
N PRO A 26 -19.76 -8.56 -1.96
CA PRO A 26 -19.10 -9.04 -0.74
C PRO A 26 -19.51 -10.46 -0.40
N PHE A 27 -20.60 -10.94 -0.99
CA PHE A 27 -21.09 -12.28 -0.75
C PHE A 27 -20.26 -13.33 -1.48
N SER A 28 -19.32 -12.87 -2.32
CA SER A 28 -18.48 -13.78 -3.08
C SER A 28 -17.54 -14.55 -2.16
N CYS A 29 -17.17 -13.94 -1.03
CA CYS A 29 -16.28 -14.57 -0.06
C CYS A 29 -16.61 -14.12 1.36
N LEU A 30 -16.20 -14.91 2.34
CA LEU A 30 -16.46 -14.59 3.74
C LEU A 30 -15.27 -14.94 4.62
N LYS A 31 -14.87 -16.22 4.60
CA LYS A 31 -13.75 -16.69 5.39
C LYS A 31 -12.41 -16.21 4.82
N ASP A 32 -12.46 -15.60 3.64
CA ASP A 32 -11.24 -15.10 2.99
C ASP A 32 -11.00 -13.63 3.33
N ARG A 33 -11.47 -13.20 4.50
CA ARG A 33 -11.30 -11.82 4.93
C ARG A 33 -10.07 -11.67 5.83
N HIS A 34 -8.92 -11.44 5.21
CA HIS A 34 -7.67 -11.26 5.95
C HIS A 34 -6.85 -10.12 5.36
N ASP A 35 -5.78 -9.74 6.05
CA ASP A 35 -4.93 -8.65 5.60
C ASP A 35 -3.48 -9.10 5.40
N PHE A 36 -3.14 -9.46 4.17
CA PHE A 36 -1.78 -9.89 3.84
C PHE A 36 -1.08 -8.84 2.98
N GLU A 37 -1.78 -7.77 2.66
CA GLU A 37 -1.22 -6.71 1.82
C GLU A 37 -0.31 -5.77 2.61
N PHE A 38 -0.89 -5.04 3.56
CA PHE A 38 -0.12 -4.08 4.36
C PHE A 38 0.22 -4.66 5.74
N PRO A 39 1.51 -4.93 6.01
CA PRO A 39 1.88 -5.46 7.31
C PRO A 39 1.67 -4.40 8.37
N GLN A 40 0.59 -4.54 9.12
CA GLN A 40 0.25 -3.59 10.16
C GLN A 40 1.31 -3.59 11.27
N GLU A 41 1.98 -4.73 11.46
CA GLU A 41 2.99 -4.84 12.50
C GLU A 41 4.03 -3.74 12.36
N GLU A 42 4.42 -3.45 11.12
CA GLU A 42 5.40 -2.40 10.85
C GLU A 42 4.71 -1.04 10.72
N PHE A 43 3.40 -1.06 10.47
CA PHE A 43 2.63 0.17 10.30
C PHE A 43 2.12 0.71 11.63
N ASP A 44 1.97 -0.18 12.61
CA ASP A 44 1.48 0.23 13.92
C ASP A 44 2.43 1.22 14.59
N ASP A 45 1.92 2.00 15.53
CA ASP A 45 2.72 3.00 16.23
C ASP A 45 3.53 2.37 17.37
N LYS A 46 3.44 1.06 17.50
CA LYS A 46 4.18 0.35 18.55
C LYS A 46 5.68 0.57 18.42
N GLN A 47 6.12 0.97 17.23
CA GLN A 47 7.52 1.23 16.96
C GLN A 47 7.65 1.75 15.55
N PHE A 48 6.99 2.87 15.30
CA PHE A 48 6.97 3.47 13.97
C PHE A 48 6.78 4.97 14.06
N GLN A 49 7.36 5.71 13.10
CA GLN A 49 7.25 7.17 13.08
C GLN A 49 7.11 7.70 11.67
N LYS A 50 7.15 9.02 11.54
CA LYS A 50 7.03 9.69 10.24
C LYS A 50 8.09 9.19 9.26
N ALA A 51 9.35 9.46 9.57
CA ALA A 51 10.45 9.04 8.70
C ALA A 51 10.45 7.53 8.51
N GLN A 52 10.19 6.80 9.59
CA GLN A 52 10.14 5.34 9.53
C GLN A 52 9.13 4.88 8.50
N ALA A 53 7.98 5.55 8.46
CA ALA A 53 6.94 5.21 7.51
C ALA A 53 7.43 5.30 6.08
N ILE A 54 8.28 6.29 5.81
CA ILE A 54 8.84 6.49 4.48
C ILE A 54 9.54 5.22 4.00
N SER A 55 10.15 4.50 4.93
CA SER A 55 10.86 3.27 4.61
C SER A 55 9.91 2.18 4.14
N VAL A 56 8.89 1.88 4.94
CA VAL A 56 7.92 0.85 4.60
C VAL A 56 7.00 1.30 3.47
N LEU A 57 6.46 2.51 3.60
CA LEU A 57 5.56 3.05 2.59
C LEU A 57 6.18 2.99 1.19
N HIS A 58 7.44 3.40 1.08
CA HIS A 58 8.12 3.39 -0.21
C HIS A 58 8.12 1.99 -0.82
N GLU A 59 8.53 1.01 -0.02
CA GLU A 59 8.56 -0.38 -0.47
C GLU A 59 7.15 -0.92 -0.70
N MET A 60 6.25 -0.58 0.21
CA MET A 60 4.86 -1.02 0.13
C MET A 60 4.23 -0.62 -1.22
N ILE A 61 4.39 0.65 -1.58
CA ILE A 61 3.84 1.16 -2.83
C ILE A 61 4.58 0.58 -4.03
N GLN A 62 5.91 0.51 -3.92
CA GLN A 62 6.73 -0.03 -4.98
C GLN A 62 6.35 -1.48 -5.30
N GLN A 63 6.01 -2.22 -4.25
CA GLN A 63 5.61 -3.62 -4.40
C GLN A 63 4.25 -3.73 -5.10
N THR A 64 3.29 -2.94 -4.63
CA THR A 64 1.96 -2.95 -5.22
C THR A 64 2.01 -2.58 -6.69
N PHE A 65 2.80 -1.56 -7.02
CA PHE A 65 2.95 -1.11 -8.39
C PHE A 65 3.53 -2.21 -9.27
N ASN A 66 4.35 -3.05 -8.65
CA ASN A 66 4.98 -4.16 -9.37
C ASN A 66 4.00 -5.31 -9.61
N LEU A 67 3.03 -5.45 -8.71
CA LEU A 67 2.03 -6.50 -8.82
C LEU A 67 1.29 -6.44 -10.15
N PHE A 68 0.65 -5.30 -10.42
CA PHE A 68 -0.10 -5.12 -11.66
C PHE A 68 0.83 -4.84 -12.83
N SER A 69 1.82 -3.99 -12.60
CA SER A 69 2.78 -3.62 -13.64
C SER A 69 3.48 -4.85 -14.23
N THR A 70 3.47 -5.96 -13.50
CA THR A 70 4.12 -7.18 -13.96
C THR A 70 3.26 -7.93 -14.99
N LYS A 71 2.08 -7.38 -15.30
CA LYS A 71 1.16 -7.98 -16.27
C LYS A 71 0.26 -9.03 -15.63
N ASP A 72 0.74 -9.66 -14.55
CA ASP A 72 -0.05 -10.68 -13.86
C ASP A 72 -1.37 -10.12 -13.37
N SER A 73 -1.32 -9.30 -12.33
CA SER A 73 -2.52 -8.70 -11.76
C SER A 73 -3.15 -7.70 -12.72
N SER A 74 -2.32 -7.11 -13.59
CA SER A 74 -2.80 -6.13 -14.55
C SER A 74 -3.90 -6.72 -15.42
N ALA A 75 -3.72 -7.97 -15.83
CA ALA A 75 -4.71 -8.65 -16.67
C ALA A 75 -6.01 -8.91 -15.89
N ALA A 76 -5.93 -8.83 -14.57
CA ALA A 76 -7.09 -9.06 -13.72
C ALA A 76 -8.00 -7.83 -13.69
N LEU A 77 -7.41 -6.65 -13.80
CA LEU A 77 -8.17 -5.41 -13.78
C LEU A 77 -8.31 -4.83 -15.18
N ASP A 78 -9.37 -4.04 -15.40
CA ASP A 78 -9.62 -3.43 -16.70
C ASP A 78 -8.42 -2.58 -17.12
N GLU A 79 -8.06 -2.68 -18.40
CA GLU A 79 -6.93 -1.92 -18.93
C GLU A 79 -7.07 -0.42 -18.63
N THR A 80 -8.30 0.05 -18.57
CA THR A 80 -8.56 1.46 -18.27
C THR A 80 -8.23 1.78 -16.82
N LEU A 81 -8.78 0.99 -15.91
CA LEU A 81 -8.55 1.18 -14.48
C LEU A 81 -7.12 0.81 -14.11
N LEU A 82 -6.60 -0.23 -14.77
CA LEU A 82 -5.24 -0.69 -14.53
C LEU A 82 -4.22 0.37 -14.92
N ASP A 83 -4.47 1.04 -16.04
CA ASP A 83 -3.57 2.09 -16.52
C ASP A 83 -3.48 3.22 -15.50
N GLU A 84 -4.63 3.64 -14.97
CA GLU A 84 -4.68 4.69 -13.98
C GLU A 84 -4.10 4.19 -12.66
N PHE A 85 -4.24 2.88 -12.44
CA PHE A 85 -3.74 2.25 -11.23
C PHE A 85 -2.24 2.47 -11.09
N TYR A 86 -1.53 2.40 -12.21
CA TYR A 86 -0.08 2.60 -12.22
C TYR A 86 0.28 4.01 -11.75
N ILE A 87 -0.35 5.00 -12.36
CA ILE A 87 -0.09 6.39 -12.02
C ILE A 87 -0.41 6.68 -10.55
N GLU A 88 -1.43 6.00 -10.04
CA GLU A 88 -1.85 6.18 -8.66
C GLU A 88 -0.72 5.82 -7.70
N LEU A 89 -0.06 4.69 -7.95
CA LEU A 89 1.03 4.23 -7.10
C LEU A 89 2.33 4.98 -7.43
N ASP A 90 2.65 5.06 -8.71
CA ASP A 90 3.86 5.75 -9.16
C ASP A 90 3.93 7.17 -8.62
N GLN A 91 2.76 7.77 -8.40
CA GLN A 91 2.68 9.13 -7.89
C GLN A 91 3.09 9.18 -6.42
N GLN A 92 2.72 8.15 -5.67
CA GLN A 92 3.04 8.07 -4.26
C GLN A 92 4.53 7.79 -4.05
N LEU A 93 5.12 7.02 -4.96
CA LEU A 93 6.53 6.68 -4.88
C LEU A 93 7.40 7.94 -4.88
N ASN A 94 7.02 8.91 -5.71
CA ASN A 94 7.77 10.16 -5.80
C ASN A 94 7.76 10.91 -4.47
N ASP A 95 6.67 10.75 -3.73
CA ASP A 95 6.53 11.42 -2.44
C ASP A 95 7.47 10.82 -1.40
N LEU A 96 7.73 9.51 -1.52
CA LEU A 96 8.60 8.81 -0.60
C LEU A 96 10.06 8.87 -1.07
N GLU A 97 10.25 8.73 -2.37
CA GLU A 97 11.59 8.76 -2.96
C GLU A 97 12.32 10.05 -2.58
N SER A 98 11.58 11.15 -2.48
CA SER A 98 12.17 12.43 -2.13
C SER A 98 12.77 12.40 -0.73
N CYS A 99 12.21 11.57 0.14
CA CYS A 99 12.70 11.45 1.51
C CYS A 99 13.88 10.49 1.58
N VAL A 100 13.96 9.59 0.61
CA VAL A 100 15.04 8.59 0.57
C VAL A 100 16.41 9.27 0.46
N MET A 101 16.54 10.17 -0.52
CA MET A 101 17.80 10.89 -0.73
C MET A 101 18.01 11.95 0.35
N GLN A 102 16.92 12.42 0.94
CA GLN A 102 16.99 13.44 1.97
C GLN A 102 17.88 13.00 3.14
N GLU A 103 17.95 11.68 3.33
CA GLU A 103 18.77 11.12 4.41
C GLU A 103 18.21 11.53 5.77
N VAL A 104 16.96 11.17 6.03
CA VAL A 104 16.31 11.51 7.29
C VAL A 104 16.95 10.73 8.44
N GLY A 105 17.21 9.45 8.20
CA GLY A 105 17.82 8.61 9.22
C GLY A 105 17.41 7.16 9.07
N VAL A 106 16.19 6.93 8.61
CA VAL A 106 15.68 5.58 8.41
C VAL A 106 16.25 4.96 7.14
N ILE A 107 16.70 5.80 6.22
CA ILE A 107 17.28 5.32 4.97
C ILE A 107 18.80 5.27 5.05
N GLU A 108 19.29 4.88 6.21
CA GLU A 108 20.74 4.79 6.42
C GLU A 108 21.11 3.46 7.08
N SER A 109 20.26 2.99 7.98
CA SER A 109 20.52 1.73 8.69
C SER A 109 20.05 0.53 7.85
N PRO A 110 20.98 -0.30 7.38
CA PRO A 110 20.64 -1.48 6.57
C PRO A 110 19.79 -2.48 7.34
N LEU A 111 20.10 -2.65 8.62
CA LEU A 111 19.35 -3.58 9.47
C LEU A 111 17.88 -3.20 9.54
N MET A 112 17.61 -1.94 9.88
CA MET A 112 16.25 -1.45 9.99
C MET A 112 15.49 -1.63 8.68
N TYR A 113 16.23 -1.70 7.58
CA TYR A 113 15.63 -1.88 6.26
C TYR A 113 15.07 -3.28 6.10
N GLU A 114 15.87 -4.29 6.47
CA GLU A 114 15.45 -5.67 6.36
C GLU A 114 14.22 -5.96 7.22
N ASP A 115 14.30 -5.61 8.50
CA ASP A 115 13.19 -5.85 9.42
C ASP A 115 11.93 -5.11 8.97
N SER A 116 12.09 -3.89 8.51
CA SER A 116 10.94 -3.08 8.07
C SER A 116 10.44 -3.51 6.69
N ILE A 117 11.36 -3.60 5.74
CA ILE A 117 11.01 -3.98 4.37
C ILE A 117 10.55 -5.43 4.28
N LEU A 118 11.24 -6.34 4.96
CA LEU A 118 10.88 -7.75 4.93
C LEU A 118 9.43 -7.95 5.37
N ALA A 119 8.96 -7.07 6.24
CA ALA A 119 7.59 -7.14 6.73
C ALA A 119 6.60 -7.05 5.57
N VAL A 120 6.95 -6.26 4.56
CA VAL A 120 6.10 -6.08 3.39
C VAL A 120 6.31 -7.21 2.40
N ARG A 121 7.59 -7.54 2.16
CA ARG A 121 7.93 -8.61 1.23
C ARG A 121 7.29 -9.94 1.64
N LYS A 122 7.38 -10.25 2.93
CA LYS A 122 6.79 -11.49 3.44
C LYS A 122 5.29 -11.52 3.20
N TYR A 123 4.62 -10.44 3.62
CA TYR A 123 3.17 -10.34 3.46
C TYR A 123 2.80 -10.39 1.98
N PHE A 124 3.59 -9.70 1.15
CA PHE A 124 3.36 -9.65 -0.29
C PHE A 124 3.31 -11.06 -0.88
N GLN A 125 4.18 -11.93 -0.38
CA GLN A 125 4.24 -13.31 -0.85
C GLN A 125 2.93 -14.04 -0.54
N ARG A 126 2.33 -13.72 0.59
CA ARG A 126 1.08 -14.35 0.99
C ARG A 126 -0.01 -14.11 -0.05
N ILE A 127 -0.14 -12.86 -0.50
CA ILE A 127 -1.13 -12.50 -1.49
C ILE A 127 -0.96 -13.32 -2.76
N THR A 128 0.27 -13.44 -3.22
CA THR A 128 0.56 -14.21 -4.44
C THR A 128 0.15 -15.66 -4.27
N LEU A 129 0.53 -16.26 -3.15
CA LEU A 129 0.20 -17.65 -2.86
C LEU A 129 -1.29 -17.81 -2.59
N TYR A 130 -1.88 -16.79 -1.95
CA TYR A 130 -3.30 -16.81 -1.63
C TYR A 130 -4.15 -16.89 -2.89
N LEU A 131 -3.91 -15.98 -3.82
CA LEU A 131 -4.65 -15.94 -5.08
C LEU A 131 -4.37 -17.18 -5.92
N THR A 132 -3.14 -17.67 -5.86
CA THR A 132 -2.75 -18.86 -6.61
C THR A 132 -3.64 -20.04 -6.25
N GLU A 133 -4.04 -20.12 -4.98
CA GLU A 133 -4.90 -21.20 -4.51
C GLU A 133 -6.29 -21.08 -5.11
N LYS A 134 -6.72 -19.84 -5.35
CA LYS A 134 -8.04 -19.59 -5.92
C LYS A 134 -7.96 -19.38 -7.42
N LYS A 135 -6.74 -19.34 -7.97
CA LYS A 135 -6.55 -19.14 -9.39
C LYS A 135 -7.17 -17.83 -9.86
N TYR A 136 -7.21 -16.85 -8.95
CA TYR A 136 -7.76 -15.54 -9.26
C TYR A 136 -9.23 -15.67 -9.67
N SER A 137 -10.08 -16.03 -8.72
CA SER A 137 -11.51 -16.18 -8.97
C SER A 137 -12.17 -14.83 -9.21
N SER A 138 -12.40 -14.09 -8.13
CA SER A 138 -13.03 -12.77 -8.21
C SER A 138 -12.98 -12.06 -6.87
N CYS A 139 -13.25 -12.80 -5.79
CA CYS A 139 -13.24 -12.22 -4.45
C CYS A 139 -11.82 -12.16 -3.89
N ALA A 140 -10.97 -13.08 -4.33
CA ALA A 140 -9.59 -13.12 -3.88
C ALA A 140 -8.91 -11.77 -4.11
N TRP A 141 -9.21 -11.15 -5.24
CA TRP A 141 -8.63 -9.86 -5.58
C TRP A 141 -9.28 -8.76 -4.73
N GLU A 142 -10.56 -8.93 -4.43
CA GLU A 142 -11.31 -7.96 -3.64
C GLU A 142 -10.80 -7.90 -2.20
N VAL A 143 -10.40 -9.04 -1.67
CA VAL A 143 -9.89 -9.10 -0.30
C VAL A 143 -8.49 -8.50 -0.21
N VAL A 144 -7.65 -8.82 -1.18
CA VAL A 144 -6.28 -8.31 -1.21
C VAL A 144 -6.25 -6.81 -1.50
N ARG A 145 -7.04 -6.40 -2.49
CA ARG A 145 -7.10 -4.99 -2.88
C ARG A 145 -7.66 -4.14 -1.73
N ALA A 146 -8.67 -4.67 -1.05
CA ALA A 146 -9.29 -3.98 0.06
C ALA A 146 -8.27 -3.62 1.14
N GLU A 147 -7.27 -4.48 1.29
CA GLU A 147 -6.22 -4.27 2.28
C GLU A 147 -5.38 -3.05 1.91
N ILE A 148 -5.16 -2.86 0.62
CA ILE A 148 -4.38 -1.72 0.13
C ILE A 148 -4.94 -0.42 0.67
N MET A 149 -6.25 -0.38 0.86
CA MET A 149 -6.92 0.80 1.38
C MET A 149 -6.35 1.19 2.74
N ARG A 150 -6.20 0.21 3.63
CA ARG A 150 -5.66 0.45 4.95
C ARG A 150 -4.21 0.88 4.87
N SER A 151 -3.45 0.27 3.95
CA SER A 151 -2.05 0.60 3.76
C SER A 151 -1.89 2.07 3.41
N PHE A 152 -2.85 2.59 2.67
CA PHE A 152 -2.82 4.00 2.27
C PHE A 152 -3.34 4.88 3.40
N SER A 153 -4.19 4.32 4.24
CA SER A 153 -4.78 5.05 5.37
C SER A 153 -3.75 5.37 6.45
N LEU A 154 -3.21 4.33 7.08
CA LEU A 154 -2.22 4.53 8.15
C LEU A 154 -0.95 5.17 7.62
N SER A 155 -0.61 4.86 6.37
CA SER A 155 0.58 5.40 5.75
C SER A 155 0.55 6.92 5.74
N ILE A 156 -0.64 7.49 5.54
CA ILE A 156 -0.81 8.93 5.51
C ILE A 156 -1.53 9.44 6.76
N ASN A 157 -1.00 9.06 7.92
CA ASN A 157 -1.59 9.47 9.20
C ASN A 157 -0.72 9.00 10.37
N LEU A 158 -0.37 7.73 10.35
CA LEU A 158 0.46 7.15 11.41
C LEU A 158 1.82 7.85 11.46
N GLN A 159 2.36 8.16 10.27
CA GLN A 159 3.64 8.85 10.17
C GLN A 159 3.63 10.15 10.96
N LYS A 160 2.50 10.84 10.93
CA LYS A 160 2.36 12.11 11.65
C LYS A 160 2.36 11.88 13.16
N ARG A 161 1.62 10.86 13.60
CA ARG A 161 1.53 10.54 15.01
C ARG A 161 0.96 11.71 15.81
N LEU A 162 0.51 11.43 17.03
CA LEU A 162 -0.07 12.47 17.88
C LEU A 162 -1.28 13.11 17.22
N LYS A 163 -1.85 14.11 17.88
CA LYS A 163 -3.02 14.82 17.36
C LYS A 163 -2.72 15.41 15.98
N SER A 164 -3.78 15.58 15.18
CA SER A 164 -3.65 16.13 13.87
C SER A 164 -5.03 16.20 13.22
N LYS A 165 -5.44 17.40 12.95
CA LYS A 165 -6.72 17.67 12.33
C LYS A 165 -6.55 18.02 10.86
N GLU A 166 -5.58 17.38 10.22
CA GLU A 166 -5.29 17.61 8.82
C GLU A 166 -5.60 16.38 7.98
N CYS A 1 8.49 15.06 4.38
CA CYS A 1 9.46 16.00 3.77
C CYS A 1 8.96 17.44 3.81
N ASP A 2 9.85 18.37 4.11
CA ASP A 2 9.49 19.78 4.19
C ASP A 2 9.69 20.46 2.84
N LEU A 3 8.70 21.25 2.43
CA LEU A 3 8.76 21.97 1.16
C LEU A 3 7.52 22.82 0.95
N PRO A 4 6.32 22.22 1.06
CA PRO A 4 5.06 22.93 0.88
C PRO A 4 4.79 23.92 2.01
N GLN A 5 3.55 24.38 2.10
CA GLN A 5 3.15 25.33 3.14
C GLN A 5 2.25 24.67 4.17
N THR A 6 1.48 23.68 3.72
CA THR A 6 0.56 22.96 4.61
C THR A 6 0.74 21.45 4.44
N HIS A 7 0.51 20.71 5.52
CA HIS A 7 0.62 19.26 5.49
C HIS A 7 -0.68 18.61 5.06
N SER A 8 -1.79 19.26 5.36
CA SER A 8 -3.11 18.74 5.01
C SER A 8 -3.24 18.56 3.50
N LEU A 9 -2.82 17.40 3.02
CA LEU A 9 -2.88 17.09 1.59
C LEU A 9 -3.27 15.64 1.35
N GLY A 10 -4.57 15.39 1.17
CA GLY A 10 -5.04 14.04 0.94
C GLY A 10 -4.75 13.55 -0.46
N ASN A 11 -4.75 12.23 -0.64
CA ASN A 11 -4.47 11.63 -1.93
C ASN A 11 -5.71 11.68 -2.83
N ARG A 12 -6.63 10.78 -2.58
CA ARG A 12 -7.87 10.71 -3.36
C ARG A 12 -7.58 10.56 -4.85
N ARG A 13 -6.52 9.81 -5.17
CA ARG A 13 -6.13 9.61 -6.56
C ARG A 13 -6.22 8.12 -6.93
N ALA A 14 -5.84 7.27 -5.99
CA ALA A 14 -5.88 5.83 -6.22
C ALA A 14 -7.19 5.22 -5.73
N LEU A 15 -7.81 5.87 -4.76
CA LEU A 15 -9.07 5.39 -4.20
C LEU A 15 -10.13 5.26 -5.27
N ILE A 16 -10.04 6.10 -6.30
CA ILE A 16 -11.00 6.08 -7.40
C ILE A 16 -10.88 4.79 -8.22
N LEU A 17 -9.65 4.43 -8.58
CA LEU A 17 -9.42 3.22 -9.36
C LEU A 17 -9.92 1.97 -8.62
N LEU A 18 -9.79 1.99 -7.30
CA LEU A 18 -10.22 0.87 -6.47
C LEU A 18 -11.73 0.72 -6.51
N ALA A 19 -12.44 1.84 -6.62
CA ALA A 19 -13.89 1.84 -6.66
C ALA A 19 -14.41 0.98 -7.81
N GLN A 20 -13.64 0.91 -8.90
CA GLN A 20 -14.02 0.13 -10.07
C GLN A 20 -14.17 -1.35 -9.71
N MET A 21 -13.57 -1.76 -8.60
CA MET A 21 -13.65 -3.16 -8.16
C MET A 21 -14.73 -3.33 -7.10
N ARG A 22 -15.83 -2.60 -7.27
CA ARG A 22 -16.95 -2.67 -6.33
C ARG A 22 -18.10 -3.49 -6.89
N ARG A 23 -18.06 -3.78 -8.18
CA ARG A 23 -19.12 -4.55 -8.83
C ARG A 23 -19.12 -6.00 -8.37
N ILE A 24 -18.06 -6.42 -7.67
CA ILE A 24 -17.97 -7.78 -7.19
C ILE A 24 -19.09 -8.10 -6.20
N SER A 25 -19.27 -9.38 -5.88
CA SER A 25 -20.30 -9.79 -4.95
C SER A 25 -19.71 -10.09 -3.57
N PRO A 26 -20.14 -9.36 -2.53
CA PRO A 26 -19.64 -9.56 -1.17
C PRO A 26 -19.91 -10.98 -0.66
N PHE A 27 -20.82 -11.67 -1.34
CA PHE A 27 -21.17 -13.03 -0.94
C PHE A 27 -20.14 -14.05 -1.44
N SER A 28 -19.15 -13.58 -2.18
CA SER A 28 -18.10 -14.46 -2.70
C SER A 28 -17.24 -15.01 -1.58
N CYS A 29 -17.12 -14.24 -0.50
CA CYS A 29 -16.32 -14.63 0.65
C CYS A 29 -16.73 -13.85 1.90
N LEU A 30 -16.39 -14.39 3.07
CA LEU A 30 -16.73 -13.73 4.33
C LEU A 30 -15.55 -13.73 5.29
N LYS A 31 -15.08 -14.92 5.65
CA LYS A 31 -13.95 -15.07 6.55
C LYS A 31 -12.63 -14.81 5.85
N ASP A 32 -12.68 -14.59 4.55
CA ASP A 32 -11.47 -14.34 3.76
C ASP A 32 -11.11 -12.86 3.74
N ARG A 33 -11.49 -12.13 4.79
CA ARG A 33 -11.19 -10.70 4.87
C ARG A 33 -10.08 -10.43 5.86
N HIS A 34 -8.84 -10.37 5.37
CA HIS A 34 -7.68 -10.12 6.22
C HIS A 34 -6.82 -9.00 5.65
N ASP A 35 -5.70 -8.74 6.32
CA ASP A 35 -4.78 -7.68 5.88
C ASP A 35 -3.38 -8.23 5.61
N PHE A 36 -3.17 -8.70 4.39
CA PHE A 36 -1.87 -9.24 3.99
C PHE A 36 -1.17 -8.33 2.99
N GLU A 37 -1.79 -7.21 2.65
CA GLU A 37 -1.21 -6.29 1.68
C GLU A 37 -0.43 -5.19 2.38
N PHE A 38 -1.16 -4.43 3.18
CA PHE A 38 -0.56 -3.34 3.92
C PHE A 38 0.01 -3.85 5.24
N PRO A 39 1.34 -3.85 5.41
CA PRO A 39 1.95 -4.33 6.65
C PRO A 39 1.61 -3.43 7.82
N GLN A 40 0.69 -3.88 8.66
CA GLN A 40 0.27 -3.11 9.82
C GLN A 40 1.42 -2.95 10.83
N GLU A 41 2.27 -3.96 10.95
CA GLU A 41 3.39 -3.90 11.88
C GLU A 41 4.21 -2.64 11.62
N GLU A 42 4.42 -2.36 10.34
CA GLU A 42 5.15 -1.16 9.95
C GLU A 42 4.18 0.01 9.84
N PHE A 43 2.90 -0.32 9.60
CA PHE A 43 1.85 0.68 9.47
C PHE A 43 1.15 0.94 10.81
N ASP A 44 1.79 0.56 11.91
CA ASP A 44 1.21 0.75 13.24
C ASP A 44 1.77 2.00 13.90
N ASP A 45 0.94 2.65 14.71
CA ASP A 45 1.32 3.88 15.40
C ASP A 45 2.43 3.63 16.43
N LYS A 46 2.76 2.36 16.67
CA LYS A 46 3.81 2.01 17.63
C LYS A 46 5.06 2.87 17.40
N GLN A 47 5.26 3.29 16.16
CA GLN A 47 6.41 4.11 15.81
C GLN A 47 6.27 4.62 14.38
N PHE A 48 5.06 5.04 14.03
CA PHE A 48 4.77 5.54 12.70
C PHE A 48 4.72 7.06 12.68
N GLN A 49 5.50 7.66 11.79
CA GLN A 49 5.54 9.11 11.64
C GLN A 49 5.67 9.51 10.18
N LYS A 50 5.86 10.80 9.93
CA LYS A 50 5.99 11.32 8.57
C LYS A 50 7.14 10.66 7.82
N ALA A 51 8.36 10.81 8.32
CA ALA A 51 9.54 10.24 7.68
C ALA A 51 9.49 8.71 7.66
N GLN A 52 9.11 8.11 8.79
CA GLN A 52 9.03 6.66 8.89
C GLN A 52 8.10 6.09 7.82
N ALA A 53 6.98 6.78 7.60
CA ALA A 53 6.00 6.35 6.61
C ALA A 53 6.63 6.27 5.22
N ILE A 54 7.48 7.24 4.89
CA ILE A 54 8.14 7.26 3.59
C ILE A 54 8.90 5.97 3.34
N SER A 55 9.43 5.40 4.42
CA SER A 55 10.19 4.15 4.32
C SER A 55 9.28 2.98 3.94
N VAL A 56 8.21 2.79 4.71
CA VAL A 56 7.28 1.70 4.45
C VAL A 56 6.44 1.95 3.20
N LEU A 57 5.90 3.17 3.11
CA LEU A 57 5.06 3.54 1.97
C LEU A 57 5.75 3.26 0.63
N HIS A 58 7.02 3.64 0.53
CA HIS A 58 7.78 3.44 -0.69
C HIS A 58 7.82 1.96 -1.09
N GLU A 59 8.17 1.10 -0.14
CA GLU A 59 8.24 -0.33 -0.40
C GLU A 59 6.85 -0.91 -0.65
N MET A 60 5.86 -0.36 0.04
CA MET A 60 4.48 -0.83 -0.10
C MET A 60 3.92 -0.51 -1.48
N ILE A 61 4.09 0.74 -1.92
CA ILE A 61 3.62 1.17 -3.22
C ILE A 61 4.42 0.53 -4.35
N GLN A 62 5.73 0.46 -4.16
CA GLN A 62 6.61 -0.13 -5.16
C GLN A 62 6.24 -1.59 -5.42
N GLN A 63 5.84 -2.29 -4.36
CA GLN A 63 5.47 -3.69 -4.47
C GLN A 63 4.18 -3.84 -5.28
N THR A 64 3.21 -2.97 -5.01
CA THR A 64 1.93 -3.02 -5.72
C THR A 64 2.13 -2.84 -7.22
N PHE A 65 3.09 -2.01 -7.59
CA PHE A 65 3.38 -1.76 -9.00
C PHE A 65 3.77 -3.04 -9.71
N ASN A 66 4.63 -3.83 -9.08
CA ASN A 66 5.09 -5.09 -9.64
C ASN A 66 3.98 -6.12 -9.70
N LEU A 67 3.03 -6.02 -8.76
CA LEU A 67 1.92 -6.97 -8.70
C LEU A 67 1.12 -6.98 -10.01
N PHE A 68 0.59 -5.83 -10.39
CA PHE A 68 -0.19 -5.72 -11.62
C PHE A 68 0.72 -5.68 -12.85
N SER A 69 1.80 -4.91 -12.75
CA SER A 69 2.75 -4.77 -13.85
C SER A 69 3.31 -6.11 -14.33
N THR A 70 3.17 -7.15 -13.51
CA THR A 70 3.69 -8.47 -13.87
C THR A 70 2.76 -9.18 -14.86
N LYS A 71 1.68 -8.50 -15.26
CA LYS A 71 0.72 -9.08 -16.21
C LYS A 71 -0.29 -9.99 -15.50
N ASP A 72 0.22 -10.91 -14.69
CA ASP A 72 -0.62 -11.85 -13.96
C ASP A 72 -1.79 -11.12 -13.29
N SER A 73 -1.48 -10.33 -12.26
CA SER A 73 -2.51 -9.59 -11.55
C SER A 73 -3.17 -8.55 -12.44
N SER A 74 -2.42 -8.05 -13.41
CA SER A 74 -2.94 -7.05 -14.35
C SER A 74 -4.18 -7.58 -15.07
N ALA A 75 -4.16 -8.87 -15.39
CA ALA A 75 -5.28 -9.50 -16.07
C ALA A 75 -6.52 -9.55 -15.18
N ALA A 76 -6.34 -9.28 -13.89
CA ALA A 76 -7.45 -9.29 -12.94
C ALA A 76 -8.30 -8.03 -13.06
N LEU A 77 -7.65 -6.91 -13.34
CA LEU A 77 -8.35 -5.64 -13.49
C LEU A 77 -8.36 -5.19 -14.94
N ASP A 78 -9.40 -4.47 -15.34
CA ASP A 78 -9.52 -3.98 -16.71
C ASP A 78 -8.25 -3.24 -17.13
N GLU A 79 -7.88 -3.39 -18.39
CA GLU A 79 -6.67 -2.74 -18.91
C GLU A 79 -6.71 -1.23 -18.67
N THR A 80 -7.91 -0.66 -18.74
CA THR A 80 -8.06 0.78 -18.52
C THR A 80 -7.81 1.14 -17.07
N LEU A 81 -8.47 0.43 -16.15
CA LEU A 81 -8.30 0.67 -14.72
C LEU A 81 -6.92 0.22 -14.27
N LEU A 82 -6.45 -0.88 -14.84
CA LEU A 82 -5.14 -1.43 -14.49
C LEU A 82 -4.02 -0.51 -14.97
N ASP A 83 -4.12 -0.07 -16.22
CA ASP A 83 -3.12 0.83 -16.79
C ASP A 83 -3.02 2.11 -15.99
N GLU A 84 -4.15 2.57 -15.45
CA GLU A 84 -4.18 3.78 -14.65
C GLU A 84 -3.48 3.55 -13.32
N PHE A 85 -3.53 2.31 -12.85
CA PHE A 85 -2.91 1.93 -11.59
C PHE A 85 -1.41 2.20 -11.63
N TYR A 86 -0.77 1.87 -12.74
CA TYR A 86 0.65 2.08 -12.91
C TYR A 86 1.04 3.54 -12.71
N ILE A 87 0.33 4.43 -13.41
CA ILE A 87 0.59 5.86 -13.31
C ILE A 87 0.34 6.37 -11.90
N GLU A 88 -0.65 5.79 -11.22
CA GLU A 88 -0.98 6.18 -9.86
C GLU A 88 0.17 5.93 -8.91
N LEU A 89 0.72 4.72 -8.94
CA LEU A 89 1.84 4.36 -8.07
C LEU A 89 3.10 5.13 -8.44
N ASP A 90 3.40 5.18 -9.73
CA ASP A 90 4.59 5.89 -10.20
C ASP A 90 4.60 7.33 -9.73
N GLN A 91 3.45 7.98 -9.82
CA GLN A 91 3.32 9.38 -9.39
C GLN A 91 3.64 9.51 -7.90
N GLN A 92 3.05 8.64 -7.10
CA GLN A 92 3.26 8.66 -5.66
C GLN A 92 4.67 8.20 -5.30
N LEU A 93 5.21 7.27 -6.10
CA LEU A 93 6.53 6.74 -5.87
C LEU A 93 7.59 7.84 -5.93
N ASN A 94 7.39 8.79 -6.84
CA ASN A 94 8.32 9.91 -7.00
C ASN A 94 8.41 10.73 -5.73
N ASP A 95 7.26 11.13 -5.20
CA ASP A 95 7.21 11.94 -3.99
C ASP A 95 7.86 11.22 -2.81
N LEU A 96 7.75 9.89 -2.80
CA LEU A 96 8.33 9.09 -1.74
C LEU A 96 9.83 8.88 -1.96
N GLU A 97 10.18 8.44 -3.17
CA GLU A 97 11.57 8.21 -3.52
C GLU A 97 12.42 9.45 -3.28
N SER A 98 11.84 10.62 -3.52
CA SER A 98 12.56 11.88 -3.33
C SER A 98 12.95 12.08 -1.87
N CYS A 99 12.14 11.53 -0.97
CA CYS A 99 12.40 11.64 0.47
C CYS A 99 13.52 10.69 0.89
N VAL A 100 13.66 9.59 0.15
CA VAL A 100 14.70 8.60 0.45
C VAL A 100 16.09 9.20 0.29
N MET A 101 16.34 9.80 -0.86
CA MET A 101 17.64 10.42 -1.13
C MET A 101 17.85 11.67 -0.28
N GLN A 102 16.76 12.25 0.19
CA GLN A 102 16.83 13.45 1.01
C GLN A 102 17.66 13.21 2.28
N GLU A 103 17.80 11.95 2.65
CA GLU A 103 18.58 11.58 3.84
C GLU A 103 17.90 12.10 5.11
N VAL A 104 16.58 11.94 5.18
CA VAL A 104 15.82 12.38 6.33
C VAL A 104 16.32 11.73 7.62
N GLY A 105 16.90 10.54 7.50
CA GLY A 105 17.42 9.84 8.65
C GLY A 105 16.79 8.47 8.84
N VAL A 106 15.47 8.40 8.64
CA VAL A 106 14.76 7.14 8.79
C VAL A 106 15.12 6.16 7.67
N ILE A 107 15.47 6.69 6.52
CA ILE A 107 15.84 5.86 5.37
C ILE A 107 17.36 5.81 5.21
N GLU A 108 18.06 5.66 6.33
CA GLU A 108 19.52 5.59 6.31
C GLU A 108 20.02 4.42 7.14
N SER A 109 19.46 4.25 8.33
CA SER A 109 19.85 3.17 9.22
C SER A 109 19.55 1.80 8.60
N PRO A 110 20.60 1.00 8.32
CA PRO A 110 20.43 -0.32 7.72
C PRO A 110 19.53 -1.23 8.55
N LEU A 111 19.58 -1.07 9.87
CA LEU A 111 18.77 -1.87 10.76
C LEU A 111 17.29 -1.67 10.50
N MET A 112 16.85 -0.42 10.48
CA MET A 112 15.45 -0.09 10.23
C MET A 112 15.02 -0.53 8.83
N TYR A 113 16.00 -0.68 7.94
CA TYR A 113 15.72 -1.10 6.56
C TYR A 113 15.17 -2.52 6.52
N GLU A 114 15.85 -3.43 7.20
CA GLU A 114 15.44 -4.83 7.23
C GLU A 114 14.04 -4.99 7.80
N ASP A 115 13.79 -4.35 8.95
CA ASP A 115 12.49 -4.43 9.61
C ASP A 115 11.41 -3.70 8.82
N SER A 116 11.78 -2.58 8.18
CA SER A 116 10.83 -1.80 7.41
C SER A 116 10.52 -2.44 6.06
N ILE A 117 11.56 -2.79 5.33
CA ILE A 117 11.42 -3.41 4.02
C ILE A 117 10.81 -4.81 4.11
N LEU A 118 11.37 -5.63 4.98
CA LEU A 118 10.90 -7.00 5.16
C LEU A 118 9.41 -7.03 5.49
N ALA A 119 8.95 -6.03 6.24
CA ALA A 119 7.55 -5.94 6.62
C ALA A 119 6.64 -5.99 5.40
N VAL A 120 7.06 -5.34 4.32
CA VAL A 120 6.28 -5.30 3.09
C VAL A 120 6.50 -6.56 2.26
N ARG A 121 7.73 -7.05 2.22
CA ARG A 121 8.07 -8.24 1.46
C ARG A 121 7.35 -9.47 2.01
N LYS A 122 7.36 -9.62 3.32
CA LYS A 122 6.71 -10.76 3.96
C LYS A 122 5.20 -10.75 3.70
N TYR A 123 4.56 -9.63 3.97
CA TYR A 123 3.12 -9.50 3.76
C TYR A 123 2.76 -9.70 2.29
N PHE A 124 3.51 -9.05 1.41
CA PHE A 124 3.27 -9.16 -0.03
C PHE A 124 3.24 -10.62 -0.46
N GLN A 125 4.00 -11.46 0.24
CA GLN A 125 4.07 -12.88 -0.06
C GLN A 125 2.76 -13.57 0.30
N ARG A 126 2.13 -13.11 1.38
CA ARG A 126 0.87 -13.69 1.84
C ARG A 126 -0.21 -13.55 0.76
N ILE A 127 -0.25 -12.38 0.13
CA ILE A 127 -1.24 -12.12 -0.93
C ILE A 127 -1.11 -13.16 -2.04
N THR A 128 0.11 -13.40 -2.49
CA THR A 128 0.35 -14.36 -3.56
C THR A 128 -0.11 -15.75 -3.16
N LEU A 129 0.27 -16.17 -1.96
CA LEU A 129 -0.11 -17.49 -1.46
C LEU A 129 -1.61 -17.55 -1.17
N TYR A 130 -2.16 -16.43 -0.69
CA TYR A 130 -3.58 -16.35 -0.38
C TYR A 130 -4.42 -16.55 -1.64
N LEU A 131 -4.14 -15.75 -2.67
CA LEU A 131 -4.86 -15.84 -3.93
C LEU A 131 -4.71 -17.22 -4.55
N THR A 132 -3.55 -17.84 -4.32
CA THR A 132 -3.27 -19.17 -4.87
C THR A 132 -4.35 -20.17 -4.44
N GLU A 133 -4.89 -19.97 -3.25
CA GLU A 133 -5.93 -20.85 -2.72
C GLU A 133 -7.20 -20.73 -3.55
N LYS A 134 -7.43 -19.54 -4.09
CA LYS A 134 -8.62 -19.27 -4.90
C LYS A 134 -8.27 -19.25 -6.38
N LYS A 135 -6.97 -19.37 -6.69
CA LYS A 135 -6.52 -19.34 -8.08
C LYS A 135 -6.92 -18.02 -8.74
N TYR A 136 -7.04 -16.97 -7.94
CA TYR A 136 -7.41 -15.65 -8.45
C TYR A 136 -8.87 -15.64 -8.89
N SER A 137 -9.74 -16.18 -8.04
CA SER A 137 -11.17 -16.24 -8.34
C SER A 137 -11.74 -14.84 -8.55
N SER A 138 -11.93 -14.12 -7.46
CA SER A 138 -12.47 -12.77 -7.53
C SER A 138 -12.46 -12.11 -6.14
N CYS A 139 -12.90 -12.85 -5.14
CA CYS A 139 -12.94 -12.33 -3.77
C CYS A 139 -11.54 -12.17 -3.21
N ALA A 140 -10.70 -13.17 -3.41
CA ALA A 140 -9.33 -13.13 -2.91
C ALA A 140 -8.62 -11.87 -3.41
N TRP A 141 -8.87 -11.51 -4.67
CA TRP A 141 -8.26 -10.33 -5.27
C TRP A 141 -8.91 -9.07 -4.70
N GLU A 142 -10.21 -9.16 -4.42
CA GLU A 142 -10.95 -8.03 -3.88
C GLU A 142 -10.44 -7.65 -2.49
N VAL A 143 -10.30 -8.64 -1.63
CA VAL A 143 -9.82 -8.40 -0.27
C VAL A 143 -8.41 -7.79 -0.29
N VAL A 144 -7.54 -8.35 -1.11
CA VAL A 144 -6.17 -7.86 -1.21
C VAL A 144 -6.12 -6.47 -1.85
N ARG A 145 -6.83 -6.30 -2.96
CA ARG A 145 -6.86 -5.02 -3.66
C ARG A 145 -7.61 -3.97 -2.85
N ALA A 146 -8.71 -4.38 -2.23
CA ALA A 146 -9.50 -3.47 -1.42
C ALA A 146 -8.75 -3.07 -0.16
N GLU A 147 -7.96 -4.00 0.37
CA GLU A 147 -7.19 -3.74 1.58
C GLU A 147 -6.22 -2.59 1.36
N ILE A 148 -5.67 -2.51 0.15
CA ILE A 148 -4.73 -1.44 -0.19
C ILE A 148 -5.27 -0.09 0.24
N MET A 149 -6.59 0.02 0.24
CA MET A 149 -7.25 1.26 0.64
C MET A 149 -6.87 1.64 2.07
N ARG A 150 -6.69 0.63 2.93
CA ARG A 150 -6.33 0.88 4.31
C ARG A 150 -4.96 1.52 4.39
N SER A 151 -3.97 0.93 3.72
CA SER A 151 -2.62 1.48 3.72
C SER A 151 -2.63 2.90 3.17
N PHE A 152 -3.52 3.13 2.21
CA PHE A 152 -3.65 4.46 1.61
C PHE A 152 -4.07 5.47 2.67
N SER A 153 -4.91 5.03 3.59
CA SER A 153 -5.38 5.89 4.68
C SER A 153 -4.45 5.80 5.88
N LEU A 154 -3.96 4.59 6.14
CA LEU A 154 -3.05 4.33 7.25
C LEU A 154 -1.81 5.22 7.12
N SER A 155 -1.19 5.17 5.95
CA SER A 155 0.00 5.96 5.67
C SER A 155 -0.19 7.42 6.09
N ILE A 156 -1.44 7.88 6.05
CA ILE A 156 -1.75 9.26 6.41
C ILE A 156 -2.74 9.30 7.57
N ASN A 157 -2.62 8.35 8.49
CA ASN A 157 -3.51 8.27 9.64
C ASN A 157 -2.70 8.27 10.93
N LEU A 158 -1.87 7.26 11.09
CA LEU A 158 -1.03 7.13 12.29
C LEU A 158 -0.09 8.31 12.44
N GLN A 159 0.65 8.64 11.37
CA GLN A 159 1.57 9.77 11.40
C GLN A 159 0.86 10.99 11.97
N LYS A 160 -0.32 11.27 11.42
CA LYS A 160 -1.12 12.39 11.89
C LYS A 160 -1.73 12.06 13.25
N ARG A 161 -1.94 10.77 13.51
CA ARG A 161 -2.51 10.34 14.78
C ARG A 161 -1.43 10.10 15.82
N LEU A 162 -1.22 11.09 16.68
CA LEU A 162 -0.21 10.99 17.73
C LEU A 162 -0.73 11.55 19.05
N LYS A 163 -2.03 11.37 19.29
CA LYS A 163 -2.66 11.86 20.51
C LYS A 163 -2.65 10.78 21.59
N SER A 164 -3.47 9.75 21.40
CA SER A 164 -3.57 8.66 22.36
C SER A 164 -3.00 7.37 21.78
N LYS A 165 -2.43 7.49 20.62
CA LYS A 165 -1.83 6.37 19.92
C LYS A 165 -2.89 5.33 19.56
N GLU A 166 -4.06 5.80 19.15
CA GLU A 166 -5.15 4.91 18.78
C GLU A 166 -6.05 5.56 17.72
N CYS A 1 11.16 17.55 3.24
CA CYS A 1 10.48 16.93 2.08
C CYS A 1 9.28 17.76 1.63
N ASP A 2 8.37 18.03 2.55
CA ASP A 2 7.18 18.82 2.25
C ASP A 2 7.41 20.29 2.55
N LEU A 3 7.54 21.09 1.49
CA LEU A 3 7.78 22.52 1.64
C LEU A 3 6.46 23.30 1.55
N PRO A 4 5.77 23.28 0.40
CA PRO A 4 4.51 23.99 0.21
C PRO A 4 3.34 23.30 0.90
N GLN A 5 3.26 21.98 0.74
CA GLN A 5 2.19 21.20 1.36
C GLN A 5 2.46 20.98 2.84
N THR A 6 2.15 21.98 3.65
CA THR A 6 2.36 21.88 5.09
C THR A 6 1.06 21.51 5.80
N HIS A 7 0.20 20.78 5.11
CA HIS A 7 -1.08 20.36 5.68
C HIS A 7 -1.62 19.14 4.96
N SER A 8 -2.71 18.59 5.47
CA SER A 8 -3.33 17.41 4.87
C SER A 8 -4.85 17.43 5.07
N LEU A 9 -5.55 16.59 4.32
CA LEU A 9 -6.99 16.51 4.42
C LEU A 9 -7.53 15.34 3.59
N GLY A 10 -6.76 14.25 3.56
CA GLY A 10 -7.17 13.08 2.79
C GLY A 10 -6.81 13.19 1.32
N ASN A 11 -6.74 12.05 0.66
CA ASN A 11 -6.40 12.02 -0.77
C ASN A 11 -7.62 11.66 -1.60
N ARG A 12 -7.53 11.90 -2.91
CA ARG A 12 -8.63 11.58 -3.82
C ARG A 12 -8.10 11.22 -5.20
N ARG A 13 -7.32 10.16 -5.27
CA ARG A 13 -6.75 9.70 -6.52
C ARG A 13 -6.85 8.19 -6.66
N ALA A 14 -6.10 7.47 -5.83
CA ALA A 14 -6.10 6.02 -5.85
C ALA A 14 -7.47 5.47 -5.47
N LEU A 15 -8.20 6.22 -4.64
CA LEU A 15 -9.53 5.81 -4.19
C LEU A 15 -10.46 5.64 -5.37
N ILE A 16 -10.37 6.55 -6.33
CA ILE A 16 -11.21 6.50 -7.52
C ILE A 16 -10.95 5.22 -8.31
N LEU A 17 -9.68 4.92 -8.54
CA LEU A 17 -9.30 3.73 -9.27
C LEU A 17 -9.72 2.47 -8.51
N LEU A 18 -9.49 2.47 -7.20
CA LEU A 18 -9.85 1.34 -6.36
C LEU A 18 -11.37 1.17 -6.30
N ALA A 19 -12.09 2.29 -6.41
CA ALA A 19 -13.56 2.27 -6.36
C ALA A 19 -14.13 1.35 -7.43
N GLN A 20 -13.44 1.25 -8.56
CA GLN A 20 -13.88 0.41 -9.66
C GLN A 20 -13.98 -1.06 -9.24
N MET A 21 -13.35 -1.41 -8.12
CA MET A 21 -13.38 -2.78 -7.62
C MET A 21 -14.52 -2.98 -6.61
N ARG A 22 -15.59 -2.22 -6.78
CA ARG A 22 -16.74 -2.30 -5.89
C ARG A 22 -17.89 -3.06 -6.53
N ARG A 23 -17.80 -3.29 -7.84
CA ARG A 23 -18.85 -4.00 -8.57
C ARG A 23 -18.90 -5.48 -8.17
N ILE A 24 -17.87 -5.96 -7.48
CA ILE A 24 -17.83 -7.35 -7.04
C ILE A 24 -18.96 -7.65 -6.07
N SER A 25 -19.23 -8.94 -5.85
CA SER A 25 -20.28 -9.34 -4.92
C SER A 25 -19.71 -9.72 -3.56
N PRO A 26 -20.07 -8.97 -2.51
CA PRO A 26 -19.58 -9.23 -1.15
C PRO A 26 -19.91 -10.66 -0.69
N PHE A 27 -20.84 -11.30 -1.38
CA PHE A 27 -21.26 -12.65 -1.04
C PHE A 27 -20.29 -13.69 -1.61
N SER A 28 -19.27 -13.22 -2.33
CA SER A 28 -18.29 -14.13 -2.93
C SER A 28 -17.46 -14.82 -1.85
N CYS A 29 -17.32 -14.16 -0.70
CA CYS A 29 -16.55 -14.72 0.41
C CYS A 29 -16.90 -14.00 1.71
N LEU A 30 -16.48 -14.59 2.83
CA LEU A 30 -16.75 -14.00 4.14
C LEU A 30 -15.48 -13.97 5.00
N LYS A 31 -15.00 -15.16 5.37
CA LYS A 31 -13.79 -15.28 6.18
C LYS A 31 -12.54 -14.95 5.38
N ASP A 32 -12.69 -14.78 4.06
CA ASP A 32 -11.56 -14.47 3.19
C ASP A 32 -11.20 -12.98 3.25
N ARG A 33 -11.92 -12.22 4.06
CA ARG A 33 -11.68 -10.79 4.19
C ARG A 33 -10.54 -10.51 5.18
N HIS A 34 -9.31 -10.74 4.74
CA HIS A 34 -8.15 -10.50 5.59
C HIS A 34 -7.29 -9.37 5.03
N ASP A 35 -6.25 -8.98 5.77
CA ASP A 35 -5.38 -7.90 5.34
C ASP A 35 -3.92 -8.35 5.24
N PHE A 36 -3.54 -8.83 4.06
CA PHE A 36 -2.15 -9.27 3.84
C PHE A 36 -1.44 -8.30 2.89
N GLU A 37 -2.13 -7.28 2.42
CA GLU A 37 -1.56 -6.30 1.51
C GLU A 37 -0.71 -5.27 2.25
N PHE A 38 -1.35 -4.46 3.08
CA PHE A 38 -0.65 -3.43 3.83
C PHE A 38 -0.36 -3.87 5.26
N PRO A 39 0.91 -4.09 5.63
CA PRO A 39 1.21 -4.50 6.99
C PRO A 39 0.86 -3.39 7.96
N GLN A 40 -0.26 -3.55 8.63
CA GLN A 40 -0.73 -2.56 9.59
C GLN A 40 0.23 -2.43 10.77
N GLU A 41 0.94 -3.52 11.08
CA GLU A 41 1.88 -3.51 12.20
C GLU A 41 2.86 -2.36 12.07
N GLU A 42 3.34 -2.12 10.85
CA GLU A 42 4.26 -1.03 10.59
C GLU A 42 3.51 0.27 10.31
N PHE A 43 2.23 0.14 9.96
CA PHE A 43 1.39 1.29 9.65
C PHE A 43 0.67 1.85 10.88
N ASP A 44 0.56 1.03 11.92
CA ASP A 44 -0.12 1.44 13.14
C ASP A 44 0.65 2.57 13.84
N ASP A 45 -0.07 3.36 14.63
CA ASP A 45 0.51 4.49 15.34
C ASP A 45 1.48 4.03 16.44
N LYS A 46 1.41 2.75 16.80
CA LYS A 46 2.28 2.21 17.85
C LYS A 46 3.74 2.60 17.59
N GLN A 47 4.08 2.80 16.33
CA GLN A 47 5.42 3.18 15.93
C GLN A 47 5.43 3.64 14.47
N PHE A 48 4.81 4.79 14.23
CA PHE A 48 4.72 5.34 12.89
C PHE A 48 4.76 6.86 12.89
N GLN A 49 5.49 7.42 11.93
CA GLN A 49 5.60 8.87 11.80
C GLN A 49 5.63 9.27 10.32
N LYS A 50 5.83 10.56 10.07
CA LYS A 50 5.88 11.07 8.70
C LYS A 50 7.03 10.44 7.93
N ALA A 51 8.25 10.69 8.38
CA ALA A 51 9.44 10.15 7.73
C ALA A 51 9.41 8.62 7.72
N GLN A 52 8.98 8.04 8.84
CA GLN A 52 8.90 6.59 8.95
C GLN A 52 8.02 6.02 7.83
N ALA A 53 6.92 6.71 7.55
CA ALA A 53 6.00 6.28 6.51
C ALA A 53 6.71 6.17 5.17
N ILE A 54 7.60 7.11 4.90
CA ILE A 54 8.35 7.11 3.65
C ILE A 54 9.09 5.79 3.45
N SER A 55 9.54 5.20 4.55
CA SER A 55 10.25 3.93 4.50
C SER A 55 9.33 2.79 4.08
N VAL A 56 8.21 2.65 4.78
CA VAL A 56 7.24 1.58 4.49
C VAL A 56 6.48 1.86 3.19
N LEU A 57 5.95 3.07 3.08
CA LEU A 57 5.18 3.46 1.90
C LEU A 57 5.93 3.21 0.60
N HIS A 58 7.20 3.59 0.56
CA HIS A 58 8.02 3.42 -0.64
C HIS A 58 8.04 1.96 -1.10
N GLU A 59 8.34 1.06 -0.17
CA GLU A 59 8.39 -0.37 -0.50
C GLU A 59 6.99 -0.91 -0.77
N MET A 60 6.03 -0.48 0.04
CA MET A 60 4.64 -0.93 -0.11
C MET A 60 4.11 -0.62 -1.50
N ILE A 61 4.30 0.61 -1.96
CA ILE A 61 3.83 1.02 -3.27
C ILE A 61 4.62 0.33 -4.38
N GLN A 62 5.93 0.20 -4.18
CA GLN A 62 6.78 -0.46 -5.16
C GLN A 62 6.34 -1.89 -5.40
N GLN A 63 5.89 -2.54 -4.34
CA GLN A 63 5.44 -3.93 -4.42
C GLN A 63 4.15 -4.04 -5.24
N THR A 64 3.20 -3.16 -4.95
CA THR A 64 1.92 -3.16 -5.67
C THR A 64 2.14 -2.94 -7.16
N PHE A 65 3.10 -2.08 -7.49
CA PHE A 65 3.40 -1.78 -8.88
C PHE A 65 3.85 -3.03 -9.63
N ASN A 66 4.76 -3.78 -9.01
CA ASN A 66 5.28 -5.00 -9.62
C ASN A 66 4.21 -6.07 -9.74
N LEU A 67 3.23 -6.04 -8.83
CA LEU A 67 2.16 -7.02 -8.84
C LEU A 67 1.40 -7.02 -10.16
N PHE A 68 0.82 -5.87 -10.51
CA PHE A 68 0.07 -5.73 -11.76
C PHE A 68 1.00 -5.59 -12.96
N SER A 69 2.10 -4.87 -12.76
CA SER A 69 3.08 -4.63 -13.81
C SER A 69 3.74 -5.92 -14.31
N THR A 70 3.53 -7.03 -13.62
CA THR A 70 4.12 -8.29 -14.02
C THR A 70 3.29 -8.96 -15.11
N LYS A 71 2.13 -9.50 -14.72
CA LYS A 71 1.23 -10.17 -15.66
C LYS A 71 0.06 -10.81 -14.92
N ASP A 72 0.36 -11.55 -13.85
CA ASP A 72 -0.66 -12.22 -13.06
C ASP A 72 -1.82 -11.27 -12.74
N SER A 73 -1.55 -10.28 -11.89
CA SER A 73 -2.56 -9.32 -11.50
C SER A 73 -2.96 -8.44 -12.69
N SER A 74 -2.06 -8.35 -13.67
CA SER A 74 -2.33 -7.55 -14.87
C SER A 74 -3.59 -8.03 -15.57
N ALA A 75 -3.80 -9.34 -15.57
CA ALA A 75 -4.97 -9.93 -16.21
C ALA A 75 -6.19 -9.86 -15.30
N ALA A 76 -5.99 -9.42 -14.06
CA ALA A 76 -7.09 -9.31 -13.11
C ALA A 76 -7.94 -8.08 -13.40
N LEU A 77 -7.30 -7.00 -13.83
CA LEU A 77 -8.01 -5.77 -14.13
C LEU A 77 -7.84 -5.39 -15.60
N ASP A 78 -8.82 -4.68 -16.15
CA ASP A 78 -8.77 -4.26 -17.55
C ASP A 78 -7.47 -3.53 -17.85
N GLU A 79 -6.97 -3.69 -19.08
CA GLU A 79 -5.73 -3.04 -19.47
C GLU A 79 -5.79 -1.53 -19.27
N THR A 80 -6.99 -0.97 -19.41
CA THR A 80 -7.19 0.46 -19.22
C THR A 80 -7.06 0.85 -17.76
N LEU A 81 -7.79 0.14 -16.90
CA LEU A 81 -7.75 0.40 -15.47
C LEU A 81 -6.41 -0.03 -14.88
N LEU A 82 -5.89 -1.14 -15.38
CA LEU A 82 -4.61 -1.67 -14.92
C LEU A 82 -3.48 -0.71 -15.25
N ASP A 83 -3.46 -0.21 -16.48
CA ASP A 83 -2.44 0.72 -16.92
C ASP A 83 -2.48 1.99 -16.09
N GLU A 84 -3.67 2.36 -15.64
CA GLU A 84 -3.85 3.55 -14.82
C GLU A 84 -3.24 3.32 -13.43
N PHE A 85 -3.27 2.06 -13.00
CA PHE A 85 -2.73 1.69 -11.70
C PHE A 85 -1.25 2.05 -11.62
N TYR A 86 -0.52 1.80 -12.70
CA TYR A 86 0.91 2.10 -12.75
C TYR A 86 1.16 3.57 -12.48
N ILE A 87 0.43 4.44 -13.19
CA ILE A 87 0.57 5.88 -13.01
C ILE A 87 0.15 6.32 -11.62
N GLU A 88 -0.86 5.65 -11.08
CA GLU A 88 -1.36 5.96 -9.74
C GLU A 88 -0.27 5.79 -8.69
N LEU A 89 0.41 4.64 -8.74
CA LEU A 89 1.48 4.35 -7.80
C LEU A 89 2.67 5.28 -8.00
N ASP A 90 2.98 5.56 -9.28
CA ASP A 90 4.11 6.43 -9.61
C ASP A 90 3.99 7.77 -8.90
N GLN A 91 2.76 8.27 -8.78
CA GLN A 91 2.51 9.54 -8.11
C GLN A 91 2.91 9.47 -6.64
N GLN A 92 2.62 8.33 -6.00
CA GLN A 92 2.95 8.14 -4.60
C GLN A 92 4.45 7.97 -4.40
N LEU A 93 5.08 7.20 -5.30
CA LEU A 93 6.51 6.96 -5.23
C LEU A 93 7.29 8.28 -5.25
N ASN A 94 6.81 9.23 -6.05
CA ASN A 94 7.46 10.53 -6.16
C ASN A 94 7.51 11.23 -4.81
N ASP A 95 6.56 10.92 -3.93
CA ASP A 95 6.50 11.52 -2.61
C ASP A 95 7.17 10.63 -1.57
N LEU A 96 8.16 9.85 -2.00
CA LEU A 96 8.88 8.96 -1.10
C LEU A 96 10.34 8.84 -1.52
N GLU A 97 10.58 8.58 -2.80
CA GLU A 97 11.93 8.44 -3.32
C GLU A 97 12.72 9.73 -3.11
N SER A 98 12.04 10.87 -3.24
CA SER A 98 12.68 12.16 -3.07
C SER A 98 13.21 12.34 -1.65
N CYS A 99 12.54 11.70 -0.70
CA CYS A 99 12.95 11.79 0.70
C CYS A 99 14.15 10.89 0.97
N VAL A 100 14.25 9.80 0.22
CA VAL A 100 15.36 8.87 0.37
C VAL A 100 16.70 9.55 0.12
N MET A 101 16.76 10.36 -0.93
CA MET A 101 17.98 11.07 -1.28
C MET A 101 18.20 12.25 -0.34
N GLN A 102 17.12 12.83 0.14
CA GLN A 102 17.20 13.97 1.05
C GLN A 102 17.91 13.60 2.34
N GLU A 103 17.74 12.35 2.76
CA GLU A 103 18.38 11.86 3.98
C GLU A 103 17.79 12.56 5.21
N VAL A 104 16.49 12.38 5.41
CA VAL A 104 15.80 12.98 6.55
C VAL A 104 16.33 12.42 7.86
N GLY A 105 16.50 11.10 7.89
CA GLY A 105 16.99 10.45 9.10
C GLY A 105 16.54 9.01 9.20
N VAL A 106 15.40 8.72 8.58
CA VAL A 106 14.85 7.36 8.61
C VAL A 106 15.46 6.50 7.50
N ILE A 107 15.87 7.14 6.42
CA ILE A 107 16.48 6.44 5.29
C ILE A 107 18.00 6.48 5.36
N GLU A 108 18.52 6.35 6.58
CA GLU A 108 19.97 6.38 6.79
C GLU A 108 20.46 5.08 7.43
N SER A 109 19.61 4.47 8.25
CA SER A 109 19.98 3.23 8.93
C SER A 109 19.56 2.01 8.10
N PRO A 110 20.55 1.25 7.58
CA PRO A 110 20.26 0.05 6.78
C PRO A 110 19.55 -1.03 7.58
N LEU A 111 19.86 -1.11 8.87
CA LEU A 111 19.25 -2.09 9.75
C LEU A 111 17.76 -1.84 9.92
N MET A 112 17.41 -0.60 10.24
CA MET A 112 16.01 -0.22 10.44
C MET A 112 15.18 -0.55 9.21
N TYR A 113 15.82 -0.57 8.04
CA TYR A 113 15.13 -0.86 6.79
C TYR A 113 14.52 -2.25 6.82
N GLU A 114 15.30 -3.23 7.28
CA GLU A 114 14.83 -4.62 7.34
C GLU A 114 13.48 -4.72 8.04
N ASP A 115 13.37 -4.11 9.22
CA ASP A 115 12.14 -4.16 10.00
C ASP A 115 10.95 -3.58 9.23
N SER A 116 11.19 -2.46 8.54
CA SER A 116 10.14 -1.80 7.77
C SER A 116 9.86 -2.54 6.46
N ILE A 117 10.94 -2.88 5.75
CA ILE A 117 10.84 -3.57 4.47
C ILE A 117 10.32 -4.99 4.64
N LEU A 118 10.89 -5.73 5.58
CA LEU A 118 10.47 -7.11 5.82
C LEU A 118 8.97 -7.19 6.11
N ALA A 119 8.46 -6.17 6.79
CA ALA A 119 7.04 -6.12 7.13
C ALA A 119 6.17 -6.10 5.88
N VAL A 120 6.67 -5.48 4.82
CA VAL A 120 5.92 -5.37 3.57
C VAL A 120 5.99 -6.67 2.76
N ARG A 121 7.20 -7.21 2.61
CA ARG A 121 7.39 -8.45 1.86
C ARG A 121 6.71 -9.63 2.54
N LYS A 122 6.82 -9.69 3.87
CA LYS A 122 6.21 -10.77 4.64
C LYS A 122 4.72 -10.85 4.35
N TYR A 123 4.05 -9.70 4.40
CA TYR A 123 2.63 -9.64 4.14
C TYR A 123 2.33 -9.83 2.66
N PHE A 124 3.16 -9.22 1.81
CA PHE A 124 2.99 -9.32 0.37
C PHE A 124 3.04 -10.77 -0.07
N GLN A 125 3.91 -11.55 0.56
CA GLN A 125 4.06 -12.97 0.24
C GLN A 125 2.76 -13.73 0.52
N ARG A 126 2.06 -13.30 1.57
CA ARG A 126 0.81 -13.94 1.96
C ARG A 126 -0.22 -13.84 0.83
N ILE A 127 -0.24 -12.71 0.14
CA ILE A 127 -1.17 -12.49 -0.95
C ILE A 127 -0.95 -13.50 -2.07
N THR A 128 0.32 -13.72 -2.43
CA THR A 128 0.67 -14.67 -3.48
C THR A 128 0.22 -16.08 -3.12
N LEU A 129 0.52 -16.50 -1.90
CA LEU A 129 0.15 -17.83 -1.44
C LEU A 129 -1.35 -17.91 -1.16
N TYR A 130 -1.91 -16.84 -0.62
CA TYR A 130 -3.33 -16.78 -0.31
C TYR A 130 -4.17 -16.98 -1.56
N LEU A 131 -3.87 -16.21 -2.60
CA LEU A 131 -4.59 -16.30 -3.86
C LEU A 131 -4.38 -17.66 -4.52
N THR A 132 -3.20 -18.23 -4.33
CA THR A 132 -2.88 -19.54 -4.90
C THR A 132 -3.89 -20.59 -4.46
N GLU A 133 -4.32 -20.50 -3.21
CA GLU A 133 -5.29 -21.46 -2.67
C GLU A 133 -6.66 -21.26 -3.32
N LYS A 134 -6.96 -20.02 -3.70
CA LYS A 134 -8.23 -19.71 -4.34
C LYS A 134 -8.11 -19.71 -5.87
N LYS A 135 -6.88 -19.89 -6.36
CA LYS A 135 -6.65 -19.90 -7.81
C LYS A 135 -7.13 -18.61 -8.46
N TYR A 136 -7.10 -17.53 -7.71
CA TYR A 136 -7.54 -16.23 -8.22
C TYR A 136 -8.99 -16.29 -8.70
N SER A 137 -9.87 -16.79 -7.83
CA SER A 137 -11.29 -16.90 -8.17
C SER A 137 -11.89 -15.54 -8.50
N SER A 138 -12.00 -14.68 -7.48
CA SER A 138 -12.56 -13.35 -7.66
C SER A 138 -12.55 -12.58 -6.35
N CYS A 139 -13.02 -13.22 -5.28
CA CYS A 139 -13.06 -12.58 -3.97
C CYS A 139 -11.66 -12.39 -3.41
N ALA A 140 -10.82 -13.41 -3.58
CA ALA A 140 -9.45 -13.35 -3.10
C ALA A 140 -8.73 -12.12 -3.65
N TRP A 141 -8.95 -11.83 -4.92
CA TRP A 141 -8.33 -10.68 -5.57
C TRP A 141 -9.01 -9.38 -5.10
N GLU A 142 -10.31 -9.44 -4.88
CA GLU A 142 -11.07 -8.27 -4.44
C GLU A 142 -10.66 -7.82 -3.03
N VAL A 143 -10.47 -8.78 -2.14
CA VAL A 143 -10.07 -8.47 -0.76
C VAL A 143 -8.68 -7.87 -0.71
N VAL A 144 -7.76 -8.48 -1.44
CA VAL A 144 -6.38 -8.01 -1.49
C VAL A 144 -6.29 -6.63 -2.13
N ARG A 145 -6.99 -6.45 -3.24
CA ARG A 145 -6.98 -5.17 -3.95
C ARG A 145 -7.68 -4.10 -3.12
N ALA A 146 -8.84 -4.46 -2.57
CA ALA A 146 -9.60 -3.53 -1.74
C ALA A 146 -8.81 -3.12 -0.50
N GLU A 147 -7.93 -4.01 -0.05
CA GLU A 147 -7.11 -3.74 1.11
C GLU A 147 -6.08 -2.65 0.81
N ILE A 148 -5.56 -2.66 -0.41
CA ILE A 148 -4.58 -1.66 -0.83
C ILE A 148 -5.05 -0.26 -0.48
N MET A 149 -6.34 -0.03 -0.63
CA MET A 149 -6.93 1.27 -0.32
C MET A 149 -6.63 1.67 1.11
N ARG A 150 -6.60 0.68 2.01
CA ARG A 150 -6.32 0.92 3.41
C ARG A 150 -4.94 1.55 3.58
N SER A 151 -3.93 0.97 2.93
CA SER A 151 -2.57 1.51 3.00
C SER A 151 -2.55 2.94 2.49
N PHE A 152 -3.19 3.15 1.34
CA PHE A 152 -3.26 4.48 0.76
C PHE A 152 -3.92 5.45 1.72
N SER A 153 -4.75 4.91 2.62
CA SER A 153 -5.46 5.72 3.60
C SER A 153 -4.55 6.13 4.77
N LEU A 154 -4.14 5.15 5.58
CA LEU A 154 -3.28 5.44 6.73
C LEU A 154 -1.95 6.02 6.30
N SER A 155 -1.45 5.60 5.15
CA SER A 155 -0.17 6.09 4.65
C SER A 155 -0.16 7.61 4.54
N ILE A 156 -1.29 8.19 4.15
CA ILE A 156 -1.40 9.63 3.99
C ILE A 156 -2.39 10.22 4.99
N ASN A 157 -2.13 10.01 6.27
CA ASN A 157 -2.99 10.53 7.33
C ASN A 157 -2.55 10.01 8.70
N LEU A 158 -2.09 8.76 8.73
CA LEU A 158 -1.65 8.14 9.97
C LEU A 158 -0.43 8.88 10.54
N GLN A 159 0.44 9.37 9.66
CA GLN A 159 1.63 10.10 10.08
C GLN A 159 1.28 11.22 11.05
N LYS A 160 0.22 11.97 10.72
CA LYS A 160 -0.22 13.08 11.56
C LYS A 160 -0.88 12.56 12.84
N ARG A 161 -1.40 11.35 12.79
CA ARG A 161 -2.07 10.75 13.95
C ARG A 161 -1.06 10.09 14.89
N LEU A 162 -0.97 10.62 16.11
CA LEU A 162 -0.05 10.10 17.11
C LEU A 162 -0.63 10.27 18.51
N LYS A 163 -0.67 11.51 18.97
CA LYS A 163 -1.20 11.83 20.29
C LYS A 163 -0.40 11.13 21.40
N SER A 164 -0.88 9.98 21.87
CA SER A 164 -0.23 9.24 22.91
C SER A 164 0.49 8.03 22.33
N LYS A 165 0.08 6.87 22.80
CA LYS A 165 0.66 5.60 22.36
C LYS A 165 2.07 5.42 22.91
N GLU A 166 2.26 5.82 24.16
CA GLU A 166 3.57 5.69 24.81
C GLU A 166 4.64 6.43 24.01
N CYS A 1 9.95 18.54 2.03
CA CYS A 1 9.20 17.28 2.32
C CYS A 1 8.34 17.43 3.57
N ASP A 2 8.85 18.17 4.55
CA ASP A 2 8.12 18.39 5.80
C ASP A 2 7.48 19.78 5.81
N LEU A 3 6.23 19.83 6.25
CA LEU A 3 5.50 21.09 6.32
C LEU A 3 4.13 20.90 6.97
N PRO A 4 3.63 21.91 7.70
CA PRO A 4 2.34 21.85 8.36
C PRO A 4 1.17 21.93 7.37
N GLN A 5 0.29 20.94 7.42
CA GLN A 5 -0.87 20.90 6.52
C GLN A 5 -2.01 21.73 7.08
N THR A 6 -2.97 22.06 6.22
CA THR A 6 -4.12 22.86 6.63
C THR A 6 -5.25 21.96 7.14
N HIS A 7 -5.58 20.94 6.36
CA HIS A 7 -6.64 20.01 6.73
C HIS A 7 -6.69 18.82 5.77
N SER A 8 -7.09 17.67 6.28
CA SER A 8 -7.17 16.46 5.47
C SER A 8 -8.21 15.50 6.01
N LEU A 9 -9.38 15.45 5.37
CA LEU A 9 -10.46 14.58 5.81
C LEU A 9 -10.04 13.12 5.72
N GLY A 10 -9.30 12.78 4.66
CA GLY A 10 -8.85 11.42 4.47
C GLY A 10 -7.85 11.28 3.34
N ASN A 11 -7.94 10.18 2.60
CA ASN A 11 -7.04 9.94 1.48
C ASN A 11 -7.73 10.23 0.15
N ARG A 12 -6.96 10.20 -0.93
CA ARG A 12 -7.50 10.46 -2.25
C ARG A 12 -6.48 10.12 -3.34
N ARG A 13 -6.84 10.42 -4.59
CA ARG A 13 -5.96 10.15 -5.73
C ARG A 13 -5.85 8.65 -5.99
N ALA A 14 -5.26 7.92 -5.05
CA ALA A 14 -5.09 6.48 -5.18
C ALA A 14 -6.30 5.74 -4.63
N LEU A 15 -6.89 6.27 -3.58
CA LEU A 15 -8.06 5.66 -2.95
C LEU A 15 -9.25 5.65 -3.90
N ILE A 16 -9.30 6.65 -4.78
CA ILE A 16 -10.39 6.75 -5.74
C ILE A 16 -10.37 5.60 -6.74
N LEU A 17 -9.17 5.16 -7.10
CA LEU A 17 -9.02 4.06 -8.05
C LEU A 17 -9.57 2.76 -7.46
N LEU A 18 -9.29 2.52 -6.20
CA LEU A 18 -9.76 1.31 -5.51
C LEU A 18 -11.28 1.27 -5.47
N ALA A 19 -11.90 2.44 -5.42
CA ALA A 19 -13.36 2.54 -5.35
C ALA A 19 -14.01 1.83 -6.54
N GLN A 20 -13.32 1.82 -7.67
CA GLN A 20 -13.83 1.18 -8.88
C GLN A 20 -14.07 -0.32 -8.67
N MET A 21 -13.45 -0.87 -7.62
CA MET A 21 -13.60 -2.30 -7.31
C MET A 21 -14.69 -2.52 -6.27
N ARG A 22 -15.72 -1.68 -6.31
CA ARG A 22 -16.83 -1.77 -5.35
C ARG A 22 -18.05 -2.42 -5.99
N ARG A 23 -18.05 -2.53 -7.32
CA ARG A 23 -19.19 -3.11 -8.04
C ARG A 23 -19.32 -4.61 -7.78
N ILE A 24 -18.31 -5.21 -7.15
CA ILE A 24 -18.35 -6.63 -6.85
C ILE A 24 -19.41 -6.94 -5.79
N SER A 25 -19.75 -8.21 -5.64
CA SER A 25 -20.75 -8.61 -4.65
C SER A 25 -20.07 -9.06 -3.36
N PRO A 26 -20.34 -8.37 -2.24
CA PRO A 26 -19.76 -8.72 -0.95
C PRO A 26 -20.11 -10.14 -0.51
N PHE A 27 -21.13 -10.72 -1.16
CA PHE A 27 -21.57 -12.07 -0.84
C PHE A 27 -20.72 -13.11 -1.55
N SER A 28 -19.74 -12.66 -2.35
CA SER A 28 -18.88 -13.57 -3.07
C SER A 28 -17.93 -14.32 -2.13
N CYS A 29 -17.59 -13.67 -1.02
CA CYS A 29 -16.70 -14.27 -0.03
C CYS A 29 -16.86 -13.60 1.33
N LEU A 30 -16.80 -14.39 2.39
CA LEU A 30 -16.93 -13.87 3.75
C LEU A 30 -15.70 -14.18 4.58
N LYS A 31 -15.33 -15.45 4.64
CA LYS A 31 -14.17 -15.88 5.41
C LYS A 31 -12.86 -15.48 4.72
N ASP A 32 -12.95 -14.96 3.50
CA ASP A 32 -11.78 -14.54 2.76
C ASP A 32 -11.47 -13.06 2.97
N ARG A 33 -11.87 -12.55 4.14
CA ARG A 33 -11.64 -11.14 4.46
C ARG A 33 -10.43 -10.98 5.39
N HIS A 34 -9.26 -10.80 4.80
CA HIS A 34 -8.03 -10.63 5.58
C HIS A 34 -7.13 -9.56 4.95
N ASP A 35 -6.11 -9.13 5.69
CA ASP A 35 -5.19 -8.12 5.19
C ASP A 35 -3.75 -8.61 5.16
N PHE A 36 -3.33 -9.12 4.00
CA PHE A 36 -1.97 -9.61 3.84
C PHE A 36 -1.15 -8.70 2.92
N GLU A 37 -1.79 -7.64 2.42
CA GLU A 37 -1.12 -6.71 1.51
C GLU A 37 -0.28 -5.68 2.25
N PHE A 38 -0.87 -5.04 3.25
CA PHE A 38 -0.15 -4.01 4.01
C PHE A 38 0.13 -4.45 5.44
N PRO A 39 1.40 -4.67 5.81
CA PRO A 39 1.69 -5.07 7.18
C PRO A 39 1.42 -3.92 8.13
N GLN A 40 0.27 -3.98 8.80
CA GLN A 40 -0.12 -2.93 9.73
C GLN A 40 0.85 -2.84 10.90
N GLU A 41 1.45 -3.97 11.27
CA GLU A 41 2.38 -4.02 12.39
C GLU A 41 3.48 -2.96 12.21
N GLU A 42 3.97 -2.83 10.99
CA GLU A 42 5.00 -1.86 10.68
C GLU A 42 4.39 -0.49 10.36
N PHE A 43 3.10 -0.50 10.00
CA PHE A 43 2.39 0.72 9.65
C PHE A 43 1.81 1.43 10.87
N ASP A 44 1.54 0.68 11.92
CA ASP A 44 0.97 1.24 13.13
C ASP A 44 1.90 2.26 13.77
N ASP A 45 1.33 3.23 14.48
CA ASP A 45 2.11 4.28 15.13
C ASP A 45 2.72 3.81 16.44
N LYS A 46 2.55 2.53 16.77
CA LYS A 46 3.10 1.98 18.00
C LYS A 46 4.61 2.21 18.07
N GLN A 47 5.23 2.39 16.90
CA GLN A 47 6.66 2.63 16.82
C GLN A 47 7.01 2.91 15.36
N PHE A 48 6.40 3.95 14.83
CA PHE A 48 6.59 4.33 13.44
C PHE A 48 6.50 5.84 13.26
N GLN A 49 7.19 6.37 12.26
CA GLN A 49 7.19 7.80 11.99
C GLN A 49 7.05 8.08 10.49
N LYS A 50 7.08 9.37 10.13
CA LYS A 50 6.96 9.78 8.74
C LYS A 50 8.10 9.22 7.89
N ALA A 51 9.32 9.65 8.18
CA ALA A 51 10.49 9.19 7.44
C ALA A 51 10.55 7.67 7.42
N GLN A 52 10.22 7.05 8.54
CA GLN A 52 10.21 5.60 8.64
C GLN A 52 9.20 5.02 7.66
N ALA A 53 8.05 5.65 7.56
CA ALA A 53 6.99 5.21 6.66
C ALA A 53 7.49 5.18 5.21
N ILE A 54 8.36 6.13 4.88
CA ILE A 54 8.92 6.22 3.54
C ILE A 54 9.60 4.90 3.15
N SER A 55 10.17 4.22 4.14
CA SER A 55 10.85 2.95 3.89
C SER A 55 9.86 1.87 3.51
N VAL A 56 8.84 1.67 4.35
CA VAL A 56 7.82 0.65 4.09
C VAL A 56 6.95 1.04 2.90
N LEU A 57 6.45 2.28 2.91
CA LEU A 57 5.59 2.77 1.84
C LEU A 57 6.27 2.63 0.47
N HIS A 58 7.54 3.02 0.40
CA HIS A 58 8.28 2.95 -0.85
C HIS A 58 8.35 1.52 -1.37
N GLU A 59 8.75 0.59 -0.52
CA GLU A 59 8.85 -0.81 -0.90
C GLU A 59 7.47 -1.41 -1.16
N MET A 60 6.49 -0.96 -0.39
CA MET A 60 5.13 -1.44 -0.53
C MET A 60 4.55 -1.09 -1.91
N ILE A 61 4.71 0.17 -2.30
CA ILE A 61 4.21 0.64 -3.58
C ILE A 61 5.00 0.00 -4.73
N GLN A 62 6.32 -0.09 -4.55
CA GLN A 62 7.18 -0.67 -5.57
C GLN A 62 6.74 -2.10 -5.90
N GLN A 63 6.30 -2.82 -4.88
CA GLN A 63 5.85 -4.20 -5.05
C GLN A 63 4.54 -4.25 -5.83
N THR A 64 3.61 -3.36 -5.48
CA THR A 64 2.32 -3.31 -6.14
C THR A 64 2.50 -2.94 -7.61
N PHE A 65 3.41 -2.00 -7.87
CA PHE A 65 3.69 -1.56 -9.23
C PHE A 65 4.25 -2.69 -10.07
N ASN A 66 5.13 -3.49 -9.46
CA ASN A 66 5.75 -4.62 -10.16
C ASN A 66 4.79 -5.80 -10.23
N LEU A 67 3.91 -5.92 -9.24
CA LEU A 67 2.95 -7.02 -9.20
C LEU A 67 2.08 -7.05 -10.45
N PHE A 68 1.51 -5.90 -10.79
CA PHE A 68 0.66 -5.79 -11.96
C PHE A 68 1.48 -5.71 -13.24
N SER A 69 2.50 -4.86 -13.22
CA SER A 69 3.38 -4.67 -14.38
C SER A 69 4.02 -5.97 -14.85
N THR A 70 4.04 -6.98 -14.00
CA THR A 70 4.63 -8.27 -14.36
C THR A 70 3.76 -9.04 -15.36
N LYS A 71 2.57 -8.50 -15.65
CA LYS A 71 1.63 -9.12 -16.60
C LYS A 71 0.70 -10.10 -15.89
N ASP A 72 1.20 -10.74 -14.83
CA ASP A 72 0.41 -11.71 -14.08
C ASP A 72 -0.89 -11.06 -13.57
N SER A 73 -0.77 -10.22 -12.55
CA SER A 73 -1.92 -9.55 -11.98
C SER A 73 -2.52 -8.55 -12.95
N SER A 74 -1.69 -8.04 -13.88
CA SER A 74 -2.15 -7.08 -14.87
C SER A 74 -3.35 -7.62 -15.64
N ALA A 75 -3.32 -8.91 -15.94
CA ALA A 75 -4.40 -9.56 -16.67
C ALA A 75 -5.63 -9.76 -15.79
N ALA A 76 -5.49 -9.46 -14.50
CA ALA A 76 -6.58 -9.62 -13.55
C ALA A 76 -7.58 -8.47 -13.68
N LEU A 77 -7.07 -7.28 -13.97
CA LEU A 77 -7.92 -6.10 -14.12
C LEU A 77 -7.90 -5.58 -15.55
N ASP A 78 -8.90 -4.78 -15.91
CA ASP A 78 -8.97 -4.21 -17.25
C ASP A 78 -7.70 -3.42 -17.57
N GLU A 79 -7.28 -3.45 -18.83
CA GLU A 79 -6.08 -2.74 -19.24
C GLU A 79 -6.20 -1.25 -18.93
N THR A 80 -7.41 -0.72 -18.97
CA THR A 80 -7.65 0.69 -18.69
C THR A 80 -7.48 0.97 -17.20
N LEU A 81 -8.16 0.19 -16.37
CA LEU A 81 -8.07 0.35 -14.92
C LEU A 81 -6.70 -0.09 -14.42
N LEU A 82 -6.17 -1.14 -15.04
CA LEU A 82 -4.87 -1.68 -14.68
C LEU A 82 -3.75 -0.69 -15.03
N ASP A 83 -3.79 -0.18 -16.26
CA ASP A 83 -2.79 0.77 -16.72
C ASP A 83 -2.86 2.05 -15.90
N GLU A 84 -4.06 2.37 -15.41
CA GLU A 84 -4.26 3.56 -14.59
C GLU A 84 -3.59 3.38 -13.25
N PHE A 85 -3.53 2.12 -12.80
CA PHE A 85 -2.92 1.78 -11.54
C PHE A 85 -1.46 2.22 -11.51
N TYR A 86 -0.73 1.91 -12.58
CA TYR A 86 0.68 2.26 -12.69
C TYR A 86 0.88 3.76 -12.43
N ILE A 87 0.01 4.57 -13.02
CA ILE A 87 0.10 6.02 -12.86
C ILE A 87 -0.11 6.40 -11.40
N GLU A 88 -0.96 5.65 -10.70
CA GLU A 88 -1.26 5.91 -9.30
C GLU A 88 -0.05 5.57 -8.42
N LEU A 89 0.49 4.38 -8.60
CA LEU A 89 1.64 3.94 -7.82
C LEU A 89 2.85 4.84 -8.08
N ASP A 90 3.01 5.24 -9.34
CA ASP A 90 4.12 6.10 -9.74
C ASP A 90 4.07 7.42 -8.97
N GLN A 91 2.88 7.99 -8.85
CA GLN A 91 2.69 9.25 -8.14
C GLN A 91 3.12 9.11 -6.68
N GLN A 92 2.70 8.02 -6.05
CA GLN A 92 3.04 7.76 -4.65
C GLN A 92 4.51 7.42 -4.50
N LEU A 93 5.05 6.71 -5.49
CA LEU A 93 6.44 6.31 -5.48
C LEU A 93 7.36 7.53 -5.43
N ASN A 94 7.08 8.50 -6.28
CA ASN A 94 7.88 9.73 -6.35
C ASN A 94 7.73 10.53 -5.06
N ASP A 95 6.54 10.48 -4.46
CA ASP A 95 6.27 11.21 -3.23
C ASP A 95 7.24 10.79 -2.13
N LEU A 96 7.53 9.50 -2.05
CA LEU A 96 8.45 8.98 -1.04
C LEU A 96 9.89 9.10 -1.52
N GLU A 97 10.12 8.78 -2.79
CA GLU A 97 11.46 8.84 -3.37
C GLU A 97 12.06 10.23 -3.21
N SER A 98 11.21 11.26 -3.30
CA SER A 98 11.66 12.64 -3.16
C SER A 98 12.23 12.89 -1.77
N CYS A 99 11.72 12.17 -0.78
CA CYS A 99 12.18 12.31 0.59
C CYS A 99 13.45 11.50 0.83
N VAL A 100 13.57 10.39 0.12
CA VAL A 100 14.74 9.53 0.25
C VAL A 100 16.01 10.25 -0.20
N MET A 101 15.91 10.97 -1.31
CA MET A 101 17.04 11.71 -1.85
C MET A 101 17.50 12.78 -0.86
N GLN A 102 16.58 13.26 -0.04
CA GLN A 102 16.88 14.29 0.95
C GLN A 102 17.99 13.83 1.88
N GLU A 103 18.20 12.52 1.98
CA GLU A 103 19.22 11.95 2.84
C GLU A 103 18.83 12.09 4.31
N VAL A 104 17.58 11.78 4.61
CA VAL A 104 17.09 11.86 5.98
C VAL A 104 17.83 10.88 6.89
N GLY A 105 18.25 9.75 6.33
CA GLY A 105 18.95 8.76 7.10
C GLY A 105 18.04 7.66 7.62
N VAL A 106 16.91 7.48 6.95
CA VAL A 106 15.95 6.45 7.35
C VAL A 106 16.09 5.19 6.50
N ILE A 107 16.52 5.37 5.26
CA ILE A 107 16.70 4.25 4.34
C ILE A 107 18.18 3.97 4.09
N GLU A 108 18.96 3.94 5.18
CA GLU A 108 20.39 3.67 5.08
C GLU A 108 20.80 2.54 6.01
N SER A 109 20.31 2.60 7.25
CA SER A 109 20.63 1.57 8.24
C SER A 109 20.06 0.21 7.82
N PRO A 110 20.95 -0.77 7.54
CA PRO A 110 20.53 -2.11 7.12
C PRO A 110 19.53 -2.73 8.09
N LEU A 111 19.65 -2.36 9.37
CA LEU A 111 18.76 -2.89 10.40
C LEU A 111 17.31 -2.54 10.10
N MET A 112 17.04 -1.27 9.83
CA MET A 112 15.69 -0.81 9.52
C MET A 112 15.18 -1.45 8.23
N TYR A 113 16.11 -1.88 7.37
CA TYR A 113 15.75 -2.50 6.10
C TYR A 113 15.11 -3.87 6.33
N GLU A 114 15.76 -4.70 7.14
CA GLU A 114 15.25 -6.03 7.43
C GLU A 114 13.83 -5.99 8.00
N ASP A 115 13.63 -5.19 9.03
CA ASP A 115 12.33 -5.09 9.68
C ASP A 115 11.30 -4.39 8.79
N SER A 116 11.72 -3.33 8.11
CA SER A 116 10.81 -2.57 7.25
C SER A 116 10.55 -3.28 5.92
N ILE A 117 11.60 -3.69 5.24
CA ILE A 117 11.48 -4.35 3.94
C ILE A 117 10.84 -5.73 4.06
N LEU A 118 11.36 -6.55 4.98
CA LEU A 118 10.83 -7.90 5.17
C LEU A 118 9.36 -7.88 5.57
N ALA A 119 8.97 -6.86 6.34
CA ALA A 119 7.59 -6.74 6.80
C ALA A 119 6.61 -6.77 5.63
N VAL A 120 6.98 -6.09 4.55
CA VAL A 120 6.12 -6.04 3.37
C VAL A 120 6.30 -7.28 2.49
N ARG A 121 7.55 -7.72 2.36
CA ARG A 121 7.86 -8.89 1.54
C ARG A 121 7.20 -10.16 2.10
N LYS A 122 7.06 -10.22 3.41
CA LYS A 122 6.45 -11.37 4.07
C LYS A 122 4.93 -11.36 3.90
N TYR A 123 4.33 -10.18 4.03
CA TYR A 123 2.89 -10.04 3.90
C TYR A 123 2.45 -10.19 2.45
N PHE A 124 3.14 -9.49 1.55
CA PHE A 124 2.81 -9.54 0.14
C PHE A 124 2.87 -10.97 -0.39
N GLN A 125 3.75 -11.77 0.22
CA GLN A 125 3.89 -13.17 -0.17
C GLN A 125 2.62 -13.94 0.11
N ARG A 126 1.92 -13.57 1.18
CA ARG A 126 0.67 -14.22 1.56
C ARG A 126 -0.36 -14.08 0.46
N ILE A 127 -0.42 -12.90 -0.16
CA ILE A 127 -1.37 -12.65 -1.24
C ILE A 127 -1.16 -13.62 -2.41
N THR A 128 0.10 -13.77 -2.83
CA THR A 128 0.42 -14.66 -3.93
C THR A 128 0.01 -16.09 -3.61
N LEU A 129 0.38 -16.57 -2.43
CA LEU A 129 0.05 -17.92 -2.00
C LEU A 129 -1.45 -18.05 -1.71
N TYR A 130 -2.04 -16.98 -1.20
CA TYR A 130 -3.46 -16.98 -0.86
C TYR A 130 -4.31 -17.09 -2.13
N LEU A 131 -4.05 -16.24 -3.11
CA LEU A 131 -4.78 -16.25 -4.35
C LEU A 131 -4.56 -17.55 -5.13
N THR A 132 -3.34 -18.09 -5.04
CA THR A 132 -3.00 -19.33 -5.72
C THR A 132 -3.93 -20.45 -5.29
N GLU A 133 -4.35 -20.44 -4.03
CA GLU A 133 -5.25 -21.45 -3.50
C GLU A 133 -6.63 -21.31 -4.12
N LYS A 134 -7.01 -20.07 -4.44
CA LYS A 134 -8.31 -19.81 -5.04
C LYS A 134 -8.22 -19.72 -6.56
N LYS A 135 -7.00 -19.84 -7.09
CA LYS A 135 -6.78 -19.76 -8.54
C LYS A 135 -7.16 -18.40 -9.08
N TYR A 136 -7.10 -17.38 -8.23
CA TYR A 136 -7.44 -16.01 -8.64
C TYR A 136 -8.84 -15.96 -9.23
N SER A 137 -9.84 -16.24 -8.41
CA SER A 137 -11.24 -16.22 -8.85
C SER A 137 -11.70 -14.79 -9.15
N SER A 138 -12.02 -14.05 -8.09
CA SER A 138 -12.48 -12.68 -8.25
C SER A 138 -12.55 -11.99 -6.89
N CYS A 139 -13.06 -12.70 -5.89
CA CYS A 139 -13.19 -12.15 -4.55
C CYS A 139 -11.83 -12.05 -3.87
N ALA A 140 -11.03 -13.12 -3.98
CA ALA A 140 -9.71 -13.15 -3.39
C ALA A 140 -8.87 -11.96 -3.85
N TRP A 141 -9.09 -11.55 -5.09
CA TRP A 141 -8.37 -10.41 -5.66
C TRP A 141 -8.88 -9.11 -5.07
N GLU A 142 -10.18 -9.06 -4.78
CA GLU A 142 -10.80 -7.87 -4.21
C GLU A 142 -10.40 -7.68 -2.76
N VAL A 143 -10.44 -8.75 -1.98
CA VAL A 143 -10.08 -8.68 -0.57
C VAL A 143 -8.66 -8.15 -0.40
N VAL A 144 -7.75 -8.61 -1.25
CA VAL A 144 -6.37 -8.18 -1.20
C VAL A 144 -6.20 -6.77 -1.75
N ARG A 145 -6.93 -6.46 -2.81
CA ARG A 145 -6.86 -5.14 -3.43
C ARG A 145 -7.57 -4.09 -2.59
N ALA A 146 -8.82 -4.36 -2.24
CA ALA A 146 -9.61 -3.44 -1.44
C ALA A 146 -8.90 -3.08 -0.14
N GLU A 147 -8.12 -4.03 0.38
CA GLU A 147 -7.37 -3.81 1.61
C GLU A 147 -6.27 -2.78 1.41
N ILE A 148 -5.68 -2.78 0.21
CA ILE A 148 -4.60 -1.85 -0.11
C ILE A 148 -4.97 -0.42 0.28
N MET A 149 -6.26 -0.13 0.25
CA MET A 149 -6.76 1.19 0.61
C MET A 149 -6.31 1.59 2.01
N ARG A 150 -6.25 0.62 2.92
CA ARG A 150 -5.85 0.88 4.28
C ARG A 150 -4.43 1.42 4.33
N SER A 151 -3.52 0.73 3.63
CA SER A 151 -2.12 1.16 3.59
C SER A 151 -2.03 2.57 3.01
N PHE A 152 -2.75 2.80 1.93
CA PHE A 152 -2.76 4.12 1.29
C PHE A 152 -3.30 5.16 2.28
N SER A 153 -4.18 4.72 3.16
CA SER A 153 -4.77 5.59 4.17
C SER A 153 -3.75 5.95 5.25
N LEU A 154 -3.21 4.94 5.92
CA LEU A 154 -2.24 5.18 6.99
C LEU A 154 -0.94 5.74 6.41
N SER A 155 -0.55 5.24 5.24
CA SER A 155 0.67 5.70 4.58
C SER A 155 0.82 7.22 4.62
N ILE A 156 -0.31 7.92 4.66
CA ILE A 156 -0.29 9.39 4.69
C ILE A 156 -0.70 9.93 6.06
N ASN A 157 -1.48 9.15 6.80
CA ASN A 157 -1.94 9.56 8.13
C ASN A 157 -0.98 9.13 9.23
N LEU A 158 -0.01 8.28 8.89
CA LEU A 158 0.95 7.79 9.86
C LEU A 158 1.95 8.88 10.26
N GLN A 159 2.39 9.66 9.27
CA GLN A 159 3.35 10.73 9.53
C GLN A 159 2.81 11.70 10.58
N LYS A 160 1.55 12.08 10.44
CA LYS A 160 0.92 13.01 11.37
C LYS A 160 0.67 12.34 12.72
N ARG A 161 0.47 11.03 12.70
CA ARG A 161 0.20 10.26 13.92
C ARG A 161 -1.08 10.73 14.59
N LEU A 162 -0.99 11.82 15.35
CA LEU A 162 -2.15 12.37 16.06
C LEU A 162 -1.75 13.58 16.89
N LYS A 163 -0.88 14.42 16.34
CA LYS A 163 -0.41 15.61 17.04
C LYS A 163 -0.87 16.87 16.31
N SER A 164 -2.08 17.32 16.62
CA SER A 164 -2.65 18.52 16.00
C SER A 164 -2.89 19.61 17.03
N LYS A 165 -2.45 19.34 18.22
CA LYS A 165 -2.60 20.26 19.34
C LYS A 165 -4.06 20.47 19.67
N GLU A 166 -4.84 19.40 19.61
CA GLU A 166 -6.27 19.48 19.91
C GLU A 166 -6.51 19.56 21.42
N CYS A 1 11.57 16.11 2.63
CA CYS A 1 10.78 15.18 1.78
C CYS A 1 9.31 15.60 1.73
N ASP A 2 8.61 15.41 2.83
CA ASP A 2 7.20 15.76 2.92
C ASP A 2 7.03 17.28 2.99
N LEU A 3 6.30 17.83 2.03
CA LEU A 3 6.05 19.28 1.99
C LEU A 3 4.57 19.58 2.21
N PRO A 4 4.27 20.67 2.93
CA PRO A 4 2.89 21.07 3.21
C PRO A 4 2.20 21.68 1.99
N GLN A 5 1.53 20.84 1.21
CA GLN A 5 0.83 21.28 0.01
C GLN A 5 -0.49 20.53 -0.16
N THR A 6 -1.10 20.16 0.96
CA THR A 6 -2.37 19.44 0.93
C THR A 6 -3.49 20.28 1.55
N HIS A 7 -4.72 19.84 1.37
CA HIS A 7 -5.88 20.55 1.90
C HIS A 7 -6.47 19.79 3.09
N SER A 8 -7.18 20.53 3.95
CA SER A 8 -7.81 19.93 5.13
C SER A 8 -8.96 19.02 4.74
N LEU A 9 -9.57 19.30 3.58
CA LEU A 9 -10.70 18.51 3.10
C LEU A 9 -10.32 17.03 2.97
N GLY A 10 -9.05 16.78 2.68
CA GLY A 10 -8.57 15.41 2.54
C GLY A 10 -7.70 15.23 1.32
N ASN A 11 -7.43 13.98 0.97
CA ASN A 11 -6.59 13.67 -0.19
C ASN A 11 -7.45 13.33 -1.40
N ARG A 12 -8.15 12.21 -1.31
CA ARG A 12 -9.03 11.76 -2.39
C ARG A 12 -8.23 11.60 -3.69
N ARG A 13 -7.13 10.86 -3.61
CA ARG A 13 -6.29 10.62 -4.78
C ARG A 13 -6.22 9.13 -5.11
N ALA A 14 -6.13 8.30 -4.08
CA ALA A 14 -6.05 6.86 -4.26
C ALA A 14 -7.34 6.17 -3.80
N LEU A 15 -8.09 6.84 -2.92
CA LEU A 15 -9.34 6.29 -2.41
C LEU A 15 -10.27 5.90 -3.56
N ILE A 16 -10.23 6.68 -4.63
CA ILE A 16 -11.06 6.42 -5.80
C ILE A 16 -10.61 5.13 -6.49
N LEU A 17 -9.30 4.96 -6.56
CA LEU A 17 -8.71 3.78 -7.19
C LEU A 17 -9.20 2.50 -6.51
N LEU A 18 -9.18 2.51 -5.18
CA LEU A 18 -9.62 1.35 -4.41
C LEU A 18 -11.13 1.15 -4.55
N ALA A 19 -11.84 2.25 -4.76
CA ALA A 19 -13.29 2.22 -4.91
C ALA A 19 -13.73 1.29 -6.03
N GLN A 20 -12.90 1.13 -7.05
CA GLN A 20 -13.24 0.29 -8.20
C GLN A 20 -13.48 -1.17 -7.78
N MET A 21 -13.06 -1.52 -6.57
CA MET A 21 -13.27 -2.88 -6.06
C MET A 21 -14.75 -3.18 -5.85
N ARG A 22 -15.57 -2.12 -5.86
CA ARG A 22 -17.01 -2.24 -5.67
C ARG A 22 -17.67 -3.05 -6.80
N ARG A 23 -16.94 -3.27 -7.89
CA ARG A 23 -17.49 -4.00 -9.02
C ARG A 23 -17.73 -5.47 -8.70
N ILE A 24 -17.25 -5.93 -7.55
CA ILE A 24 -17.44 -7.32 -7.15
C ILE A 24 -18.38 -7.41 -5.95
N SER A 25 -18.86 -8.62 -5.66
CA SER A 25 -19.76 -8.84 -4.54
C SER A 25 -19.03 -9.53 -3.38
N PRO A 26 -19.30 -9.10 -2.14
CA PRO A 26 -18.67 -9.68 -0.96
C PRO A 26 -19.14 -11.11 -0.68
N PHE A 27 -20.25 -11.50 -1.32
CA PHE A 27 -20.81 -12.83 -1.15
C PHE A 27 -20.04 -13.87 -1.96
N SER A 28 -19.03 -13.43 -2.70
CA SER A 28 -18.24 -14.34 -3.52
C SER A 28 -17.42 -15.28 -2.64
N CYS A 29 -16.78 -14.73 -1.62
CA CYS A 29 -15.97 -15.51 -0.70
C CYS A 29 -15.94 -14.87 0.68
N LEU A 30 -15.97 -15.69 1.73
CA LEU A 30 -15.96 -15.19 3.10
C LEU A 30 -14.68 -15.59 3.83
N LYS A 31 -14.15 -16.77 3.49
CA LYS A 31 -12.93 -17.27 4.12
C LYS A 31 -11.71 -16.45 3.71
N ASP A 32 -11.89 -15.55 2.74
CA ASP A 32 -10.80 -14.72 2.26
C ASP A 32 -10.75 -13.38 3.00
N ARG A 33 -11.38 -13.32 4.17
CA ARG A 33 -11.40 -12.10 4.96
C ARG A 33 -10.13 -11.95 5.78
N HIS A 34 -9.01 -11.71 5.09
CA HIS A 34 -7.72 -11.55 5.75
C HIS A 34 -7.01 -10.31 5.23
N ASP A 35 -6.05 -9.82 6.01
CA ASP A 35 -5.30 -8.63 5.63
C ASP A 35 -3.79 -8.89 5.53
N PHE A 36 -3.35 -9.26 4.34
CA PHE A 36 -1.92 -9.53 4.09
C PHE A 36 -1.30 -8.43 3.23
N GLU A 37 -2.10 -7.45 2.83
CA GLU A 37 -1.63 -6.37 1.97
C GLU A 37 -0.81 -5.35 2.75
N PHE A 38 -1.44 -4.67 3.70
CA PHE A 38 -0.75 -3.65 4.49
C PHE A 38 -0.26 -4.21 5.83
N PRO A 39 1.05 -4.34 6.03
CA PRO A 39 1.54 -4.86 7.29
C PRO A 39 1.32 -3.84 8.40
N GLN A 40 0.30 -4.08 9.21
CA GLN A 40 -0.04 -3.17 10.29
C GLN A 40 1.08 -3.14 11.34
N GLU A 41 1.78 -4.26 11.50
CA GLU A 41 2.87 -4.32 12.48
C GLU A 41 3.85 -3.18 12.22
N GLU A 42 4.13 -2.94 10.95
CA GLU A 42 5.01 -1.85 10.55
C GLU A 42 4.21 -0.58 10.37
N PHE A 43 2.92 -0.74 10.03
CA PHE A 43 2.02 0.39 9.81
C PHE A 43 1.36 0.86 11.10
N ASP A 44 1.70 0.22 12.21
CA ASP A 44 1.13 0.59 13.50
C ASP A 44 2.00 1.63 14.20
N ASP A 45 1.43 2.33 15.17
CA ASP A 45 2.16 3.36 15.91
C ASP A 45 3.19 2.76 16.87
N LYS A 46 3.23 1.43 16.95
CA LYS A 46 4.19 0.76 17.82
C LYS A 46 5.60 1.32 17.62
N GLN A 47 5.86 1.83 16.42
CA GLN A 47 7.16 2.40 16.08
C GLN A 47 7.13 3.01 14.68
N PHE A 48 6.07 3.77 14.40
CA PHE A 48 5.92 4.40 13.09
C PHE A 48 6.09 5.92 13.18
N GLN A 49 6.78 6.48 12.19
CA GLN A 49 7.02 7.92 12.13
C GLN A 49 6.95 8.42 10.69
N LYS A 50 7.18 9.72 10.51
CA LYS A 50 7.17 10.32 9.18
C LYS A 50 8.24 9.72 8.28
N ALA A 51 9.48 9.72 8.75
CA ALA A 51 10.59 9.16 7.98
C ALA A 51 10.48 7.65 7.87
N GLN A 52 10.09 7.02 8.97
CA GLN A 52 9.94 5.56 8.99
C GLN A 52 8.97 5.13 7.90
N ALA A 53 7.90 5.91 7.74
CA ALA A 53 6.89 5.62 6.73
C ALA A 53 7.51 5.52 5.35
N ILE A 54 8.45 6.40 5.07
CA ILE A 54 9.12 6.42 3.78
C ILE A 54 9.75 5.06 3.49
N SER A 55 10.19 4.38 4.53
CA SER A 55 10.80 3.06 4.39
C SER A 55 9.77 2.02 3.96
N VAL A 56 8.69 1.91 4.73
CA VAL A 56 7.63 0.95 4.44
C VAL A 56 6.80 1.36 3.21
N LEU A 57 6.36 2.61 3.21
CA LEU A 57 5.53 3.11 2.10
C LEU A 57 6.19 2.87 0.75
N HIS A 58 7.48 3.18 0.66
CA HIS A 58 8.21 3.00 -0.59
C HIS A 58 8.09 1.56 -1.09
N GLU A 59 8.36 0.61 -0.21
CA GLU A 59 8.29 -0.80 -0.54
C GLU A 59 6.84 -1.23 -0.78
N MET A 60 5.95 -0.81 0.12
CA MET A 60 4.54 -1.14 0.02
C MET A 60 3.96 -0.70 -1.33
N ILE A 61 4.22 0.54 -1.71
CA ILE A 61 3.71 1.07 -2.97
C ILE A 61 4.44 0.44 -4.15
N GLN A 62 5.77 0.32 -4.03
CA GLN A 62 6.57 -0.27 -5.09
C GLN A 62 6.14 -1.70 -5.38
N GLN A 63 5.76 -2.42 -4.33
CA GLN A 63 5.31 -3.81 -4.48
C GLN A 63 3.96 -3.87 -5.18
N THR A 64 3.03 -3.02 -4.73
CA THR A 64 1.69 -2.99 -5.31
C THR A 64 1.75 -2.60 -6.78
N PHE A 65 2.65 -1.68 -7.11
CA PHE A 65 2.82 -1.22 -8.48
C PHE A 65 3.25 -2.37 -9.38
N ASN A 66 4.26 -3.13 -8.94
CA ASN A 66 4.76 -4.26 -9.69
C ASN A 66 3.69 -5.33 -9.87
N LEU A 67 2.79 -5.42 -8.90
CA LEU A 67 1.71 -6.40 -8.95
C LEU A 67 0.87 -6.24 -10.21
N PHE A 68 0.29 -5.07 -10.39
CA PHE A 68 -0.53 -4.79 -11.56
C PHE A 68 0.34 -4.50 -12.78
N SER A 69 1.46 -3.82 -12.54
CA SER A 69 2.38 -3.46 -13.62
C SER A 69 2.96 -4.68 -14.33
N THR A 70 2.77 -5.87 -13.77
CA THR A 70 3.29 -7.09 -14.39
C THR A 70 2.35 -7.58 -15.48
N LYS A 71 1.22 -8.15 -15.06
CA LYS A 71 0.23 -8.67 -16.00
C LYS A 71 -0.89 -9.40 -15.26
N ASP A 72 -0.52 -10.21 -14.29
CA ASP A 72 -1.48 -10.98 -13.50
C ASP A 72 -2.61 -10.09 -12.97
N SER A 73 -2.27 -9.22 -12.03
CA SER A 73 -3.25 -8.33 -11.44
C SER A 73 -3.78 -7.33 -12.45
N SER A 74 -2.98 -7.06 -13.49
CA SER A 74 -3.39 -6.13 -14.54
C SER A 74 -4.71 -6.56 -15.16
N ALA A 75 -4.83 -7.86 -15.43
CA ALA A 75 -6.05 -8.40 -16.02
C ALA A 75 -7.21 -8.36 -15.04
N ALA A 76 -6.90 -8.17 -13.75
CA ALA A 76 -7.93 -8.11 -12.72
C ALA A 76 -8.62 -6.75 -12.71
N LEU A 77 -7.87 -5.70 -13.04
CA LEU A 77 -8.44 -4.36 -13.08
C LEU A 77 -8.62 -3.88 -14.52
N ASP A 78 -9.65 -3.09 -14.75
CA ASP A 78 -9.93 -2.58 -16.09
C ASP A 78 -8.76 -1.74 -16.58
N GLU A 79 -8.50 -1.80 -17.88
CA GLU A 79 -7.41 -1.04 -18.48
C GLU A 79 -7.44 0.42 -18.05
N THR A 80 -8.64 1.00 -18.02
CA THR A 80 -8.80 2.39 -17.62
C THR A 80 -8.34 2.61 -16.19
N LEU A 81 -8.83 1.78 -15.28
CA LEU A 81 -8.46 1.89 -13.87
C LEU A 81 -7.02 1.45 -13.66
N LEU A 82 -6.64 0.35 -14.30
CA LEU A 82 -5.29 -0.18 -14.20
C LEU A 82 -4.26 0.85 -14.66
N ASP A 83 -4.57 1.54 -15.76
CA ASP A 83 -3.68 2.56 -16.30
C ASP A 83 -3.48 3.68 -15.27
N GLU A 84 -4.59 4.12 -14.68
CA GLU A 84 -4.55 5.16 -13.66
C GLU A 84 -3.92 4.61 -12.39
N PHE A 85 -4.08 3.31 -12.19
CA PHE A 85 -3.53 2.63 -11.03
C PHE A 85 -2.01 2.81 -10.95
N TYR A 86 -1.36 2.78 -12.11
CA TYR A 86 0.08 2.96 -12.18
C TYR A 86 0.48 4.35 -11.73
N ILE A 87 -0.15 5.37 -12.32
CA ILE A 87 0.14 6.75 -11.99
C ILE A 87 -0.12 7.05 -10.51
N GLU A 88 -1.17 6.44 -9.96
CA GLU A 88 -1.53 6.63 -8.57
C GLU A 88 -0.37 6.26 -7.64
N LEU A 89 0.18 5.06 -7.86
CA LEU A 89 1.28 4.57 -7.05
C LEU A 89 2.57 5.32 -7.39
N ASP A 90 2.77 5.59 -8.68
CA ASP A 90 3.95 6.31 -9.14
C ASP A 90 4.07 7.67 -8.46
N GLN A 91 2.92 8.28 -8.17
CA GLN A 91 2.89 9.58 -7.54
C GLN A 91 3.52 9.53 -6.14
N GLN A 92 3.07 8.57 -5.34
CA GLN A 92 3.59 8.40 -3.98
C GLN A 92 5.04 7.94 -4.01
N LEU A 93 5.39 7.14 -5.01
CA LEU A 93 6.75 6.63 -5.14
C LEU A 93 7.75 7.77 -5.29
N ASN A 94 7.33 8.82 -6.00
CA ASN A 94 8.19 9.98 -6.22
C ASN A 94 8.54 10.66 -4.90
N ASP A 95 7.64 10.55 -3.93
CA ASP A 95 7.85 11.15 -2.61
C ASP A 95 8.36 10.13 -1.61
N LEU A 96 9.12 9.15 -2.12
CA LEU A 96 9.67 8.10 -1.27
C LEU A 96 11.11 7.78 -1.68
N GLU A 97 11.30 7.54 -2.97
CA GLU A 97 12.64 7.22 -3.49
C GLU A 97 13.60 8.38 -3.26
N SER A 98 13.09 9.60 -3.34
CA SER A 98 13.92 10.78 -3.14
C SER A 98 14.48 10.83 -1.72
N CYS A 99 13.70 10.33 -0.77
CA CYS A 99 14.13 10.31 0.62
C CYS A 99 15.33 9.39 0.80
N VAL A 100 15.39 8.35 -0.02
CA VAL A 100 16.49 7.39 0.04
C VAL A 100 17.81 8.04 -0.38
N MET A 101 17.77 8.77 -1.49
CA MET A 101 18.96 9.44 -2.00
C MET A 101 19.35 10.61 -1.10
N GLN A 102 18.36 11.22 -0.47
CA GLN A 102 18.60 12.35 0.42
C GLN A 102 19.29 11.90 1.71
N GLU A 103 18.97 10.68 2.15
CA GLU A 103 19.55 10.13 3.37
C GLU A 103 19.06 10.90 4.59
N VAL A 104 17.76 10.86 4.82
CA VAL A 104 17.16 11.55 5.96
C VAL A 104 17.68 10.98 7.27
N GLY A 105 17.74 9.66 7.34
CA GLY A 105 18.22 9.01 8.54
C GLY A 105 17.60 7.63 8.74
N VAL A 106 16.37 7.46 8.27
CA VAL A 106 15.67 6.20 8.41
C VAL A 106 16.04 5.24 7.28
N ILE A 107 16.34 5.81 6.12
CA ILE A 107 16.71 5.01 4.96
C ILE A 107 18.22 4.96 4.78
N GLU A 108 18.94 4.82 5.89
CA GLU A 108 20.39 4.76 5.87
C GLU A 108 20.90 3.54 6.62
N SER A 109 20.32 3.26 7.77
CA SER A 109 20.71 2.12 8.59
C SER A 109 20.24 0.80 7.95
N PRO A 110 21.17 -0.04 7.48
CA PRO A 110 20.82 -1.32 6.86
C PRO A 110 20.00 -2.22 7.79
N LEU A 111 20.23 -2.08 9.09
CA LEU A 111 19.51 -2.88 10.07
C LEU A 111 18.02 -2.54 10.07
N MET A 112 17.71 -1.25 10.05
CA MET A 112 16.32 -0.80 10.05
C MET A 112 15.61 -1.22 8.76
N TYR A 113 16.39 -1.51 7.73
CA TYR A 113 15.82 -1.93 6.44
C TYR A 113 15.11 -3.27 6.55
N GLU A 114 15.78 -4.24 7.15
CA GLU A 114 15.21 -5.58 7.31
C GLU A 114 13.83 -5.53 7.96
N ASP A 115 13.74 -4.87 9.10
CA ASP A 115 12.47 -4.77 9.83
C ASP A 115 11.39 -4.11 8.99
N SER A 116 11.74 -3.05 8.27
CA SER A 116 10.78 -2.33 7.43
C SER A 116 10.47 -3.08 6.15
N ILE A 117 11.51 -3.53 5.46
CA ILE A 117 11.35 -4.25 4.19
C ILE A 117 10.71 -5.61 4.40
N LEU A 118 11.24 -6.38 5.34
CA LEU A 118 10.71 -7.72 5.62
C LEU A 118 9.24 -7.66 6.01
N ALA A 119 8.85 -6.60 6.70
CA ALA A 119 7.47 -6.43 7.13
C ALA A 119 6.52 -6.43 5.94
N VAL A 120 6.95 -5.81 4.84
CA VAL A 120 6.13 -5.74 3.63
C VAL A 120 6.26 -7.01 2.80
N ARG A 121 7.49 -7.50 2.66
CA ARG A 121 7.75 -8.72 1.89
C ARG A 121 6.97 -9.90 2.44
N LYS A 122 7.00 -10.06 3.76
CA LYS A 122 6.29 -11.16 4.42
C LYS A 122 4.80 -11.10 4.13
N TYR A 123 4.23 -9.90 4.21
CA TYR A 123 2.82 -9.71 3.96
C TYR A 123 2.50 -9.83 2.48
N PHE A 124 3.30 -9.16 1.64
CA PHE A 124 3.10 -9.20 0.20
C PHE A 124 3.22 -10.64 -0.32
N GLN A 125 4.08 -11.42 0.31
CA GLN A 125 4.29 -12.81 -0.07
C GLN A 125 3.03 -13.63 0.18
N ARG A 126 2.31 -13.29 1.23
CA ARG A 126 1.08 -13.99 1.59
C ARG A 126 0.04 -13.85 0.48
N ILE A 127 -0.10 -12.63 -0.06
CA ILE A 127 -1.05 -12.37 -1.12
C ILE A 127 -0.72 -13.18 -2.37
N THR A 128 0.54 -13.14 -2.77
CA THR A 128 0.99 -13.88 -3.95
C THR A 128 0.75 -15.38 -3.79
N LEU A 129 1.15 -15.92 -2.65
CA LEU A 129 0.99 -17.34 -2.36
C LEU A 129 -0.47 -17.67 -2.12
N TYR A 130 -1.20 -16.75 -1.49
CA TYR A 130 -2.62 -16.94 -1.20
C TYR A 130 -3.43 -17.06 -2.48
N LEU A 131 -3.31 -16.05 -3.35
CA LEU A 131 -4.04 -16.04 -4.60
C LEU A 131 -3.69 -17.26 -5.45
N THR A 132 -2.44 -17.70 -5.36
CA THR A 132 -1.98 -18.87 -6.12
C THR A 132 -2.82 -20.09 -5.78
N GLU A 133 -3.19 -20.21 -4.52
CA GLU A 133 -4.00 -21.34 -4.06
C GLU A 133 -5.41 -21.26 -4.65
N LYS A 134 -5.95 -20.04 -4.71
CA LYS A 134 -7.29 -19.82 -5.26
C LYS A 134 -7.25 -19.66 -6.77
N LYS A 135 -6.05 -19.73 -7.35
CA LYS A 135 -5.89 -19.58 -8.79
C LYS A 135 -6.41 -18.23 -9.27
N TYR A 136 -6.37 -17.24 -8.38
CA TYR A 136 -6.83 -15.89 -8.72
C TYR A 136 -8.26 -15.92 -9.24
N SER A 137 -9.19 -16.36 -8.39
CA SER A 137 -10.59 -16.44 -8.77
C SER A 137 -11.15 -15.05 -9.07
N SER A 138 -11.52 -14.33 -8.01
CA SER A 138 -12.06 -12.98 -8.15
C SER A 138 -12.29 -12.37 -6.78
N CYS A 139 -12.74 -13.21 -5.86
CA CYS A 139 -12.99 -12.79 -4.49
C CYS A 139 -11.68 -12.53 -3.74
N ALA A 140 -10.78 -13.51 -3.76
CA ALA A 140 -9.50 -13.40 -3.09
C ALA A 140 -8.76 -12.14 -3.56
N TRP A 141 -9.03 -11.72 -4.78
CA TRP A 141 -8.40 -10.53 -5.34
C TRP A 141 -8.98 -9.27 -4.69
N GLU A 142 -10.28 -9.29 -4.45
CA GLU A 142 -10.97 -8.17 -3.82
C GLU A 142 -10.45 -7.93 -2.41
N VAL A 143 -10.39 -8.99 -1.62
CA VAL A 143 -9.92 -8.88 -0.24
C VAL A 143 -8.52 -8.28 -0.19
N VAL A 144 -7.65 -8.73 -1.08
CA VAL A 144 -6.29 -8.23 -1.14
C VAL A 144 -6.24 -6.83 -1.75
N ARG A 145 -7.15 -6.56 -2.68
CA ARG A 145 -7.21 -5.26 -3.34
C ARG A 145 -7.79 -4.20 -2.41
N ALA A 146 -8.95 -4.49 -1.83
CA ALA A 146 -9.61 -3.57 -0.93
C ALA A 146 -8.70 -3.21 0.25
N GLU A 147 -7.93 -4.20 0.70
CA GLU A 147 -7.00 -4.01 1.81
C GLU A 147 -6.01 -2.89 1.50
N ILE A 148 -5.61 -2.80 0.25
CA ILE A 148 -4.66 -1.77 -0.19
C ILE A 148 -5.06 -0.40 0.33
N MET A 149 -6.37 -0.17 0.43
CA MET A 149 -6.88 1.11 0.90
C MET A 149 -6.34 1.42 2.30
N ARG A 150 -6.21 0.38 3.13
CA ARG A 150 -5.72 0.54 4.48
C ARG A 150 -4.22 0.88 4.49
N SER A 151 -3.45 0.21 3.64
CA SER A 151 -2.01 0.44 3.57
C SER A 151 -1.70 1.90 3.25
N PHE A 152 -2.47 2.49 2.36
CA PHE A 152 -2.27 3.89 1.98
C PHE A 152 -2.99 4.81 2.95
N SER A 153 -4.13 4.34 3.45
CA SER A 153 -4.94 5.11 4.39
C SER A 153 -4.12 5.57 5.60
N LEU A 154 -3.55 4.61 6.33
CA LEU A 154 -2.76 4.94 7.53
C LEU A 154 -1.42 5.57 7.16
N SER A 155 -0.86 5.16 6.03
CA SER A 155 0.43 5.69 5.59
C SER A 155 0.44 7.22 5.46
N ILE A 156 -0.74 7.82 5.35
CA ILE A 156 -0.83 9.27 5.21
C ILE A 156 -1.12 9.96 6.55
N ASN A 157 -1.89 9.30 7.41
CA ASN A 157 -2.22 9.87 8.71
C ASN A 157 -1.25 9.42 9.79
N LEU A 158 -0.59 8.29 9.56
CA LEU A 158 0.37 7.74 10.52
C LEU A 158 1.50 8.73 10.81
N GLN A 159 2.12 9.25 9.77
CA GLN A 159 3.22 10.20 9.93
C GLN A 159 2.83 11.33 10.88
N LYS A 160 1.59 11.80 10.74
CA LYS A 160 1.09 12.88 11.59
C LYS A 160 0.84 12.38 13.01
N ARG A 161 0.59 11.07 13.14
CA ARG A 161 0.34 10.48 14.45
C ARG A 161 -0.87 11.14 15.12
N LEU A 162 -1.38 10.50 16.16
CA LEU A 162 -2.54 11.03 16.88
C LEU A 162 -2.10 12.06 17.93
N LYS A 163 -2.62 13.27 17.80
CA LYS A 163 -2.28 14.35 18.73
C LYS A 163 -3.49 15.25 18.98
N SER A 164 -4.05 15.80 17.90
CA SER A 164 -5.21 16.68 18.01
C SER A 164 -6.47 16.00 17.49
N LYS A 165 -6.33 14.75 17.19
CA LYS A 165 -7.42 13.93 16.68
C LYS A 165 -7.91 14.45 15.33
N GLU A 166 -6.97 14.88 14.49
CA GLU A 166 -7.30 15.41 13.16
C GLU A 166 -6.95 14.40 12.08
N CYS A 1 10.96 15.20 6.39
CA CYS A 1 10.59 15.14 4.95
C CYS A 1 9.11 15.43 4.75
N ASP A 2 8.59 16.41 5.50
CA ASP A 2 7.19 16.79 5.40
C ASP A 2 6.97 17.75 4.25
N LEU A 3 6.15 17.33 3.28
CA LEU A 3 5.85 18.16 2.11
C LEU A 3 4.37 18.52 2.07
N PRO A 4 4.00 19.67 2.68
CA PRO A 4 2.60 20.13 2.70
C PRO A 4 2.10 20.53 1.33
N GLN A 5 1.22 19.72 0.75
CA GLN A 5 0.66 19.99 -0.56
C GLN A 5 -0.87 19.97 -0.52
N THR A 6 -1.48 21.13 -0.36
CA THR A 6 -2.94 21.24 -0.32
C THR A 6 -3.52 20.30 0.75
N HIS A 7 -3.45 20.73 2.00
CA HIS A 7 -3.96 19.92 3.11
C HIS A 7 -5.45 19.64 2.93
N SER A 8 -5.86 18.43 3.23
CA SER A 8 -7.26 18.04 3.11
C SER A 8 -7.64 17.02 4.18
N LEU A 9 -8.88 16.53 4.12
CA LEU A 9 -9.37 15.56 5.09
C LEU A 9 -9.39 14.16 4.49
N GLY A 10 -8.40 13.84 3.68
CA GLY A 10 -8.33 12.54 3.05
C GLY A 10 -7.56 12.56 1.75
N ASN A 11 -7.15 11.38 1.29
CA ASN A 11 -6.40 11.27 0.04
C ASN A 11 -7.33 11.33 -1.16
N ARG A 12 -6.75 11.31 -2.35
CA ARG A 12 -7.53 11.37 -3.59
C ARG A 12 -6.78 10.71 -4.74
N ARG A 13 -7.34 10.82 -5.94
CA ARG A 13 -6.73 10.24 -7.13
C ARG A 13 -6.69 8.71 -7.04
N ALA A 14 -5.75 8.19 -6.26
CA ALA A 14 -5.61 6.74 -6.09
C ALA A 14 -6.87 6.13 -5.49
N LEU A 15 -7.58 6.91 -4.68
CA LEU A 15 -8.81 6.44 -4.05
C LEU A 15 -9.83 6.01 -5.09
N ILE A 16 -9.92 6.76 -6.19
CA ILE A 16 -10.85 6.46 -7.25
C ILE A 16 -10.52 5.12 -7.90
N LEU A 17 -9.22 4.80 -7.98
CA LEU A 17 -8.78 3.55 -8.58
C LEU A 17 -9.38 2.35 -7.86
N LEU A 18 -9.35 2.38 -6.53
CA LEU A 18 -9.89 1.30 -5.73
C LEU A 18 -11.41 1.22 -5.86
N ALA A 19 -12.03 2.38 -6.09
CA ALA A 19 -13.48 2.46 -6.23
C ALA A 19 -13.98 1.53 -7.34
N GLN A 20 -13.15 1.34 -8.36
CA GLN A 20 -13.53 0.48 -9.49
C GLN A 20 -13.78 -0.96 -9.03
N MET A 21 -13.33 -1.30 -7.83
CA MET A 21 -13.52 -2.64 -7.29
C MET A 21 -14.78 -2.71 -6.43
N ARG A 22 -15.83 -2.02 -6.87
CA ARG A 22 -17.09 -2.01 -6.14
C ARG A 22 -18.13 -2.92 -6.80
N ARG A 23 -17.86 -3.34 -8.03
CA ARG A 23 -18.78 -4.20 -8.77
C ARG A 23 -18.85 -5.60 -8.16
N ILE A 24 -17.92 -5.91 -7.25
CA ILE A 24 -17.89 -7.21 -6.62
C ILE A 24 -19.13 -7.43 -5.74
N SER A 25 -19.36 -8.68 -5.35
CA SER A 25 -20.51 -9.00 -4.50
C SER A 25 -20.06 -9.31 -3.08
N PRO A 26 -20.79 -8.78 -2.07
CA PRO A 26 -20.45 -9.02 -0.66
C PRO A 26 -20.59 -10.49 -0.27
N PHE A 27 -21.33 -11.25 -1.08
CA PHE A 27 -21.54 -12.66 -0.83
C PHE A 27 -20.45 -13.52 -1.47
N SER A 28 -19.52 -12.87 -2.15
CA SER A 28 -18.42 -13.59 -2.81
C SER A 28 -17.49 -14.23 -1.79
N CYS A 29 -17.38 -13.60 -0.61
CA CYS A 29 -16.52 -14.13 0.44
C CYS A 29 -16.88 -13.49 1.80
N LEU A 30 -16.61 -14.23 2.87
CA LEU A 30 -16.90 -13.74 4.21
C LEU A 30 -15.70 -13.96 5.14
N LYS A 31 -15.27 -15.21 5.26
CA LYS A 31 -14.14 -15.55 6.11
C LYS A 31 -12.81 -15.16 5.46
N ASP A 32 -12.87 -14.71 4.21
CA ASP A 32 -11.67 -14.32 3.48
C ASP A 32 -11.37 -12.83 3.66
N ARG A 33 -11.78 -12.27 4.80
CA ARG A 33 -11.55 -10.87 5.09
C ARG A 33 -10.27 -10.68 5.89
N HIS A 34 -9.12 -10.77 5.20
CA HIS A 34 -7.83 -10.61 5.84
C HIS A 34 -7.05 -9.46 5.21
N ASP A 35 -6.09 -8.91 5.93
CA ASP A 35 -5.28 -7.79 5.43
C ASP A 35 -3.80 -8.14 5.40
N PHE A 36 -3.33 -8.63 4.26
CA PHE A 36 -1.92 -8.98 4.11
C PHE A 36 -1.21 -8.01 3.15
N GLU A 37 -1.95 -7.04 2.63
CA GLU A 37 -1.38 -6.07 1.70
C GLU A 37 -0.56 -4.99 2.41
N PHE A 38 -1.24 -4.18 3.21
CA PHE A 38 -0.56 -3.10 3.93
C PHE A 38 -0.23 -3.50 5.36
N PRO A 39 1.06 -3.69 5.70
CA PRO A 39 1.39 -4.06 7.07
C PRO A 39 1.05 -2.92 8.02
N GLN A 40 -0.07 -3.07 8.72
CA GLN A 40 -0.49 -2.07 9.68
C GLN A 40 0.51 -2.01 10.84
N GLU A 41 1.14 -3.16 11.14
CA GLU A 41 2.10 -3.21 12.23
C GLU A 41 3.22 -2.20 12.00
N GLU A 42 3.67 -2.11 10.76
CA GLU A 42 4.69 -1.13 10.40
C GLU A 42 4.06 0.21 10.06
N PHE A 43 2.78 0.16 9.69
CA PHE A 43 2.03 1.34 9.31
C PHE A 43 1.39 2.04 10.50
N ASP A 44 1.36 1.39 11.66
CA ASP A 44 0.76 1.97 12.85
C ASP A 44 1.67 3.00 13.49
N ASP A 45 1.08 3.95 14.20
CA ASP A 45 1.85 5.00 14.85
C ASP A 45 2.42 4.55 16.20
N LYS A 46 2.21 3.28 16.55
CA LYS A 46 2.72 2.74 17.81
C LYS A 46 4.24 2.91 17.90
N GLN A 47 4.87 3.06 16.74
CA GLN A 47 6.32 3.24 16.66
C GLN A 47 6.70 3.51 15.21
N PHE A 48 6.20 4.63 14.70
CA PHE A 48 6.43 4.99 13.32
C PHE A 48 6.33 6.50 13.13
N GLN A 49 7.04 7.02 12.12
CA GLN A 49 7.02 8.46 11.84
C GLN A 49 6.97 8.72 10.34
N LYS A 50 7.08 10.00 9.96
CA LYS A 50 7.04 10.40 8.57
C LYS A 50 8.19 9.78 7.77
N ALA A 51 9.42 10.11 8.16
CA ALA A 51 10.60 9.59 7.48
C ALA A 51 10.57 8.07 7.38
N GLN A 52 10.18 7.43 8.48
CA GLN A 52 10.08 5.97 8.50
C GLN A 52 9.06 5.49 7.49
N ALA A 53 7.94 6.19 7.41
CA ALA A 53 6.89 5.84 6.47
C ALA A 53 7.41 5.81 5.04
N ILE A 54 8.31 6.73 4.74
CA ILE A 54 8.91 6.80 3.40
C ILE A 54 9.55 5.48 3.01
N SER A 55 10.11 4.79 3.99
CA SER A 55 10.75 3.51 3.76
C SER A 55 9.73 2.44 3.37
N VAL A 56 8.71 2.28 4.21
CA VAL A 56 7.66 1.30 3.95
C VAL A 56 6.80 1.69 2.75
N LEU A 57 6.34 2.93 2.73
CA LEU A 57 5.50 3.43 1.64
C LEU A 57 6.17 3.19 0.29
N HIS A 58 7.46 3.50 0.19
CA HIS A 58 8.19 3.31 -1.06
C HIS A 58 8.17 1.85 -1.49
N GLU A 59 8.52 0.97 -0.57
CA GLU A 59 8.55 -0.47 -0.85
C GLU A 59 7.14 -1.01 -1.08
N MET A 60 6.18 -0.45 -0.35
CA MET A 60 4.79 -0.88 -0.47
C MET A 60 4.24 -0.57 -1.86
N ILE A 61 4.46 0.65 -2.33
CA ILE A 61 3.98 1.06 -3.64
C ILE A 61 4.78 0.38 -4.75
N GLN A 62 6.10 0.33 -4.58
CA GLN A 62 6.97 -0.28 -5.58
C GLN A 62 6.58 -1.73 -5.81
N GLN A 63 6.23 -2.44 -4.74
CA GLN A 63 5.83 -3.83 -4.84
C GLN A 63 4.49 -3.97 -5.54
N THR A 64 3.54 -3.13 -5.15
CA THR A 64 2.20 -3.16 -5.75
C THR A 64 2.28 -2.90 -7.26
N PHE A 65 3.10 -1.92 -7.64
CA PHE A 65 3.28 -1.57 -9.05
C PHE A 65 3.83 -2.76 -9.83
N ASN A 66 4.77 -3.47 -9.24
CA ASN A 66 5.39 -4.63 -9.88
C ASN A 66 4.41 -5.78 -10.01
N LEU A 67 3.46 -5.85 -9.08
CA LEU A 67 2.45 -6.91 -9.08
C LEU A 67 1.66 -6.91 -10.40
N PHE A 68 1.01 -5.79 -10.70
CA PHE A 68 0.22 -5.68 -11.92
C PHE A 68 1.11 -5.45 -13.14
N SER A 69 2.13 -4.62 -12.97
CA SER A 69 3.05 -4.29 -14.06
C SER A 69 3.70 -5.54 -14.66
N THR A 70 3.73 -6.64 -13.90
CA THR A 70 4.34 -7.87 -14.38
C THR A 70 3.47 -8.54 -15.46
N LYS A 71 2.26 -8.01 -15.66
CA LYS A 71 1.32 -8.54 -16.65
C LYS A 71 0.45 -9.66 -16.07
N ASP A 72 0.95 -10.31 -15.02
CA ASP A 72 0.20 -11.39 -14.37
C ASP A 72 -1.07 -10.85 -13.73
N SER A 73 -0.91 -10.00 -12.72
CA SER A 73 -2.05 -9.41 -12.02
C SER A 73 -2.79 -8.41 -12.90
N SER A 74 -2.06 -7.81 -13.84
CA SER A 74 -2.65 -6.82 -14.75
C SER A 74 -3.84 -7.42 -15.48
N ALA A 75 -3.75 -8.70 -15.81
CA ALA A 75 -4.82 -9.39 -16.51
C ALA A 75 -6.06 -9.51 -15.64
N ALA A 76 -5.90 -9.27 -14.34
CA ALA A 76 -7.02 -9.35 -13.40
C ALA A 76 -7.91 -8.13 -13.50
N LEU A 77 -7.31 -6.98 -13.83
CA LEU A 77 -8.05 -5.74 -13.96
C LEU A 77 -8.13 -5.30 -15.41
N ASP A 78 -9.16 -4.51 -15.73
CA ASP A 78 -9.34 -4.03 -17.09
C ASP A 78 -8.11 -3.27 -17.58
N GLU A 79 -7.73 -3.47 -18.83
CA GLU A 79 -6.56 -2.81 -19.39
C GLU A 79 -6.64 -1.30 -19.20
N THR A 80 -7.86 -0.77 -19.21
CA THR A 80 -8.07 0.66 -19.03
C THR A 80 -7.77 1.08 -17.60
N LEU A 81 -8.37 0.36 -16.65
CA LEU A 81 -8.16 0.64 -15.23
C LEU A 81 -6.74 0.26 -14.81
N LEU A 82 -6.24 -0.83 -15.38
CA LEU A 82 -4.91 -1.31 -15.07
C LEU A 82 -3.85 -0.31 -15.54
N ASP A 83 -4.10 0.30 -16.71
CA ASP A 83 -3.17 1.28 -17.25
C ASP A 83 -3.04 2.47 -16.31
N GLU A 84 -4.18 2.95 -15.83
CA GLU A 84 -4.20 4.07 -14.89
C GLU A 84 -3.63 3.62 -13.55
N PHE A 85 -3.77 2.34 -13.26
CA PHE A 85 -3.29 1.75 -12.03
C PHE A 85 -1.77 1.95 -11.91
N TYR A 86 -1.08 1.84 -13.04
CA TYR A 86 0.37 2.00 -13.06
C TYR A 86 0.75 3.43 -12.67
N ILE A 87 0.13 4.41 -13.34
CA ILE A 87 0.41 5.81 -13.07
C ILE A 87 0.04 6.18 -11.63
N GLU A 88 -1.02 5.56 -11.12
CA GLU A 88 -1.47 5.84 -9.76
C GLU A 88 -0.36 5.58 -8.74
N LEU A 89 0.33 4.45 -8.91
CA LEU A 89 1.42 4.08 -8.01
C LEU A 89 2.71 4.81 -8.37
N ASP A 90 2.99 4.91 -9.66
CA ASP A 90 4.19 5.58 -10.14
C ASP A 90 4.24 7.03 -9.65
N GLN A 91 3.09 7.69 -9.67
CA GLN A 91 3.00 9.09 -9.23
C GLN A 91 3.43 9.22 -7.77
N GLN A 92 3.00 8.27 -6.94
CA GLN A 92 3.33 8.29 -5.53
C GLN A 92 4.81 8.01 -5.30
N LEU A 93 5.37 7.10 -6.10
CA LEU A 93 6.78 6.74 -6.00
C LEU A 93 7.67 7.97 -6.15
N ASN A 94 7.27 8.89 -7.03
CA ASN A 94 8.04 10.10 -7.27
C ASN A 94 8.25 10.89 -5.98
N ASP A 95 7.23 10.91 -5.12
CA ASP A 95 7.31 11.63 -3.85
C ASP A 95 8.08 10.81 -2.81
N LEU A 96 7.88 9.50 -2.83
CA LEU A 96 8.55 8.61 -1.89
C LEU A 96 10.04 8.51 -2.20
N GLU A 97 10.35 8.29 -3.47
CA GLU A 97 11.75 8.18 -3.90
C GLU A 97 12.55 9.43 -3.55
N SER A 98 11.90 10.58 -3.61
CA SER A 98 12.55 11.85 -3.29
C SER A 98 13.02 11.88 -1.84
N CYS A 99 12.15 11.43 -0.93
CA CYS A 99 12.48 11.41 0.49
C CYS A 99 13.63 10.44 0.76
N VAL A 100 13.74 9.40 -0.05
CA VAL A 100 14.79 8.41 0.10
C VAL A 100 16.16 9.01 -0.20
N MET A 101 16.22 9.86 -1.22
CA MET A 101 17.47 10.50 -1.61
C MET A 101 17.86 11.59 -0.60
N GLN A 102 16.87 12.14 0.08
CA GLN A 102 17.11 13.18 1.08
C GLN A 102 18.11 12.72 2.13
N GLU A 103 18.18 11.40 2.33
CA GLU A 103 19.09 10.83 3.32
C GLU A 103 18.71 11.27 4.74
N VAL A 104 17.49 10.94 5.14
CA VAL A 104 16.99 11.31 6.46
C VAL A 104 17.65 10.44 7.53
N GLY A 105 17.76 9.14 7.25
CA GLY A 105 18.37 8.22 8.19
C GLY A 105 17.70 6.87 8.20
N VAL A 106 16.37 6.86 8.09
CA VAL A 106 15.60 5.62 8.09
C VAL A 106 16.08 4.67 6.98
N ILE A 107 16.54 5.26 5.88
CA ILE A 107 17.02 4.48 4.75
C ILE A 107 18.54 4.36 4.78
N GLU A 108 19.09 4.24 5.97
CA GLU A 108 20.53 4.13 6.15
C GLU A 108 20.88 3.00 7.11
N SER A 109 20.17 2.95 8.24
CA SER A 109 20.41 1.92 9.24
C SER A 109 19.95 0.55 8.72
N PRO A 110 20.87 -0.43 8.66
CA PRO A 110 20.54 -1.78 8.18
C PRO A 110 19.40 -2.42 8.96
N LEU A 111 19.30 -2.07 10.24
CA LEU A 111 18.26 -2.62 11.10
C LEU A 111 16.88 -2.13 10.68
N MET A 112 16.80 -0.85 10.30
CA MET A 112 15.53 -0.27 9.87
C MET A 112 15.06 -0.90 8.57
N TYR A 113 16.01 -1.30 7.73
CA TYR A 113 15.70 -1.93 6.45
C TYR A 113 14.98 -3.26 6.66
N GLU A 114 15.52 -4.07 7.56
CA GLU A 114 14.95 -5.38 7.86
C GLU A 114 13.51 -5.27 8.35
N ASP A 115 13.29 -4.43 9.36
CA ASP A 115 11.97 -4.25 9.93
C ASP A 115 11.01 -3.57 8.96
N SER A 116 11.48 -2.54 8.26
CA SER A 116 10.64 -1.80 7.33
C SER A 116 10.42 -2.55 6.02
N ILE A 117 11.52 -2.99 5.41
CA ILE A 117 11.45 -3.69 4.13
C ILE A 117 10.80 -5.06 4.25
N LEU A 118 11.24 -5.86 5.21
CA LEU A 118 10.69 -7.20 5.41
C LEU A 118 9.20 -7.16 5.71
N ALA A 119 8.79 -6.18 6.52
CA ALA A 119 7.39 -6.03 6.89
C ALA A 119 6.49 -5.95 5.65
N VAL A 120 7.00 -5.33 4.60
CA VAL A 120 6.25 -5.17 3.36
C VAL A 120 6.36 -6.43 2.50
N ARG A 121 7.57 -6.96 2.38
CA ARG A 121 7.80 -8.16 1.59
C ARG A 121 7.04 -9.36 2.14
N LYS A 122 7.10 -9.53 3.46
CA LYS A 122 6.42 -10.65 4.11
C LYS A 122 4.90 -10.56 3.90
N TYR A 123 4.33 -9.40 4.21
CA TYR A 123 2.90 -9.19 4.06
C TYR A 123 2.47 -9.38 2.60
N PHE A 124 3.20 -8.76 1.69
CA PHE A 124 2.89 -8.86 0.27
C PHE A 124 3.02 -10.32 -0.19
N GLN A 125 3.91 -11.06 0.46
CA GLN A 125 4.12 -12.46 0.13
C GLN A 125 2.87 -13.28 0.44
N ARG A 126 2.19 -12.90 1.51
CA ARG A 126 0.97 -13.60 1.92
C ARG A 126 -0.09 -13.52 0.83
N ILE A 127 -0.22 -12.35 0.22
CA ILE A 127 -1.20 -12.13 -0.84
C ILE A 127 -0.99 -13.14 -1.97
N THR A 128 0.27 -13.32 -2.38
CA THR A 128 0.59 -14.26 -3.45
C THR A 128 0.18 -15.68 -3.07
N LEU A 129 0.54 -16.09 -1.86
CA LEU A 129 0.20 -17.42 -1.38
C LEU A 129 -1.30 -17.55 -1.15
N TYR A 130 -1.92 -16.45 -0.72
CA TYR A 130 -3.35 -16.42 -0.45
C TYR A 130 -4.14 -16.58 -1.74
N LEU A 131 -3.83 -15.74 -2.73
CA LEU A 131 -4.52 -15.79 -4.02
C LEU A 131 -4.23 -17.10 -4.73
N THR A 132 -2.97 -17.52 -4.69
CA THR A 132 -2.56 -18.77 -5.35
C THR A 132 -3.38 -19.95 -4.83
N GLU A 133 -3.66 -19.93 -3.52
CA GLU A 133 -4.44 -21.00 -2.91
C GLU A 133 -5.88 -20.95 -3.40
N LYS A 134 -6.36 -19.75 -3.70
CA LYS A 134 -7.72 -19.56 -4.19
C LYS A 134 -7.77 -19.55 -5.72
N LYS A 135 -6.59 -19.62 -6.34
CA LYS A 135 -6.51 -19.60 -7.80
C LYS A 135 -7.07 -18.31 -8.37
N TYR A 136 -6.97 -17.23 -7.59
CA TYR A 136 -7.48 -15.93 -8.02
C TYR A 136 -8.94 -16.02 -8.42
N SER A 137 -9.80 -16.34 -7.44
CA SER A 137 -11.23 -16.46 -7.70
C SER A 137 -11.83 -15.11 -8.08
N SER A 138 -11.98 -14.24 -7.10
CA SER A 138 -12.55 -12.91 -7.33
C SER A 138 -12.45 -12.05 -6.08
N CYS A 139 -12.86 -12.61 -4.95
CA CYS A 139 -12.83 -11.89 -3.68
C CYS A 139 -11.40 -11.79 -3.16
N ALA A 140 -10.59 -12.81 -3.43
CA ALA A 140 -9.20 -12.82 -3.00
C ALA A 140 -8.47 -11.58 -3.48
N TRP A 141 -8.75 -11.17 -4.71
CA TRP A 141 -8.12 -9.99 -5.29
C TRP A 141 -8.70 -8.71 -4.68
N GLU A 142 -9.99 -8.75 -4.36
CA GLU A 142 -10.67 -7.60 -3.78
C GLU A 142 -10.20 -7.33 -2.36
N VAL A 143 -10.20 -8.37 -1.53
CA VAL A 143 -9.78 -8.23 -0.13
C VAL A 143 -8.36 -7.66 -0.04
N VAL A 144 -7.47 -8.17 -0.89
CA VAL A 144 -6.08 -7.70 -0.90
C VAL A 144 -6.00 -6.27 -1.42
N ARG A 145 -6.87 -5.94 -2.37
CA ARG A 145 -6.89 -4.61 -2.95
C ARG A 145 -7.50 -3.60 -1.98
N ALA A 146 -8.56 -4.03 -1.29
CA ALA A 146 -9.25 -3.17 -0.33
C ALA A 146 -8.27 -2.64 0.72
N GLU A 147 -7.32 -3.47 1.12
CA GLU A 147 -6.33 -3.09 2.11
C GLU A 147 -5.46 -1.94 1.59
N ILE A 148 -5.14 -1.99 0.30
CA ILE A 148 -4.32 -0.96 -0.31
C ILE A 148 -4.87 0.43 -0.01
N MET A 149 -6.20 0.51 0.04
CA MET A 149 -6.86 1.78 0.34
C MET A 149 -6.45 2.29 1.72
N ARG A 150 -6.39 1.38 2.68
CA ARG A 150 -6.01 1.73 4.04
C ARG A 150 -4.58 2.27 4.08
N SER A 151 -3.67 1.58 3.39
CA SER A 151 -2.27 2.03 3.37
C SER A 151 -2.18 3.44 2.78
N PHE A 152 -2.89 3.66 1.69
CA PHE A 152 -2.89 4.97 1.03
C PHE A 152 -3.42 6.03 2.00
N SER A 153 -4.25 5.60 2.95
CA SER A 153 -4.83 6.51 3.93
C SER A 153 -3.82 6.86 5.03
N LEU A 154 -3.31 5.83 5.72
CA LEU A 154 -2.34 6.05 6.79
C LEU A 154 -1.02 6.55 6.23
N SER A 155 -0.62 6.02 5.08
CA SER A 155 0.63 6.40 4.43
C SER A 155 0.86 7.92 4.49
N ILE A 156 -0.22 8.69 4.53
CA ILE A 156 -0.12 10.15 4.58
C ILE A 156 -0.67 10.72 5.88
N ASN A 157 -1.48 9.94 6.59
CA ASN A 157 -2.07 10.39 7.84
C ASN A 157 -1.48 9.67 9.06
N LEU A 158 -0.41 8.91 8.83
CA LEU A 158 0.22 8.16 9.91
C LEU A 158 1.02 9.10 10.83
N GLN A 159 1.71 10.06 10.23
CA GLN A 159 2.51 11.02 10.98
C GLN A 159 1.63 11.83 11.93
N LYS A 160 0.48 12.27 11.43
CA LYS A 160 -0.45 13.07 12.24
C LYS A 160 -0.85 12.32 13.51
N ARG A 161 -0.87 10.99 13.43
CA ARG A 161 -1.24 10.17 14.57
C ARG A 161 -0.01 9.81 15.40
N LEU A 162 -0.07 10.10 16.70
CA LEU A 162 1.04 9.81 17.59
C LEU A 162 0.60 9.88 19.05
N LYS A 163 -0.19 10.90 19.38
CA LYS A 163 -0.68 11.08 20.74
C LYS A 163 -1.59 9.92 21.14
N SER A 164 -2.00 9.90 22.41
CA SER A 164 -2.87 8.84 22.91
C SER A 164 -4.16 9.41 23.47
N LYS A 165 -4.32 10.70 23.27
CA LYS A 165 -5.49 11.41 23.73
C LYS A 165 -5.65 11.31 25.25
N GLU A 166 -4.52 11.39 25.96
CA GLU A 166 -4.53 11.31 27.41
C GLU A 166 -5.29 12.49 28.03
N CYS A 1 10.09 16.12 -1.66
CA CYS A 1 9.25 15.95 -0.44
C CYS A 1 8.63 17.27 -0.01
N ASP A 2 7.40 17.22 0.50
CA ASP A 2 6.70 18.41 0.94
C ASP A 2 7.38 19.01 2.17
N LEU A 3 7.84 20.25 2.03
CA LEU A 3 8.52 20.94 3.12
C LEU A 3 7.51 21.62 4.04
N PRO A 4 6.58 22.41 3.50
CA PRO A 4 5.56 23.10 4.29
C PRO A 4 4.55 22.14 4.91
N GLN A 5 3.88 22.59 5.97
CA GLN A 5 2.90 21.76 6.64
C GLN A 5 1.48 22.26 6.35
N THR A 6 0.80 21.59 5.42
CA THR A 6 -0.55 21.96 5.05
C THR A 6 -1.56 21.48 6.09
N HIS A 7 -1.24 20.37 6.75
CA HIS A 7 -2.12 19.81 7.77
C HIS A 7 -3.46 19.40 7.17
N SER A 8 -3.43 18.37 6.32
CA SER A 8 -4.64 17.87 5.68
C SER A 8 -4.58 16.36 5.49
N LEU A 9 -5.06 15.62 6.49
CA LEU A 9 -5.05 14.17 6.43
C LEU A 9 -6.09 13.66 5.42
N GLY A 10 -6.22 12.35 5.32
CA GLY A 10 -7.17 11.76 4.40
C GLY A 10 -6.60 11.62 3.00
N ASN A 11 -6.51 10.38 2.52
CA ASN A 11 -5.98 10.10 1.20
C ASN A 11 -6.96 10.53 0.11
N ARG A 12 -6.47 10.66 -1.11
CA ARG A 12 -7.31 11.06 -2.23
C ARG A 12 -6.54 11.01 -3.55
N ARG A 13 -6.41 9.81 -4.10
CA ARG A 13 -5.70 9.62 -5.36
C ARG A 13 -5.94 8.23 -5.92
N ALA A 14 -5.64 7.22 -5.12
CA ALA A 14 -5.83 5.83 -5.54
C ALA A 14 -7.20 5.30 -5.11
N LEU A 15 -7.80 5.94 -4.11
CA LEU A 15 -9.11 5.55 -3.61
C LEU A 15 -10.13 5.48 -4.73
N ILE A 16 -9.94 6.33 -5.75
CA ILE A 16 -10.84 6.37 -6.88
C ILE A 16 -10.66 5.13 -7.76
N LEU A 17 -9.41 4.78 -8.01
CA LEU A 17 -9.10 3.62 -8.84
C LEU A 17 -9.71 2.35 -8.25
N LEU A 18 -9.64 2.22 -6.93
CA LEU A 18 -10.19 1.06 -6.24
C LEU A 18 -11.72 1.04 -6.35
N ALA A 19 -12.32 2.22 -6.43
CA ALA A 19 -13.77 2.33 -6.54
C ALA A 19 -14.30 1.56 -7.74
N GLN A 20 -13.49 1.49 -8.80
CA GLN A 20 -13.89 0.77 -10.00
C GLN A 20 -14.16 -0.70 -9.72
N MET A 21 -13.66 -1.19 -8.59
CA MET A 21 -13.86 -2.60 -8.22
C MET A 21 -15.06 -2.75 -7.28
N ARG A 22 -16.11 -1.99 -7.55
CA ARG A 22 -17.33 -2.04 -6.73
C ARG A 22 -18.41 -2.90 -7.40
N ARG A 23 -18.22 -3.20 -8.68
CA ARG A 23 -19.20 -4.00 -9.42
C ARG A 23 -19.24 -5.44 -8.93
N ILE A 24 -18.26 -5.83 -8.12
CA ILE A 24 -18.20 -7.19 -7.59
C ILE A 24 -19.31 -7.40 -6.57
N SER A 25 -19.57 -8.66 -6.23
CA SER A 25 -20.61 -8.99 -5.26
C SER A 25 -20.01 -9.17 -3.87
N PRO A 26 -20.37 -8.31 -2.90
CA PRO A 26 -19.87 -8.40 -1.53
C PRO A 26 -20.15 -9.75 -0.89
N PHE A 27 -21.08 -10.50 -1.49
CA PHE A 27 -21.45 -11.81 -0.97
C PHE A 27 -20.49 -12.89 -1.45
N SER A 28 -19.61 -12.55 -2.39
CA SER A 28 -18.64 -13.51 -2.92
C SER A 28 -17.62 -13.90 -1.85
N CYS A 29 -17.35 -12.99 -0.93
CA CYS A 29 -16.40 -13.23 0.14
C CYS A 29 -16.70 -12.36 1.36
N LEU A 30 -16.53 -12.92 2.55
CA LEU A 30 -16.78 -12.20 3.78
C LEU A 30 -15.67 -12.43 4.80
N LYS A 31 -15.50 -13.70 5.20
CA LYS A 31 -14.46 -14.06 6.16
C LYS A 31 -13.07 -14.04 5.52
N ASP A 32 -13.02 -13.85 4.21
CA ASP A 32 -11.76 -13.82 3.48
C ASP A 32 -11.15 -12.42 3.47
N ARG A 33 -11.64 -11.55 4.34
CA ARG A 33 -11.13 -10.18 4.42
C ARG A 33 -10.00 -10.06 5.43
N HIS A 34 -8.78 -10.33 4.98
CA HIS A 34 -7.61 -10.25 5.84
C HIS A 34 -6.59 -9.26 5.30
N ASP A 35 -5.48 -9.09 6.02
CA ASP A 35 -4.44 -8.14 5.61
C ASP A 35 -3.11 -8.85 5.36
N PHE A 36 -2.90 -9.28 4.12
CA PHE A 36 -1.66 -9.96 3.75
C PHE A 36 -0.79 -9.10 2.84
N GLU A 37 -1.24 -7.89 2.53
CA GLU A 37 -0.48 -7.02 1.63
C GLU A 37 0.20 -5.90 2.38
N PHE A 38 -0.57 -5.16 3.14
CA PHE A 38 -0.05 -4.04 3.89
C PHE A 38 0.40 -4.47 5.29
N PRO A 39 1.70 -4.39 5.61
CA PRO A 39 2.18 -4.77 6.93
C PRO A 39 1.78 -3.73 7.96
N GLN A 40 0.77 -4.05 8.75
CA GLN A 40 0.31 -3.13 9.78
C GLN A 40 1.38 -2.96 10.85
N GLU A 41 2.21 -3.99 11.02
CA GLU A 41 3.29 -3.94 11.99
C GLU A 41 4.20 -2.76 11.69
N GLU A 42 4.48 -2.56 10.41
CA GLU A 42 5.32 -1.45 9.98
C GLU A 42 4.47 -0.19 9.80
N PHE A 43 3.17 -0.38 9.60
CA PHE A 43 2.24 0.73 9.41
C PHE A 43 1.60 1.16 10.73
N ASP A 44 2.21 0.76 11.85
CA ASP A 44 1.68 1.11 13.16
C ASP A 44 2.44 2.30 13.74
N ASP A 45 1.71 3.17 14.44
CA ASP A 45 2.31 4.36 15.05
C ASP A 45 2.94 4.04 16.39
N LYS A 46 2.94 2.76 16.77
CA LYS A 46 3.52 2.34 18.04
C LYS A 46 4.99 2.71 18.12
N GLN A 47 5.61 2.92 16.96
CA GLN A 47 7.02 3.29 16.90
C GLN A 47 7.37 3.61 15.45
N PHE A 48 6.65 4.59 14.91
CA PHE A 48 6.84 4.98 13.53
C PHE A 48 6.54 6.47 13.33
N GLN A 49 7.19 7.08 12.35
CA GLN A 49 6.99 8.50 12.06
C GLN A 49 6.69 8.74 10.59
N LYS A 50 6.57 10.00 10.20
CA LYS A 50 6.28 10.37 8.82
C LYS A 50 7.37 9.88 7.87
N ALA A 51 8.58 10.43 8.04
CA ALA A 51 9.70 10.05 7.19
C ALA A 51 9.91 8.54 7.18
N GLN A 52 9.77 7.92 8.34
CA GLN A 52 9.93 6.47 8.46
C GLN A 52 8.95 5.74 7.54
N ALA A 53 7.72 6.25 7.47
CA ALA A 53 6.71 5.66 6.60
C ALA A 53 7.16 5.66 5.15
N ILE A 54 7.93 6.68 4.78
CA ILE A 54 8.43 6.81 3.42
C ILE A 54 9.22 5.57 3.01
N SER A 55 9.89 4.97 3.97
CA SER A 55 10.70 3.77 3.72
C SER A 55 9.81 2.59 3.33
N VAL A 56 8.83 2.28 4.18
CA VAL A 56 7.91 1.18 3.91
C VAL A 56 6.98 1.49 2.75
N LEU A 57 6.48 2.72 2.73
CA LEU A 57 5.57 3.16 1.68
C LEU A 57 6.17 2.96 0.28
N HIS A 58 7.44 3.34 0.13
CA HIS A 58 8.12 3.20 -1.15
C HIS A 58 8.09 1.76 -1.64
N GLU A 59 8.48 0.84 -0.77
CA GLU A 59 8.49 -0.58 -1.12
C GLU A 59 7.07 -1.11 -1.29
N MET A 60 6.14 -0.57 -0.52
CA MET A 60 4.74 -0.98 -0.58
C MET A 60 4.16 -0.76 -1.97
N ILE A 61 4.37 0.43 -2.51
CA ILE A 61 3.86 0.77 -3.84
C ILE A 61 4.63 0.02 -4.93
N GLN A 62 5.95 0.01 -4.81
CA GLN A 62 6.80 -0.67 -5.78
C GLN A 62 6.41 -2.14 -5.92
N GLN A 63 6.01 -2.74 -4.81
CA GLN A 63 5.61 -4.15 -4.81
C GLN A 63 4.33 -4.35 -5.61
N THR A 64 3.35 -3.49 -5.38
CA THR A 64 2.07 -3.58 -6.09
C THR A 64 2.27 -3.39 -7.59
N PHE A 65 3.21 -2.53 -7.96
CA PHE A 65 3.49 -2.26 -9.36
C PHE A 65 3.98 -3.51 -10.06
N ASN A 66 4.89 -4.24 -9.41
CA ASN A 66 5.45 -5.47 -9.98
C ASN A 66 4.40 -6.55 -10.12
N LEU A 67 3.46 -6.61 -9.17
CA LEU A 67 2.41 -7.62 -9.19
C LEU A 67 1.58 -7.54 -10.47
N PHE A 68 1.04 -6.36 -10.75
CA PHE A 68 0.22 -6.16 -11.94
C PHE A 68 1.09 -6.02 -13.19
N SER A 69 2.30 -5.49 -13.01
CA SER A 69 3.22 -5.29 -14.12
C SER A 69 3.71 -6.63 -14.68
N THR A 70 3.64 -7.68 -13.87
CA THR A 70 4.08 -9.00 -14.31
C THR A 70 3.10 -9.64 -15.28
N LYS A 71 1.94 -9.00 -15.46
CA LYS A 71 0.89 -9.50 -16.36
C LYS A 71 0.06 -10.60 -15.70
N ASP A 72 0.48 -11.07 -14.52
CA ASP A 72 -0.24 -12.11 -13.81
C ASP A 72 -1.63 -11.63 -13.39
N SER A 73 -1.66 -10.66 -12.47
CA SER A 73 -2.93 -10.11 -12.00
C SER A 73 -3.61 -9.26 -13.06
N SER A 74 -2.80 -8.64 -13.92
CA SER A 74 -3.32 -7.80 -14.99
C SER A 74 -4.33 -8.56 -15.85
N ALA A 75 -4.20 -9.89 -15.88
CA ALA A 75 -5.11 -10.72 -16.66
C ALA A 75 -6.48 -10.82 -16.01
N ALA A 76 -6.53 -10.62 -14.69
CA ALA A 76 -7.78 -10.68 -13.96
C ALA A 76 -8.60 -9.40 -14.16
N LEU A 77 -7.92 -8.26 -14.08
CA LEU A 77 -8.58 -6.98 -14.25
C LEU A 77 -8.49 -6.50 -15.69
N ASP A 78 -9.00 -5.31 -15.96
CA ASP A 78 -8.98 -4.75 -17.31
C ASP A 78 -7.73 -3.89 -17.51
N GLU A 79 -6.98 -4.17 -18.57
CA GLU A 79 -5.78 -3.42 -18.88
C GLU A 79 -6.07 -1.93 -18.99
N THR A 80 -7.22 -1.60 -19.56
CA THR A 80 -7.61 -0.20 -19.72
C THR A 80 -7.77 0.47 -18.36
N LEU A 81 -8.53 -0.17 -17.48
CA LEU A 81 -8.75 0.36 -16.13
C LEU A 81 -7.47 0.27 -15.30
N LEU A 82 -6.78 -0.86 -15.43
CA LEU A 82 -5.54 -1.09 -14.69
C LEU A 82 -4.42 -0.18 -15.16
N ASP A 83 -4.39 0.13 -16.46
CA ASP A 83 -3.32 0.98 -16.99
C ASP A 83 -3.22 2.25 -16.15
N GLU A 84 -4.34 2.67 -15.57
CA GLU A 84 -4.35 3.84 -14.71
C GLU A 84 -3.61 3.51 -13.41
N PHE A 85 -3.66 2.23 -13.03
CA PHE A 85 -3.00 1.74 -11.82
C PHE A 85 -1.50 2.04 -11.88
N TYR A 86 -0.87 1.61 -12.96
CA TYR A 86 0.57 1.81 -13.14
C TYR A 86 0.95 3.28 -12.97
N ILE A 87 0.06 4.17 -13.41
CA ILE A 87 0.29 5.60 -13.30
C ILE A 87 0.14 6.06 -11.85
N GLU A 88 -0.78 5.44 -11.13
CA GLU A 88 -1.03 5.79 -9.74
C GLU A 88 0.17 5.46 -8.87
N LEU A 89 0.80 4.31 -9.13
CA LEU A 89 1.96 3.88 -8.37
C LEU A 89 3.20 4.69 -8.75
N ASP A 90 3.46 4.79 -10.06
CA ASP A 90 4.61 5.53 -10.55
C ASP A 90 4.61 6.96 -10.01
N GLN A 91 3.45 7.60 -10.04
CA GLN A 91 3.31 8.96 -9.55
C GLN A 91 3.68 9.05 -8.07
N GLN A 92 3.18 8.11 -7.28
CA GLN A 92 3.46 8.06 -5.85
C GLN A 92 4.90 7.65 -5.59
N LEU A 93 5.41 6.74 -6.42
CA LEU A 93 6.77 6.26 -6.27
C LEU A 93 7.78 7.40 -6.41
N ASN A 94 7.50 8.30 -7.34
CA ASN A 94 8.37 9.46 -7.58
C ASN A 94 8.48 10.32 -6.33
N ASP A 95 7.41 10.35 -5.54
CA ASP A 95 7.38 11.14 -4.31
C ASP A 95 8.13 10.42 -3.19
N LEU A 96 7.81 9.14 -3.00
CA LEU A 96 8.45 8.35 -1.95
C LEU A 96 9.96 8.27 -2.18
N GLU A 97 10.36 8.01 -3.42
CA GLU A 97 11.77 7.91 -3.77
C GLU A 97 12.44 9.27 -3.70
N SER A 98 11.70 10.31 -4.06
CA SER A 98 12.23 11.67 -4.04
C SER A 98 12.58 12.09 -2.62
N CYS A 99 11.83 11.58 -1.66
CA CYS A 99 12.06 11.90 -0.25
C CYS A 99 13.30 11.19 0.27
N VAL A 100 13.54 9.98 -0.23
CA VAL A 100 14.70 9.20 0.19
C VAL A 100 16.00 9.86 -0.25
N MET A 101 16.03 10.30 -1.50
CA MET A 101 17.21 10.95 -2.05
C MET A 101 17.43 12.32 -1.42
N GLN A 102 16.34 12.93 -0.96
CA GLN A 102 16.42 14.25 -0.32
C GLN A 102 17.36 14.24 0.86
N GLU A 103 17.60 13.06 1.43
CA GLU A 103 18.49 12.91 2.58
C GLU A 103 17.89 13.56 3.81
N VAL A 104 16.58 13.38 3.99
CA VAL A 104 15.88 13.95 5.14
C VAL A 104 16.47 13.45 6.45
N GLY A 105 17.04 12.24 6.42
CA GLY A 105 17.63 11.67 7.62
C GLY A 105 16.82 10.52 8.18
N VAL A 106 15.89 10.00 7.38
CA VAL A 106 15.06 8.89 7.80
C VAL A 106 15.77 7.56 7.60
N ILE A 107 16.64 7.51 6.60
CA ILE A 107 17.39 6.30 6.29
C ILE A 107 18.67 6.24 7.12
N GLU A 108 18.54 6.38 8.43
CA GLU A 108 19.69 6.36 9.33
C GLU A 108 19.83 4.98 10.00
N SER A 109 18.69 4.34 10.26
CA SER A 109 18.70 3.03 10.90
C SER A 109 18.58 1.92 9.85
N PRO A 110 19.64 1.11 9.68
CA PRO A 110 19.65 0.00 8.70
C PRO A 110 18.70 -1.12 9.11
N LEU A 111 18.74 -1.49 10.39
CA LEU A 111 17.90 -2.56 10.91
C LEU A 111 16.42 -2.22 10.72
N MET A 112 16.04 -0.99 11.08
CA MET A 112 14.66 -0.55 10.95
C MET A 112 14.19 -0.64 9.50
N TYR A 113 15.13 -0.52 8.57
CA TYR A 113 14.80 -0.59 7.16
C TYR A 113 14.61 -2.03 6.71
N GLU A 114 15.55 -2.90 7.07
CA GLU A 114 15.48 -4.30 6.70
C GLU A 114 14.25 -4.97 7.31
N ASP A 115 14.08 -4.82 8.62
CA ASP A 115 12.94 -5.42 9.31
C ASP A 115 11.62 -4.90 8.77
N SER A 116 11.55 -3.60 8.51
CA SER A 116 10.33 -2.98 8.01
C SER A 116 10.13 -3.27 6.52
N ILE A 117 11.15 -3.03 5.72
CA ILE A 117 11.07 -3.26 4.28
C ILE A 117 10.79 -4.73 3.99
N LEU A 118 11.49 -5.63 4.69
CA LEU A 118 11.30 -7.05 4.50
C LEU A 118 9.86 -7.45 4.79
N ALA A 119 9.25 -6.75 5.74
CA ALA A 119 7.87 -7.02 6.12
C ALA A 119 6.91 -6.82 4.94
N VAL A 120 7.25 -5.87 4.07
CA VAL A 120 6.41 -5.58 2.91
C VAL A 120 6.49 -6.69 1.87
N ARG A 121 7.71 -7.11 1.55
CA ARG A 121 7.91 -8.17 0.56
C ARG A 121 7.47 -9.53 1.10
N LYS A 122 7.62 -9.73 2.41
CA LYS A 122 7.23 -10.99 3.04
C LYS A 122 5.71 -11.14 3.03
N TYR A 123 5.01 -10.04 3.25
CA TYR A 123 3.55 -10.05 3.26
C TYR A 123 3.00 -10.21 1.85
N PHE A 124 3.58 -9.47 0.91
CA PHE A 124 3.15 -9.53 -0.48
C PHE A 124 3.11 -10.98 -0.97
N GLN A 125 4.08 -11.77 -0.52
CA GLN A 125 4.15 -13.17 -0.91
C GLN A 125 2.90 -13.93 -0.46
N ARG A 126 2.36 -13.51 0.68
CA ARG A 126 1.17 -14.14 1.23
C ARG A 126 0.00 -14.02 0.25
N ILE A 127 -0.16 -12.83 -0.35
CA ILE A 127 -1.22 -12.60 -1.31
C ILE A 127 -1.19 -13.63 -2.43
N THR A 128 0.01 -13.91 -2.93
CA THR A 128 0.18 -14.88 -4.01
C THR A 128 -0.32 -16.26 -3.57
N LEU A 129 0.10 -16.69 -2.39
CA LEU A 129 -0.31 -17.99 -1.86
C LEU A 129 -1.79 -17.99 -1.51
N TYR A 130 -2.28 -16.84 -1.04
CA TYR A 130 -3.68 -16.70 -0.67
C TYR A 130 -4.57 -16.82 -1.89
N LEU A 131 -4.26 -16.07 -2.94
CA LEU A 131 -5.04 -16.09 -4.17
C LEU A 131 -4.95 -17.45 -4.85
N THR A 132 -3.80 -18.11 -4.71
CA THR A 132 -3.59 -19.42 -5.31
C THR A 132 -4.67 -20.41 -4.86
N GLU A 133 -5.11 -20.27 -3.61
CA GLU A 133 -6.13 -21.15 -3.07
C GLU A 133 -7.46 -20.97 -3.81
N LYS A 134 -7.71 -19.76 -4.28
CA LYS A 134 -8.94 -19.45 -5.01
C LYS A 134 -8.68 -19.40 -6.51
N LYS A 135 -7.43 -19.52 -6.92
CA LYS A 135 -7.06 -19.48 -8.33
C LYS A 135 -7.50 -18.17 -8.98
N TYR A 136 -7.53 -17.11 -8.17
CA TYR A 136 -7.93 -15.79 -8.67
C TYR A 136 -9.34 -15.84 -9.23
N SER A 137 -10.30 -16.21 -8.39
CA SER A 137 -11.69 -16.29 -8.79
C SER A 137 -12.23 -14.91 -9.15
N SER A 138 -12.40 -14.06 -8.14
CA SER A 138 -12.91 -12.72 -8.35
C SER A 138 -12.90 -11.93 -7.05
N CYS A 139 -13.28 -12.57 -5.96
CA CYS A 139 -13.32 -11.92 -4.65
C CYS A 139 -11.94 -11.92 -3.99
N ALA A 140 -11.14 -12.95 -4.29
CA ALA A 140 -9.80 -13.06 -3.73
C ALA A 140 -9.00 -11.80 -4.02
N TRP A 141 -9.15 -11.29 -5.23
CA TRP A 141 -8.44 -10.08 -5.63
C TRP A 141 -9.04 -8.86 -4.97
N GLU A 142 -10.36 -8.88 -4.76
CA GLU A 142 -11.06 -7.77 -4.13
C GLU A 142 -10.55 -7.51 -2.72
N VAL A 143 -10.48 -8.57 -1.92
CA VAL A 143 -10.01 -8.44 -0.54
C VAL A 143 -8.59 -7.90 -0.49
N VAL A 144 -7.73 -8.40 -1.37
CA VAL A 144 -6.34 -7.97 -1.42
C VAL A 144 -6.21 -6.58 -2.04
N ARG A 145 -6.86 -6.38 -3.19
CA ARG A 145 -6.79 -5.09 -3.87
C ARG A 145 -7.44 -4.00 -3.02
N ALA A 146 -8.55 -4.35 -2.38
CA ALA A 146 -9.26 -3.40 -1.52
C ALA A 146 -8.46 -3.11 -0.25
N GLU A 147 -7.68 -4.10 0.18
CA GLU A 147 -6.87 -3.96 1.39
C GLU A 147 -5.78 -2.91 1.18
N ILE A 148 -5.24 -2.85 -0.02
CA ILE A 148 -4.19 -1.89 -0.35
C ILE A 148 -4.55 -0.49 0.15
N MET A 149 -5.85 -0.22 0.18
CA MET A 149 -6.35 1.08 0.65
C MET A 149 -5.85 1.36 2.07
N ARG A 150 -5.76 0.32 2.89
CA ARG A 150 -5.32 0.46 4.27
C ARG A 150 -3.89 1.02 4.32
N SER A 151 -2.99 0.41 3.56
CA SER A 151 -1.60 0.86 3.52
C SER A 151 -1.53 2.32 3.11
N PHE A 152 -2.43 2.70 2.21
CA PHE A 152 -2.49 4.07 1.72
C PHE A 152 -3.10 5.00 2.77
N SER A 153 -3.87 4.42 3.69
CA SER A 153 -4.54 5.21 4.73
C SER A 153 -3.66 5.42 5.96
N LEU A 154 -3.36 4.35 6.68
CA LEU A 154 -2.54 4.45 7.89
C LEU A 154 -1.21 5.11 7.62
N SER A 155 -0.68 4.91 6.42
CA SER A 155 0.60 5.49 6.04
C SER A 155 0.60 7.00 6.22
N ILE A 156 -0.47 7.65 5.77
CA ILE A 156 -0.61 9.09 5.88
C ILE A 156 -1.49 9.47 7.07
N ASN A 157 -1.50 8.62 8.09
CA ASN A 157 -2.30 8.86 9.27
C ASN A 157 -1.48 8.58 10.54
N LEU A 158 -0.79 7.45 10.55
CA LEU A 158 0.04 7.07 11.69
C LEU A 158 1.10 8.13 11.98
N GLN A 159 1.62 8.73 10.92
CA GLN A 159 2.64 9.77 11.05
C GLN A 159 2.11 10.95 11.86
N LYS A 160 0.84 11.27 11.67
CA LYS A 160 0.20 12.38 12.38
C LYS A 160 0.32 12.19 13.90
N ARG A 161 0.48 10.95 14.33
CA ARG A 161 0.59 10.63 15.75
C ARG A 161 -0.68 11.02 16.50
N LEU A 162 -1.03 10.23 17.50
CA LEU A 162 -2.23 10.49 18.29
C LEU A 162 -1.99 11.61 19.30
N LYS A 163 -3.02 11.93 20.07
CA LYS A 163 -2.92 12.98 21.09
C LYS A 163 -3.69 12.59 22.34
N SER A 164 -3.79 13.53 23.29
CA SER A 164 -4.50 13.28 24.54
C SER A 164 -5.88 13.91 24.53
N LYS A 165 -6.19 14.51 23.41
CA LYS A 165 -7.47 15.18 23.18
C LYS A 165 -7.76 16.19 24.29
N GLU A 166 -6.75 17.00 24.59
CA GLU A 166 -6.88 18.02 25.62
C GLU A 166 -5.98 19.22 25.32
N CYS A 1 8.27 15.35 3.40
CA CYS A 1 7.76 15.13 2.03
C CYS A 1 6.33 15.65 1.88
N ASP A 2 5.59 15.63 2.99
CA ASP A 2 4.21 16.09 2.98
C ASP A 2 4.13 17.59 2.70
N LEU A 3 3.13 18.00 1.94
CA LEU A 3 2.94 19.40 1.59
C LEU A 3 1.78 20.00 2.38
N PRO A 4 2.05 20.55 3.57
CA PRO A 4 1.02 21.16 4.42
C PRO A 4 0.47 22.46 3.83
N GLN A 5 -0.82 22.68 3.98
CA GLN A 5 -1.47 23.89 3.46
C GLN A 5 -2.71 24.24 4.29
N THR A 6 -3.56 23.26 4.51
CA THR A 6 -4.78 23.47 5.28
C THR A 6 -5.49 22.15 5.55
N HIS A 7 -6.01 21.54 4.48
CA HIS A 7 -6.73 20.27 4.59
C HIS A 7 -6.06 19.19 3.75
N SER A 8 -5.16 18.44 4.37
CA SER A 8 -4.44 17.37 3.68
C SER A 8 -4.80 16.00 4.26
N LEU A 9 -6.03 15.88 4.74
CA LEU A 9 -6.50 14.63 5.32
C LEU A 9 -7.13 13.74 4.25
N GLY A 10 -7.97 14.33 3.41
CA GLY A 10 -8.62 13.58 2.35
C GLY A 10 -7.80 13.54 1.09
N ASN A 11 -7.35 12.35 0.71
CA ASN A 11 -6.55 12.18 -0.50
C ASN A 11 -7.44 12.08 -1.74
N ARG A 12 -6.81 12.10 -2.91
CA ARG A 12 -7.54 12.01 -4.17
C ARG A 12 -6.82 11.08 -5.15
N ARG A 13 -5.51 11.27 -5.26
CA ARG A 13 -4.71 10.44 -6.16
C ARG A 13 -4.76 8.97 -5.75
N ALA A 14 -5.24 8.14 -6.67
CA ALA A 14 -5.35 6.69 -6.42
C ALA A 14 -6.58 6.35 -5.57
N LEU A 15 -7.29 7.37 -5.11
CA LEU A 15 -8.49 7.15 -4.29
C LEU A 15 -9.64 6.63 -5.15
N ILE A 16 -9.67 7.06 -6.41
CA ILE A 16 -10.70 6.64 -7.34
C ILE A 16 -10.38 5.27 -7.92
N LEU A 17 -9.10 5.03 -8.12
CA LEU A 17 -8.62 3.77 -8.67
C LEU A 17 -9.07 2.59 -7.80
N LEU A 18 -8.92 2.73 -6.49
CA LEU A 18 -9.31 1.69 -5.55
C LEU A 18 -10.83 1.52 -5.56
N ALA A 19 -11.54 2.60 -5.82
CA ALA A 19 -12.99 2.60 -5.85
C ALA A 19 -13.53 1.57 -6.84
N GLN A 20 -12.77 1.32 -7.90
CA GLN A 20 -13.18 0.37 -8.94
C GLN A 20 -13.38 -1.04 -8.38
N MET A 21 -12.94 -1.28 -7.15
CA MET A 21 -13.09 -2.59 -6.52
C MET A 21 -14.39 -2.68 -5.73
N ARG A 22 -15.38 -1.91 -6.14
CA ARG A 22 -16.68 -1.89 -5.46
C ARG A 22 -17.73 -2.69 -6.24
N ARG A 23 -17.43 -3.02 -7.49
CA ARG A 23 -18.37 -3.76 -8.33
C ARG A 23 -18.55 -5.20 -7.84
N ILE A 24 -17.71 -5.63 -6.90
CA ILE A 24 -17.79 -6.98 -6.36
C ILE A 24 -18.56 -6.98 -5.03
N SER A 25 -18.94 -8.16 -4.57
CA SER A 25 -19.68 -8.30 -3.33
C SER A 25 -18.77 -8.82 -2.21
N PRO A 26 -18.69 -8.10 -1.08
CA PRO A 26 -17.86 -8.51 0.05
C PRO A 26 -18.30 -9.85 0.64
N PHE A 27 -19.52 -10.26 0.30
CA PHE A 27 -20.07 -11.52 0.80
C PHE A 27 -19.47 -12.71 0.06
N SER A 28 -18.74 -12.44 -1.02
CA SER A 28 -18.12 -13.50 -1.80
C SER A 28 -16.99 -14.19 -1.03
N CYS A 29 -16.50 -13.52 0.02
CA CYS A 29 -15.43 -14.07 0.83
C CYS A 29 -15.61 -13.68 2.29
N LEU A 30 -15.30 -14.61 3.20
CA LEU A 30 -15.44 -14.36 4.62
C LEU A 30 -14.21 -14.85 5.39
N LYS A 31 -14.13 -16.17 5.59
CA LYS A 31 -13.01 -16.76 6.30
C LYS A 31 -11.68 -16.41 5.65
N ASP A 32 -11.72 -16.09 4.36
CA ASP A 32 -10.52 -15.73 3.62
C ASP A 32 -10.37 -14.21 3.53
N ARG A 33 -10.92 -13.51 4.52
CA ARG A 33 -10.85 -12.05 4.54
C ARG A 33 -9.79 -11.58 5.54
N HIS A 34 -8.57 -11.39 5.05
CA HIS A 34 -7.47 -10.93 5.90
C HIS A 34 -6.72 -9.78 5.25
N ASP A 35 -5.64 -9.36 5.89
CA ASP A 35 -4.83 -8.25 5.38
C ASP A 35 -3.38 -8.69 5.14
N PHE A 36 -3.10 -9.15 3.92
CA PHE A 36 -1.75 -9.59 3.58
C PHE A 36 -1.07 -8.63 2.60
N GLU A 37 -1.78 -7.57 2.21
CA GLU A 37 -1.22 -6.60 1.29
C GLU A 37 -0.24 -5.65 1.98
N PHE A 38 -0.77 -4.82 2.88
CA PHE A 38 0.07 -3.88 3.61
C PHE A 38 0.19 -4.29 5.08
N PRO A 39 1.41 -4.52 5.58
CA PRO A 39 1.56 -4.92 6.97
C PRO A 39 1.25 -3.75 7.89
N GLN A 40 0.07 -3.77 8.48
CA GLN A 40 -0.34 -2.71 9.38
C GLN A 40 0.55 -2.67 10.62
N GLU A 41 1.17 -3.81 10.95
CA GLU A 41 2.04 -3.90 12.10
C GLU A 41 3.12 -2.82 12.04
N GLU A 42 3.65 -2.61 10.85
CA GLU A 42 4.69 -1.60 10.63
C GLU A 42 4.06 -0.23 10.37
N PHE A 43 2.80 -0.24 9.93
CA PHE A 43 2.08 1.01 9.63
C PHE A 43 1.43 1.60 10.87
N ASP A 44 1.12 0.74 11.84
CA ASP A 44 0.48 1.20 13.08
C ASP A 44 1.32 2.24 13.78
N ASP A 45 0.68 3.02 14.67
CA ASP A 45 1.37 4.07 15.41
C ASP A 45 2.10 3.50 16.63
N LYS A 46 2.06 2.17 16.80
CA LYS A 46 2.72 1.53 17.93
C LYS A 46 4.21 1.87 17.95
N GLN A 47 4.75 2.23 16.79
CA GLN A 47 6.16 2.57 16.66
C GLN A 47 6.43 2.95 15.22
N PHE A 48 5.81 4.04 14.78
CA PHE A 48 5.94 4.47 13.41
C PHE A 48 5.65 5.97 13.27
N GLN A 49 6.36 6.63 12.37
CA GLN A 49 6.16 8.06 12.15
C GLN A 49 6.16 8.39 10.65
N LYS A 50 6.13 9.68 10.33
CA LYS A 50 6.12 10.12 8.95
C LYS A 50 7.35 9.62 8.19
N ALA A 51 8.53 9.87 8.73
CA ALA A 51 9.77 9.43 8.09
C ALA A 51 9.79 7.93 7.88
N GLN A 52 9.43 7.18 8.93
CA GLN A 52 9.40 5.73 8.86
C GLN A 52 8.45 5.29 7.75
N ALA A 53 7.32 5.96 7.65
CA ALA A 53 6.33 5.64 6.62
C ALA A 53 6.95 5.71 5.24
N ILE A 54 7.82 6.69 5.04
CA ILE A 54 8.49 6.85 3.76
C ILE A 54 9.22 5.58 3.36
N SER A 55 9.80 4.91 4.36
CA SER A 55 10.53 3.66 4.13
C SER A 55 9.60 2.53 3.70
N VAL A 56 8.57 2.28 4.50
CA VAL A 56 7.62 1.21 4.21
C VAL A 56 6.76 1.55 2.98
N LEU A 57 6.24 2.77 2.95
CA LEU A 57 5.39 3.21 1.85
C LEU A 57 6.07 2.97 0.50
N HIS A 58 7.35 3.29 0.41
CA HIS A 58 8.10 3.10 -0.83
C HIS A 58 8.02 1.66 -1.31
N GLU A 59 8.28 0.73 -0.40
CA GLU A 59 8.24 -0.69 -0.73
C GLU A 59 6.81 -1.14 -1.02
N MET A 60 5.87 -0.62 -0.25
CA MET A 60 4.46 -0.97 -0.40
C MET A 60 3.97 -0.65 -1.82
N ILE A 61 4.27 0.55 -2.29
CA ILE A 61 3.87 0.98 -3.62
C ILE A 61 4.68 0.26 -4.69
N GLN A 62 5.99 0.18 -4.48
CA GLN A 62 6.87 -0.48 -5.44
C GLN A 62 6.45 -1.94 -5.66
N GLN A 63 5.97 -2.59 -4.61
CA GLN A 63 5.53 -3.97 -4.71
C GLN A 63 4.24 -4.08 -5.52
N THR A 64 3.30 -3.19 -5.24
CA THR A 64 2.02 -3.19 -5.95
C THR A 64 2.23 -3.00 -7.45
N PHE A 65 3.26 -2.23 -7.80
CA PHE A 65 3.58 -1.97 -9.20
C PHE A 65 3.91 -3.26 -9.94
N ASN A 66 4.87 -4.01 -9.39
CA ASN A 66 5.29 -5.27 -10.00
C ASN A 66 4.15 -6.27 -10.03
N LEU A 67 3.22 -6.16 -9.08
CA LEU A 67 2.09 -7.07 -9.01
C LEU A 67 1.24 -6.99 -10.28
N PHE A 68 0.74 -5.81 -10.59
CA PHE A 68 -0.08 -5.61 -11.78
C PHE A 68 0.78 -5.53 -13.04
N SER A 69 1.95 -4.91 -12.90
CA SER A 69 2.87 -4.74 -14.02
C SER A 69 3.38 -6.07 -14.57
N THR A 70 3.13 -7.17 -13.86
CA THR A 70 3.60 -8.48 -14.32
C THR A 70 2.65 -9.05 -15.36
N LYS A 71 1.48 -9.49 -14.90
CA LYS A 71 0.48 -10.08 -15.80
C LYS A 71 -0.67 -10.69 -15.00
N ASP A 72 -0.33 -11.48 -13.98
CA ASP A 72 -1.33 -12.13 -13.15
C ASP A 72 -2.40 -11.13 -12.70
N SER A 73 -1.98 -10.17 -11.88
CA SER A 73 -2.89 -9.15 -11.38
C SER A 73 -3.33 -8.21 -12.50
N SER A 74 -2.52 -8.12 -13.55
CA SER A 74 -2.84 -7.26 -14.68
C SER A 74 -4.18 -7.64 -15.29
N ALA A 75 -4.43 -8.94 -15.38
CA ALA A 75 -5.68 -9.44 -15.95
C ALA A 75 -6.85 -9.26 -14.97
N ALA A 76 -6.54 -8.83 -13.75
CA ALA A 76 -7.57 -8.62 -12.74
C ALA A 76 -8.32 -7.32 -12.99
N LEU A 77 -7.61 -6.31 -13.49
CA LEU A 77 -8.21 -5.01 -13.78
C LEU A 77 -8.11 -4.68 -15.26
N ASP A 78 -9.11 -3.99 -15.79
CA ASP A 78 -9.13 -3.61 -17.20
C ASP A 78 -7.83 -2.92 -17.59
N GLU A 79 -7.42 -3.07 -18.84
CA GLU A 79 -6.19 -2.47 -19.33
C GLU A 79 -6.18 -0.97 -19.05
N THR A 80 -7.33 -0.32 -19.22
CA THR A 80 -7.44 1.11 -18.97
C THR A 80 -7.16 1.44 -17.51
N LEU A 81 -7.83 0.73 -16.62
CA LEU A 81 -7.64 0.94 -15.18
C LEU A 81 -6.28 0.45 -14.74
N LEU A 82 -5.84 -0.67 -15.31
CA LEU A 82 -4.55 -1.25 -14.98
C LEU A 82 -3.40 -0.36 -15.47
N ASP A 83 -3.57 0.21 -16.66
CA ASP A 83 -2.56 1.08 -17.23
C ASP A 83 -2.41 2.35 -16.39
N GLU A 84 -3.53 2.84 -15.86
CA GLU A 84 -3.51 4.02 -15.03
C GLU A 84 -2.84 3.73 -13.69
N PHE A 85 -2.94 2.48 -13.26
CA PHE A 85 -2.35 2.04 -12.01
C PHE A 85 -0.84 2.26 -12.03
N TYR A 86 -0.20 1.93 -13.15
CA TYR A 86 1.24 2.09 -13.29
C TYR A 86 1.66 3.54 -13.04
N ILE A 87 0.98 4.47 -13.72
CA ILE A 87 1.28 5.89 -13.58
C ILE A 87 1.01 6.37 -12.16
N GLU A 88 -0.04 5.82 -11.54
CA GLU A 88 -0.41 6.21 -10.18
C GLU A 88 0.73 5.91 -9.20
N LEU A 89 1.25 4.69 -9.24
CA LEU A 89 2.34 4.30 -8.36
C LEU A 89 3.62 5.05 -8.69
N ASP A 90 3.82 5.34 -9.97
CA ASP A 90 5.02 6.06 -10.41
C ASP A 90 5.09 7.44 -9.74
N GLN A 91 4.01 8.21 -9.88
CA GLN A 91 3.95 9.54 -9.29
C GLN A 91 4.12 9.46 -7.78
N GLN A 92 3.53 8.44 -7.18
CA GLN A 92 3.60 8.24 -5.73
C GLN A 92 5.01 7.80 -5.32
N LEU A 93 5.63 6.97 -6.14
CA LEU A 93 6.98 6.48 -5.85
C LEU A 93 7.96 7.63 -5.71
N ASN A 94 7.91 8.57 -6.64
CA ASN A 94 8.81 9.72 -6.61
C ASN A 94 8.61 10.53 -5.34
N ASP A 95 7.39 10.51 -4.81
CA ASP A 95 7.06 11.25 -3.60
C ASP A 95 7.87 10.74 -2.42
N LEU A 96 7.85 9.43 -2.20
CA LEU A 96 8.58 8.82 -1.10
C LEU A 96 10.08 8.74 -1.41
N GLU A 97 10.40 8.48 -2.68
CA GLU A 97 11.78 8.38 -3.11
C GLU A 97 12.56 9.65 -2.77
N SER A 98 11.89 10.79 -2.85
CA SER A 98 12.53 12.07 -2.55
C SER A 98 12.99 12.13 -1.10
N CYS A 99 12.30 11.40 -0.22
CA CYS A 99 12.64 11.38 1.19
C CYS A 99 13.74 10.35 1.48
N VAL A 100 13.78 9.30 0.67
CA VAL A 100 14.78 8.25 0.85
C VAL A 100 16.19 8.81 0.76
N MET A 101 16.46 9.56 -0.30
CA MET A 101 17.78 10.16 -0.49
C MET A 101 17.98 11.37 0.42
N GLN A 102 16.88 11.90 0.95
CA GLN A 102 16.94 13.05 1.84
C GLN A 102 17.83 12.77 3.05
N GLU A 103 18.00 11.49 3.37
CA GLU A 103 18.83 11.08 4.50
C GLU A 103 18.21 11.55 5.82
N VAL A 104 16.90 11.32 5.95
CA VAL A 104 16.19 11.71 7.16
C VAL A 104 16.68 10.92 8.38
N GLY A 105 17.16 9.71 8.13
CA GLY A 105 17.66 8.88 9.22
C GLY A 105 17.10 7.48 9.17
N VAL A 106 15.77 7.38 9.10
CA VAL A 106 15.11 6.07 9.05
C VAL A 106 15.57 5.26 7.84
N ILE A 107 16.06 5.96 6.82
CA ILE A 107 16.53 5.30 5.60
C ILE A 107 18.05 5.30 5.54
N GLU A 108 18.69 4.90 6.64
CA GLU A 108 20.14 4.85 6.71
C GLU A 108 20.62 3.56 7.37
N SER A 109 20.00 3.20 8.48
CA SER A 109 20.36 1.99 9.21
C SER A 109 19.99 0.74 8.40
N PRO A 110 20.98 -0.11 8.05
CA PRO A 110 20.73 -1.33 7.28
C PRO A 110 19.77 -2.28 7.99
N LEU A 111 19.99 -2.47 9.28
CA LEU A 111 19.16 -3.36 10.08
C LEU A 111 17.71 -2.88 10.08
N MET A 112 17.52 -1.57 10.02
CA MET A 112 16.18 -0.99 10.02
C MET A 112 15.46 -1.24 8.69
N TYR A 113 16.25 -1.51 7.64
CA TYR A 113 15.70 -1.76 6.32
C TYR A 113 14.97 -3.10 6.28
N GLU A 114 15.62 -4.13 6.81
CA GLU A 114 15.06 -5.47 6.82
C GLU A 114 13.66 -5.50 7.44
N ASP A 115 13.54 -4.94 8.64
CA ASP A 115 12.25 -4.92 9.35
C ASP A 115 11.18 -4.20 8.54
N SER A 116 11.53 -3.08 7.93
CA SER A 116 10.59 -2.29 7.15
C SER A 116 10.32 -2.93 5.78
N ILE A 117 11.39 -3.26 5.06
CA ILE A 117 11.28 -3.85 3.74
C ILE A 117 10.68 -5.25 3.78
N LEU A 118 11.23 -6.10 4.66
CA LEU A 118 10.76 -7.47 4.79
C LEU A 118 9.30 -7.54 5.22
N ALA A 119 8.88 -6.57 6.03
CA ALA A 119 7.50 -6.51 6.51
C ALA A 119 6.51 -6.56 5.35
N VAL A 120 6.80 -5.79 4.31
CA VAL A 120 5.93 -5.74 3.14
C VAL A 120 6.09 -6.99 2.28
N ARG A 121 7.33 -7.38 2.02
CA ARG A 121 7.62 -8.55 1.22
C ARG A 121 6.99 -9.81 1.81
N LYS A 122 7.14 -9.99 3.12
CA LYS A 122 6.59 -11.15 3.80
C LYS A 122 5.07 -11.21 3.64
N TYR A 123 4.40 -10.08 3.82
CA TYR A 123 2.95 -10.00 3.70
C TYR A 123 2.51 -10.20 2.25
N PHE A 124 3.16 -9.50 1.33
CA PHE A 124 2.83 -9.61 -0.09
C PHE A 124 2.96 -11.05 -0.56
N GLN A 125 3.87 -11.80 0.06
CA GLN A 125 4.09 -13.20 -0.30
C GLN A 125 2.86 -14.04 0.03
N ARG A 126 2.17 -13.67 1.10
CA ARG A 126 0.98 -14.39 1.53
C ARG A 126 -0.12 -14.29 0.46
N ILE A 127 -0.24 -13.12 -0.15
CA ILE A 127 -1.25 -12.90 -1.18
C ILE A 127 -1.05 -13.85 -2.36
N THR A 128 0.21 -14.05 -2.74
CA THR A 128 0.54 -14.93 -3.85
C THR A 128 0.07 -16.35 -3.56
N LEU A 129 0.37 -16.85 -2.36
CA LEU A 129 -0.02 -18.20 -1.97
C LEU A 129 -1.54 -18.29 -1.80
N TYR A 130 -2.13 -17.21 -1.31
CA TYR A 130 -3.57 -17.15 -1.09
C TYR A 130 -4.33 -17.13 -2.43
N LEU A 131 -3.99 -16.15 -3.27
CA LEU A 131 -4.64 -16.01 -4.56
C LEU A 131 -4.40 -17.23 -5.44
N THR A 132 -3.18 -17.78 -5.37
CA THR A 132 -2.83 -18.96 -6.16
C THR A 132 -3.79 -20.11 -5.87
N GLU A 133 -4.26 -20.18 -4.63
CA GLU A 133 -5.19 -21.23 -4.22
C GLU A 133 -6.52 -21.08 -4.95
N LYS A 134 -6.93 -19.83 -5.16
CA LYS A 134 -8.19 -19.54 -5.84
C LYS A 134 -7.95 -19.29 -7.33
N LYS A 135 -6.69 -19.35 -7.76
CA LYS A 135 -6.33 -19.13 -9.15
C LYS A 135 -6.70 -17.72 -9.59
N TYR A 136 -6.70 -16.79 -8.65
CA TYR A 136 -7.04 -15.39 -8.94
C TYR A 136 -8.40 -15.30 -9.63
N SER A 137 -9.46 -15.62 -8.89
CA SER A 137 -10.81 -15.59 -9.44
C SER A 137 -11.34 -14.15 -9.49
N SER A 138 -11.78 -13.65 -8.35
CA SER A 138 -12.31 -12.28 -8.25
C SER A 138 -12.61 -11.94 -6.80
N CYS A 139 -13.19 -12.90 -6.08
CA CYS A 139 -13.53 -12.72 -4.69
C CYS A 139 -12.26 -12.53 -3.86
N ALA A 140 -11.38 -13.54 -3.90
CA ALA A 140 -10.13 -13.49 -3.17
C ALA A 140 -9.34 -12.23 -3.51
N TRP A 141 -9.56 -11.72 -4.72
CA TRP A 141 -8.88 -10.51 -5.17
C TRP A 141 -9.39 -9.30 -4.41
N GLU A 142 -10.67 -9.33 -4.07
CA GLU A 142 -11.30 -8.22 -3.34
C GLU A 142 -10.67 -8.03 -1.97
N VAL A 143 -10.57 -9.12 -1.20
CA VAL A 143 -9.99 -9.05 0.15
C VAL A 143 -8.58 -8.47 0.12
N VAL A 144 -7.79 -8.89 -0.86
CA VAL A 144 -6.42 -8.41 -0.99
C VAL A 144 -6.39 -6.98 -1.50
N ARG A 145 -7.31 -6.65 -2.40
CA ARG A 145 -7.39 -5.31 -2.96
C ARG A 145 -7.95 -4.32 -1.93
N ALA A 146 -8.95 -4.77 -1.18
CA ALA A 146 -9.58 -3.93 -0.17
C ALA A 146 -8.55 -3.42 0.83
N GLU A 147 -7.50 -4.21 1.06
CA GLU A 147 -6.45 -3.83 2.00
C GLU A 147 -5.65 -2.66 1.45
N ILE A 148 -5.37 -2.69 0.15
CA ILE A 148 -4.60 -1.64 -0.50
C ILE A 148 -5.25 -0.28 -0.23
N MET A 149 -6.55 -0.29 -0.07
CA MET A 149 -7.32 0.94 0.18
C MET A 149 -6.81 1.67 1.42
N ARG A 150 -6.63 0.93 2.52
CA ARG A 150 -6.15 1.53 3.76
C ARG A 150 -4.69 1.95 3.63
N SER A 151 -3.88 1.13 2.96
CA SER A 151 -2.47 1.43 2.80
C SER A 151 -2.28 2.77 2.10
N PHE A 152 -3.17 3.09 1.18
CA PHE A 152 -3.10 4.36 0.45
C PHE A 152 -3.50 5.52 1.33
N SER A 153 -4.39 5.27 2.29
CA SER A 153 -4.87 6.31 3.20
C SER A 153 -4.24 6.18 4.60
N LEU A 154 -3.48 5.12 4.82
CA LEU A 154 -2.84 4.90 6.11
C LEU A 154 -1.70 5.89 6.33
N SER A 155 -0.81 5.95 5.34
CA SER A 155 0.33 6.86 5.41
C SER A 155 -0.13 8.31 5.53
N ILE A 156 -1.17 8.67 4.78
CA ILE A 156 -1.70 10.03 4.81
C ILE A 156 -2.74 10.19 5.91
N ASN A 157 -2.38 9.78 7.12
CA ASN A 157 -3.27 9.88 8.27
C ASN A 157 -2.58 9.35 9.52
N LEU A 158 -2.04 8.13 9.41
CA LEU A 158 -1.35 7.50 10.52
C LEU A 158 -0.13 8.32 10.95
N GLN A 159 0.64 8.78 9.97
CA GLN A 159 1.85 9.57 10.24
C GLN A 159 1.56 10.70 11.23
N LYS A 160 0.37 11.29 11.11
CA LYS A 160 -0.03 12.38 12.00
C LYS A 160 0.01 11.94 13.45
N ARG A 161 -0.24 10.65 13.68
CA ARG A 161 -0.23 10.11 15.03
C ARG A 161 -1.24 10.81 15.92
N LEU A 162 -2.39 11.17 15.33
CA LEU A 162 -3.46 11.86 16.05
C LEU A 162 -2.91 12.97 16.96
N LYS A 163 -3.75 13.49 17.85
CA LYS A 163 -3.34 14.55 18.77
C LYS A 163 -2.82 13.96 20.07
N SER A 164 -1.56 14.25 20.39
CA SER A 164 -0.94 13.75 21.62
C SER A 164 -0.41 14.89 22.46
N LYS A 165 -0.68 16.08 22.01
CA LYS A 165 -0.25 17.30 22.68
C LYS A 165 1.25 17.30 22.92
N GLU A 166 1.99 16.94 21.87
CA GLU A 166 3.45 16.89 21.95
C GLU A 166 4.05 18.27 21.67
#